data_6B5G
#
_entry.id   6B5G
#
_cell.length_a   84.600
_cell.length_b   140.520
_cell.length_c   164.610
_cell.angle_alpha   90.000
_cell.angle_beta   90.000
_cell.angle_gamma   90.000
#
_symmetry.space_group_name_H-M   'P 21 21 21'
#
loop_
_entity.id
_entity.type
_entity.pdbx_description
1 polymer 'Retinal dehydrogenase 2'
2 non-polymer NICOTINAMIDE-ADENINE-DINUCLEOTIDE
3 non-polymer (3-ethoxythiophen-2-yl){4-[4-nitro-3-(pyrrolidin-1-yl)phenyl]piperazin-1-yl}methanone
4 water water
#
_entity_poly.entity_id   1
_entity_poly.type   'polypeptide(L)'
_entity_poly.pdbx_seq_one_letter_code
;LPSPTPNLEIKYTKIFINNEWQNSESGRVFPVYNPATGEQVCEVQEADKADIDKAVQAARLAFSLGSVWRRMDASERGRL
LDKLADLVERDRAVLATMESLNGGKPFLQAFYVDLQGVIKTFRYYAGWADKIHGMTIPVDGDYFTFTRHEPIGVCGQIIP
WNFPLLMFAWKIAPALCCGNTVVIKPAEQTPLSALYMGALIKEAGFPPGVINILPGYGPTAGAAIASHIGIDKIAFTGST
EVGKLIQEAAGRSNLKRVTLELGGKSPNIIFADADLDYAVEQAHQGVFFNQGQCCTAGSRIFVEESIYEEFVRRSVERAK
RRVVGSPFDPTTEQGPQIDKKQYNKILELIQSGVAEGAKLECGGKGLGRKGFFIEPTVFSNVTDDMRIAKEEIFGPVQEI
LRFKTMDEVIERANNSDFGLVAAVFTNDINKALTVSSAMQAGTVWINCYNALNAQSPFGGFKMSGNGREMGEFGLREYSE
VKTVTVKIPQKNS
;
_entity_poly.pdbx_strand_id   A,B,C,D
#
# COMPACT_ATOMS: atom_id res chain seq x y z
N PRO A 2 -10.87 40.62 -1.32
CA PRO A 2 -11.02 40.84 0.12
C PRO A 2 -10.15 41.97 0.61
N SER A 3 -10.46 42.43 1.82
CA SER A 3 -9.67 43.45 2.49
C SER A 3 -9.68 43.14 3.98
N PRO A 4 -8.71 43.66 4.73
CA PRO A 4 -8.63 43.33 6.16
C PRO A 4 -9.91 43.71 6.90
N THR A 5 -10.29 42.86 7.84
CA THR A 5 -11.38 43.20 8.74
C THR A 5 -11.02 44.51 9.45
N PRO A 6 -11.84 45.56 9.31
CA PRO A 6 -11.43 46.91 9.76
C PRO A 6 -10.84 47.00 11.16
N ASN A 7 -11.69 47.08 12.18
CA ASN A 7 -11.19 47.30 13.54
C ASN A 7 -10.50 46.05 14.09
N LEU A 8 -11.04 44.88 13.76
CA LEU A 8 -10.64 43.59 14.33
C LEU A 8 -10.57 43.59 15.85
N GLU A 9 -11.56 42.95 16.48
CA GLU A 9 -11.48 42.66 17.89
C GLU A 9 -10.71 41.35 18.09
N ILE A 10 -9.85 41.32 19.10
CA ILE A 10 -9.16 40.10 19.50
C ILE A 10 -9.98 39.52 20.64
N LYS A 11 -10.97 38.69 20.29
CA LYS A 11 -11.92 38.20 21.28
C LYS A 11 -11.31 37.13 22.16
N TYR A 12 -10.49 36.26 21.59
CA TYR A 12 -10.03 35.05 22.26
C TYR A 12 -8.58 35.23 22.70
N THR A 13 -8.39 35.40 24.01
CA THR A 13 -7.09 35.63 24.61
C THR A 13 -6.81 34.69 25.78
N LYS A 14 -7.63 33.67 25.99
CA LYS A 14 -7.51 32.80 27.16
C LYS A 14 -7.03 31.41 26.74
N ILE A 15 -6.71 30.62 27.76
CA ILE A 15 -6.25 29.25 27.57
C ILE A 15 -7.45 28.36 27.29
N PHE A 16 -7.29 27.44 26.34
CA PHE A 16 -8.37 26.59 25.85
C PHE A 16 -8.12 25.17 26.36
N ILE A 17 -8.85 24.75 27.39
CA ILE A 17 -8.72 23.43 27.98
C ILE A 17 -10.13 22.84 28.14
N ASN A 18 -10.30 21.59 27.69
CA ASN A 18 -11.56 20.88 27.83
C ASN A 18 -12.74 21.69 27.31
N ASN A 19 -12.51 22.36 26.18
CA ASN A 19 -13.51 23.18 25.48
C ASN A 19 -14.01 24.35 26.32
N GLU A 20 -13.23 24.78 27.31
CA GLU A 20 -13.56 25.95 28.11
C GLU A 20 -12.39 26.92 28.09
N TRP A 21 -12.71 28.21 28.10
CA TRP A 21 -11.68 29.23 28.19
C TRP A 21 -11.29 29.47 29.63
N GLN A 22 -9.98 29.56 29.88
CA GLN A 22 -9.47 29.59 31.24
C GLN A 22 -8.45 30.71 31.42
N ASN A 23 -8.40 31.23 32.64
CA ASN A 23 -7.28 32.05 33.06
C ASN A 23 -6.08 31.16 33.38
N SER A 24 -4.89 31.73 33.24
CA SER A 24 -3.70 31.06 33.72
C SER A 24 -3.80 30.80 35.21
N GLU A 25 -3.19 29.69 35.66
CA GLU A 25 -3.19 29.38 37.08
C GLU A 25 -2.43 30.42 37.88
N SER A 26 -1.38 31.01 37.30
CA SER A 26 -0.66 32.08 37.95
C SER A 26 -1.41 33.41 37.91
N GLY A 27 -2.35 33.57 36.99
CA GLY A 27 -2.95 34.86 36.73
C GLY A 27 -2.16 35.75 35.80
N ARG A 28 -1.00 35.29 35.33
CA ARG A 28 -0.14 36.09 34.47
C ARG A 28 -0.69 36.16 33.06
N VAL A 29 -0.49 37.32 32.43
CA VAL A 29 -0.74 37.49 31.00
C VAL A 29 0.60 37.85 30.35
N PHE A 30 0.64 37.76 29.02
CA PHE A 30 1.80 38.21 28.29
C PHE A 30 1.36 38.98 27.06
N PRO A 31 2.14 39.96 26.62
CA PRO A 31 1.72 40.81 25.50
C PRO A 31 1.94 40.16 24.15
N VAL A 32 1.20 40.68 23.17
CA VAL A 32 1.35 40.32 21.76
C VAL A 32 1.49 41.61 20.97
N TYR A 33 2.40 41.63 20.02
CA TYR A 33 2.77 42.87 19.34
C TYR A 33 2.45 42.81 17.85
N ASN A 34 2.26 43.99 17.27
CA ASN A 34 2.18 44.17 15.83
C ASN A 34 3.60 44.37 15.31
N PRO A 35 4.17 43.43 14.56
CA PRO A 35 5.56 43.59 14.11
C PRO A 35 5.78 44.77 13.17
N ALA A 36 4.72 45.31 12.57
CA ALA A 36 4.87 46.42 11.63
C ALA A 36 4.90 47.78 12.30
N THR A 37 4.43 47.88 13.55
CA THR A 37 4.44 49.13 14.29
C THR A 37 5.08 49.04 15.66
N GLY A 38 5.32 47.83 16.18
CA GLY A 38 5.80 47.65 17.53
C GLY A 38 4.74 47.78 18.61
N GLU A 39 3.53 48.18 18.24
CA GLU A 39 2.48 48.41 19.22
C GLU A 39 1.99 47.09 19.81
N GLN A 40 1.44 47.17 21.03
CA GLN A 40 0.91 46.00 21.70
C GLN A 40 -0.51 45.74 21.23
N VAL A 41 -0.73 44.58 20.60
CA VAL A 41 -2.05 44.25 20.08
C VAL A 41 -3.00 43.84 21.19
N CYS A 42 -2.51 43.04 22.14
CA CYS A 42 -3.33 42.61 23.28
C CYS A 42 -2.43 41.86 24.27
N GLU A 43 -3.07 41.32 25.30
CA GLU A 43 -2.43 40.44 26.28
C GLU A 43 -3.14 39.10 26.27
N VAL A 44 -2.37 38.04 26.49
CA VAL A 44 -2.86 36.67 26.40
C VAL A 44 -2.50 35.93 27.67
N GLN A 45 -3.43 35.13 28.18
CA GLN A 45 -3.16 34.31 29.35
C GLN A 45 -1.93 33.44 29.11
N GLU A 46 -0.97 33.49 30.04
CA GLU A 46 0.31 32.80 29.87
C GLU A 46 0.25 31.46 30.59
N ALA A 47 0.23 30.37 29.82
CA ALA A 47 0.24 29.04 30.42
C ALA A 47 1.64 28.68 30.88
N ASP A 48 1.70 27.96 32.01
CA ASP A 48 2.96 27.50 32.57
C ASP A 48 2.79 26.00 32.82
N LYS A 49 3.67 25.45 33.66
CA LYS A 49 3.63 24.02 33.97
C LYS A 49 2.26 23.61 34.53
N ALA A 50 1.64 24.48 35.33
CA ALA A 50 0.40 24.12 36.00
C ALA A 50 -0.76 23.97 35.03
N ASP A 51 -0.82 24.84 34.01
CA ASP A 51 -1.89 24.72 33.02
C ASP A 51 -1.64 23.56 32.07
N ILE A 52 -0.36 23.27 31.77
CA ILE A 52 -0.01 22.07 31.01
C ILE A 52 -0.53 20.82 31.71
N ASP A 53 -0.43 20.80 33.05
CA ASP A 53 -0.83 19.62 33.82
C ASP A 53 -2.31 19.30 33.60
N LYS A 54 -3.18 20.30 33.72
CA LYS A 54 -4.61 20.04 33.56
C LYS A 54 -5.04 19.94 32.10
N ALA A 55 -4.24 20.46 31.17
CA ALA A 55 -4.50 20.18 29.77
C ALA A 55 -4.25 18.72 29.44
N VAL A 56 -3.11 18.18 29.90
CA VAL A 56 -2.81 16.76 29.72
C VAL A 56 -3.87 15.89 30.38
N GLN A 57 -4.31 16.29 31.57
CA GLN A 57 -5.40 15.58 32.25
C GLN A 57 -6.66 15.59 31.40
N ALA A 58 -7.01 16.76 30.84
CA ALA A 58 -8.17 16.84 29.96
C ALA A 58 -8.00 15.93 28.75
N ALA A 59 -6.85 16.01 28.09
CA ALA A 59 -6.62 15.23 26.87
C ALA A 59 -6.60 13.73 27.17
N ARG A 60 -6.04 13.33 28.30
CA ARG A 60 -5.99 11.91 28.63
C ARG A 60 -7.38 11.35 28.87
N LEU A 61 -8.23 12.11 29.57
CA LEU A 61 -9.61 11.67 29.81
C LEU A 61 -10.40 11.58 28.51
N ALA A 62 -10.17 12.54 27.60
CA ALA A 62 -10.79 12.47 26.29
C ALA A 62 -10.35 11.24 25.49
N PHE A 63 -9.18 10.67 25.83
CA PHE A 63 -8.64 9.54 25.09
C PHE A 63 -8.93 8.20 25.74
N SER A 64 -9.57 8.17 26.91
CA SER A 64 -9.76 6.90 27.60
C SER A 64 -10.81 6.05 26.90
N LEU A 65 -10.64 4.73 27.00
CA LEU A 65 -11.54 3.78 26.36
C LEU A 65 -12.98 4.04 26.78
N GLY A 66 -13.89 3.99 25.81
CA GLY A 66 -15.28 4.26 26.04
C GLY A 66 -15.69 5.71 25.94
N SER A 67 -14.73 6.62 25.75
CA SER A 67 -15.05 8.03 25.62
C SER A 67 -15.73 8.30 24.28
N VAL A 68 -16.35 9.47 24.17
CA VAL A 68 -17.01 9.86 22.92
C VAL A 68 -16.02 9.89 21.78
N TRP A 69 -14.83 10.47 22.00
CA TRP A 69 -13.82 10.57 20.95
C TRP A 69 -13.28 9.19 20.55
N ARG A 70 -13.13 8.28 21.51
CA ARG A 70 -12.62 6.95 21.20
C ARG A 70 -13.65 6.10 20.48
N ARG A 71 -14.92 6.23 20.86
CA ARG A 71 -15.98 5.41 20.28
C ARG A 71 -16.42 5.91 18.90
N MET A 72 -16.17 7.17 18.59
CA MET A 72 -16.62 7.76 17.33
C MET A 72 -16.19 6.91 16.15
N ASP A 73 -17.10 6.74 15.20
CA ASP A 73 -16.72 6.24 13.89
C ASP A 73 -15.55 7.05 13.36
N ALA A 74 -14.58 6.36 12.75
CA ALA A 74 -13.45 7.07 12.15
C ALA A 74 -13.94 8.07 11.11
N SER A 75 -14.96 7.69 10.34
CA SER A 75 -15.53 8.61 9.35
C SER A 75 -16.08 9.87 9.99
N GLU A 76 -16.63 9.77 11.20
CA GLU A 76 -17.14 10.96 11.88
C GLU A 76 -16.01 11.79 12.48
N ARG A 77 -14.85 11.18 12.77
CA ARG A 77 -13.64 11.96 13.01
C ARG A 77 -13.34 12.83 11.80
N GLY A 78 -13.44 12.25 10.60
CA GLY A 78 -13.25 13.03 9.39
C GLY A 78 -14.27 14.15 9.24
N ARG A 79 -15.52 13.91 9.62
CA ARG A 79 -16.55 14.92 9.44
C ARG A 79 -16.28 16.16 10.28
N LEU A 80 -15.81 15.97 11.51
CA LEU A 80 -15.45 17.11 12.34
C LEU A 80 -14.34 17.94 11.70
N LEU A 81 -13.34 17.26 11.13
CA LEU A 81 -12.29 17.97 10.41
C LEU A 81 -12.84 18.70 9.20
N ASP A 82 -13.87 18.14 8.55
CA ASP A 82 -14.50 18.85 7.45
C ASP A 82 -15.29 20.06 7.94
N LYS A 83 -16.04 19.90 9.03
CA LYS A 83 -16.77 21.05 9.58
C LYS A 83 -15.81 22.15 10.03
N LEU A 84 -14.64 21.77 10.55
CA LEU A 84 -13.67 22.77 10.98
C LEU A 84 -13.16 23.58 9.79
N ALA A 85 -12.90 22.91 8.66
CA ALA A 85 -12.45 23.62 7.47
C ALA A 85 -13.53 24.56 6.94
N ASP A 86 -14.78 24.13 6.99
CA ASP A 86 -15.89 25.02 6.60
C ASP A 86 -15.93 26.27 7.46
N LEU A 87 -15.69 26.11 8.77
CA LEU A 87 -15.68 27.26 9.67
C LEU A 87 -14.50 28.19 9.37
N VAL A 88 -13.35 27.62 9.03
CA VAL A 88 -12.21 28.44 8.65
C VAL A 88 -12.50 29.21 7.38
N GLU A 89 -13.09 28.54 6.38
CA GLU A 89 -13.44 29.21 5.13
C GLU A 89 -14.45 30.33 5.37
N ARG A 90 -15.41 30.12 6.28
CA ARG A 90 -16.37 31.16 6.60
C ARG A 90 -15.69 32.38 7.21
N ASP A 91 -14.83 32.16 8.21
CA ASP A 91 -14.12 33.23 8.89
C ASP A 91 -12.73 33.46 8.30
N ARG A 92 -12.57 33.22 6.99
CA ARG A 92 -11.28 33.29 6.35
C ARG A 92 -10.70 34.70 6.37
N ALA A 93 -11.54 35.73 6.26
CA ALA A 93 -11.03 37.10 6.25
C ALA A 93 -10.51 37.50 7.63
N VAL A 94 -11.24 37.14 8.68
CA VAL A 94 -10.80 37.50 10.04
C VAL A 94 -9.48 36.81 10.37
N LEU A 95 -9.33 35.55 9.96
CA LEU A 95 -8.10 34.82 10.26
C LEU A 95 -6.92 35.36 9.44
N ALA A 96 -7.17 35.76 8.19
CA ALA A 96 -6.11 36.36 7.39
C ALA A 96 -5.69 37.71 7.96
N THR A 97 -6.65 38.50 8.44
CA THR A 97 -6.32 39.75 9.11
C THR A 97 -5.49 39.50 10.37
N MET A 98 -5.82 38.43 11.10
CA MET A 98 -5.10 38.12 12.33
C MET A 98 -3.68 37.65 12.03
N GLU A 99 -3.51 36.77 11.05
CA GLU A 99 -2.16 36.36 10.64
C GLU A 99 -1.36 37.56 10.15
N SER A 100 -2.02 38.53 9.51
CA SER A 100 -1.36 39.73 9.00
C SER A 100 -0.98 40.67 10.13
N LEU A 101 -1.95 41.00 11.00
CA LEU A 101 -1.71 41.91 12.10
C LEU A 101 -0.67 41.38 13.08
N ASN A 102 -0.76 40.09 13.41
CA ASN A 102 0.08 39.47 14.43
C ASN A 102 1.42 38.97 13.86
N GLY A 103 1.43 38.46 12.63
CA GLY A 103 2.63 37.87 12.08
C GLY A 103 3.35 38.71 11.05
N GLY A 104 2.74 39.83 10.67
CA GLY A 104 3.36 40.73 9.70
C GLY A 104 3.28 40.28 8.27
N LYS A 105 2.48 39.26 7.98
CA LYS A 105 2.35 38.80 6.60
C LYS A 105 1.48 39.76 5.80
N PRO A 106 1.84 40.03 4.55
CA PRO A 106 0.92 40.73 3.65
C PRO A 106 -0.45 40.06 3.67
N PHE A 107 -1.48 40.87 3.88
CA PHE A 107 -2.81 40.31 4.10
C PHE A 107 -3.27 39.48 2.91
N LEU A 108 -3.01 39.94 1.69
CA LEU A 108 -3.39 39.16 0.51
C LEU A 108 -2.66 37.82 0.48
N GLN A 109 -1.39 37.80 0.88
CA GLN A 109 -0.68 36.53 0.99
C GLN A 109 -1.30 35.64 2.06
N ALA A 110 -1.61 36.21 3.22
CA ALA A 110 -2.27 35.43 4.28
C ALA A 110 -3.61 34.89 3.84
N PHE A 111 -4.34 35.65 2.99
CA PHE A 111 -5.66 35.22 2.56
C PHE A 111 -5.59 34.13 1.50
N TYR A 112 -4.78 34.33 0.47
CA TYR A 112 -4.77 33.45 -0.69
C TYR A 112 -3.78 32.30 -0.58
N VAL A 113 -2.78 32.39 0.28
CA VAL A 113 -1.78 31.35 0.40
C VAL A 113 -1.98 30.59 1.70
N ASP A 114 -1.72 31.27 2.82
CA ASP A 114 -1.77 30.61 4.12
C ASP A 114 -3.16 30.02 4.38
N LEU A 115 -4.19 30.86 4.34
CA LEU A 115 -5.52 30.41 4.73
C LEU A 115 -6.06 29.36 3.79
N GLN A 116 -5.69 29.43 2.50
CA GLN A 116 -6.03 28.36 1.58
C GLN A 116 -5.31 27.07 1.98
N GLY A 117 -4.05 27.18 2.41
CA GLY A 117 -3.33 26.01 2.85
C GLY A 117 -3.85 25.44 4.16
N VAL A 118 -4.55 26.26 4.94
CA VAL A 118 -5.18 25.78 6.16
C VAL A 118 -6.44 24.99 5.84
N ILE A 119 -7.30 25.57 5.00
CA ILE A 119 -8.55 24.92 4.64
C ILE A 119 -8.28 23.59 3.93
N LYS A 120 -7.26 23.55 3.07
CA LYS A 120 -6.99 22.34 2.30
C LYS A 120 -6.36 21.25 3.18
N THR A 121 -5.54 21.64 4.15
CA THR A 121 -4.99 20.67 5.09
C THR A 121 -6.11 19.93 5.81
N PHE A 122 -7.08 20.67 6.34
CA PHE A 122 -8.18 20.07 7.09
C PHE A 122 -9.04 19.19 6.19
N ARG A 123 -9.27 19.62 4.95
CA ARG A 123 -10.10 18.83 4.05
C ARG A 123 -9.37 17.57 3.60
N TYR A 124 -8.06 17.67 3.37
CA TYR A 124 -7.29 16.49 2.99
C TYR A 124 -7.39 15.41 4.05
N TYR A 125 -7.11 15.78 5.31
CA TYR A 125 -7.06 14.78 6.36
C TYR A 125 -8.42 14.32 6.82
N ALA A 126 -9.46 15.14 6.65
CA ALA A 126 -10.82 14.65 6.84
C ALA A 126 -11.06 13.39 6.03
N GLY A 127 -10.55 13.34 4.81
CA GLY A 127 -10.74 12.18 3.96
C GLY A 127 -9.91 10.97 4.36
N TRP A 128 -8.81 11.16 5.09
CA TRP A 128 -7.94 10.05 5.45
C TRP A 128 -8.45 9.25 6.63
N ALA A 129 -9.39 9.81 7.40
CA ALA A 129 -9.68 9.29 8.73
C ALA A 129 -10.18 7.85 8.68
N ASP A 130 -11.06 7.53 7.73
CA ASP A 130 -11.57 6.17 7.61
C ASP A 130 -10.87 5.38 6.52
N LYS A 131 -9.66 5.81 6.14
CA LYS A 131 -8.85 5.10 5.15
C LYS A 131 -7.47 4.74 5.70
N ILE A 132 -7.32 4.73 7.03
CA ILE A 132 -6.09 4.26 7.66
C ILE A 132 -6.22 2.74 7.80
N HIS A 133 -5.46 2.00 7.00
CA HIS A 133 -5.56 0.55 6.95
C HIS A 133 -4.35 -0.11 7.60
N GLY A 134 -4.60 -1.15 8.38
CA GLY A 134 -3.61 -2.15 8.70
C GLY A 134 -3.59 -3.22 7.63
N MET A 135 -2.92 -4.33 7.94
CA MET A 135 -2.79 -5.40 6.95
C MET A 135 -3.06 -6.76 7.59
N THR A 136 -3.22 -7.76 6.72
CA THR A 136 -3.25 -9.17 7.09
C THR A 136 -2.10 -9.85 6.37
N ILE A 137 -1.39 -10.71 7.10
CA ILE A 137 -0.05 -11.15 6.73
C ILE A 137 -0.05 -12.67 6.61
N PRO A 138 0.44 -13.25 5.51
CA PRO A 138 0.48 -14.72 5.33
C PRO A 138 1.72 -15.34 5.97
N VAL A 139 1.74 -15.33 7.30
CA VAL A 139 2.87 -15.80 8.09
C VAL A 139 3.02 -17.32 7.97
N ASP A 140 4.17 -17.84 8.36
CA ASP A 140 4.37 -19.27 8.44
C ASP A 140 3.48 -19.87 9.53
N GLY A 141 3.09 -21.13 9.33
CA GLY A 141 2.40 -21.88 10.37
C GLY A 141 0.93 -21.56 10.50
N ASP A 142 0.28 -22.28 11.41
CA ASP A 142 -1.16 -22.21 11.64
C ASP A 142 -1.53 -20.93 12.39
N TYR A 143 -1.49 -19.81 11.67
CA TYR A 143 -1.70 -18.52 12.31
C TYR A 143 -2.46 -17.57 11.38
N PHE A 144 -3.33 -16.77 11.99
CA PHE A 144 -3.94 -15.60 11.34
C PHE A 144 -3.36 -14.35 12.00
N THR A 145 -2.52 -13.63 11.26
CA THR A 145 -1.84 -12.45 11.76
C THR A 145 -2.38 -11.21 11.05
N PHE A 146 -2.85 -10.24 11.83
CA PHE A 146 -3.23 -8.94 11.29
C PHE A 146 -2.64 -7.86 12.18
N THR A 147 -2.61 -6.64 11.64
CA THR A 147 -2.12 -5.47 12.33
C THR A 147 -3.22 -4.44 12.45
N ARG A 148 -3.34 -3.82 13.63
CA ARG A 148 -4.20 -2.68 13.82
C ARG A 148 -3.36 -1.42 13.99
N HIS A 149 -3.85 -0.33 13.43
CA HIS A 149 -3.27 0.99 13.66
C HIS A 149 -4.18 1.72 14.64
N GLU A 150 -3.66 2.04 15.81
CA GLU A 150 -4.40 2.72 16.85
C GLU A 150 -3.75 4.08 17.12
N PRO A 151 -4.50 5.02 17.68
CA PRO A 151 -3.90 6.29 18.09
C PRO A 151 -2.87 6.07 19.19
N ILE A 152 -1.83 6.90 19.18
CA ILE A 152 -0.78 6.80 20.19
C ILE A 152 -1.29 7.26 21.55
N GLY A 153 -2.13 8.29 21.56
CA GLY A 153 -2.65 8.82 22.81
C GLY A 153 -2.62 10.33 22.83
N VAL A 154 -2.06 10.89 23.92
CA VAL A 154 -1.95 12.34 24.07
C VAL A 154 -0.69 12.81 23.35
N CYS A 155 -0.87 13.77 22.44
CA CYS A 155 0.23 14.28 21.63
C CYS A 155 0.49 15.72 22.01
N GLY A 156 1.71 16.02 22.45
CA GLY A 156 2.12 17.38 22.75
C GLY A 156 2.78 17.98 21.52
N GLN A 157 2.37 19.20 21.20
CA GLN A 157 2.74 19.80 19.93
C GLN A 157 3.21 21.23 20.10
N ILE A 158 4.40 21.52 19.57
CA ILE A 158 5.07 22.81 19.73
C ILE A 158 5.44 23.32 18.35
N ILE A 159 5.01 24.53 18.02
CA ILE A 159 5.17 25.08 16.67
C ILE A 159 5.80 26.46 16.78
N PRO A 160 6.40 26.96 15.68
CA PRO A 160 6.98 28.30 15.68
C PRO A 160 6.04 29.36 15.15
N TRP A 161 6.60 30.52 14.80
CA TRP A 161 5.84 31.75 14.60
C TRP A 161 5.67 32.16 13.15
N ASN A 162 6.36 31.52 12.21
CA ASN A 162 6.44 32.07 10.86
C ASN A 162 5.28 31.66 9.95
N PHE A 163 4.55 30.60 10.31
CA PHE A 163 3.33 30.23 9.62
C PHE A 163 2.33 29.76 10.67
N PRO A 164 1.88 30.66 11.54
CA PRO A 164 1.14 30.25 12.75
C PRO A 164 -0.04 29.33 12.46
N LEU A 165 -1.01 29.83 11.70
CA LEU A 165 -2.23 29.06 11.46
C LEU A 165 -1.95 27.82 10.62
N LEU A 166 -1.05 27.93 9.64
CA LEU A 166 -0.78 26.78 8.78
C LEU A 166 -0.11 25.65 9.54
N MET A 167 0.88 25.98 10.39
CA MET A 167 1.53 24.94 11.18
C MET A 167 0.55 24.34 12.19
N PHE A 168 -0.31 25.17 12.77
CA PHE A 168 -1.35 24.68 13.66
C PHE A 168 -2.18 23.61 12.97
N ALA A 169 -2.56 23.86 11.71
CA ALA A 169 -3.32 22.86 10.96
C ALA A 169 -2.47 21.64 10.66
N TRP A 170 -1.22 21.86 10.23
CA TRP A 170 -0.34 20.75 9.90
C TRP A 170 -0.16 19.80 11.08
N LYS A 171 -0.32 20.31 12.30
CA LYS A 171 -0.04 19.52 13.49
C LYS A 171 -1.29 18.82 14.03
N ILE A 172 -2.40 19.54 14.17
CA ILE A 172 -3.58 18.92 14.77
C ILE A 172 -4.31 18.05 13.76
N ALA A 173 -4.27 18.40 12.46
CA ALA A 173 -5.09 17.68 11.50
C ALA A 173 -4.73 16.20 11.38
N PRO A 174 -3.47 15.81 11.17
CA PRO A 174 -3.17 14.36 11.12
C PRO A 174 -3.36 13.68 12.46
N ALA A 175 -3.03 14.36 13.56
CA ALA A 175 -3.20 13.78 14.88
C ALA A 175 -4.66 13.42 15.15
N LEU A 176 -5.57 14.34 14.80
CA LEU A 176 -7.00 14.10 14.98
C LEU A 176 -7.52 13.09 13.98
N CYS A 177 -7.04 13.16 12.74
CA CYS A 177 -7.38 12.18 11.72
C CYS A 177 -7.15 10.76 12.21
N CYS A 178 -6.11 10.56 13.03
CA CYS A 178 -5.76 9.24 13.52
C CYS A 178 -6.38 8.90 14.88
N GLY A 179 -7.06 9.85 15.52
CA GLY A 179 -7.75 9.58 16.76
C GLY A 179 -7.02 10.02 18.01
N ASN A 180 -5.94 10.79 17.89
CA ASN A 180 -5.26 11.23 19.09
C ASN A 180 -6.01 12.39 19.73
N THR A 181 -5.55 12.77 20.92
CA THR A 181 -5.90 14.03 21.54
C THR A 181 -4.62 14.86 21.61
N VAL A 182 -4.79 16.18 21.70
CA VAL A 182 -3.71 17.11 21.42
C VAL A 182 -3.58 18.13 22.53
N VAL A 183 -2.34 18.43 22.91
CA VAL A 183 -1.99 19.59 23.73
C VAL A 183 -0.98 20.37 22.90
N ILE A 184 -1.38 21.51 22.34
CA ILE A 184 -0.55 22.26 21.41
C ILE A 184 -0.22 23.63 21.99
N LYS A 185 1.06 23.99 21.94
CA LYS A 185 1.53 25.29 22.39
C LYS A 185 1.99 26.09 21.17
N PRO A 186 1.28 27.14 20.77
CA PRO A 186 1.75 27.98 19.68
C PRO A 186 2.86 28.91 20.16
N ALA A 187 3.56 29.51 19.20
CA ALA A 187 4.68 30.39 19.51
C ALA A 187 4.22 31.60 20.31
N GLU A 188 5.02 32.00 21.29
CA GLU A 188 4.66 33.10 22.17
C GLU A 188 4.45 34.39 21.38
N GLN A 189 5.13 34.54 20.25
CA GLN A 189 4.93 35.72 19.41
C GLN A 189 3.55 35.72 18.77
N THR A 190 3.03 34.55 18.42
CA THR A 190 1.91 34.41 17.51
C THR A 190 0.88 33.40 18.02
N PRO A 191 0.13 33.75 19.08
CA PRO A 191 -0.86 32.79 19.61
C PRO A 191 -2.27 33.08 19.15
N LEU A 192 -2.49 34.18 18.42
CA LEU A 192 -3.84 34.68 18.21
C LEU A 192 -4.64 33.79 17.26
N SER A 193 -4.06 33.42 16.12
CA SER A 193 -4.74 32.55 15.17
C SER A 193 -5.13 31.25 15.83
N ALA A 194 -4.21 30.66 16.59
CA ALA A 194 -4.47 29.38 17.25
C ALA A 194 -5.60 29.49 18.26
N LEU A 195 -5.64 30.60 19.01
CA LEU A 195 -6.70 30.77 20.00
C LEU A 195 -8.06 30.95 19.33
N TYR A 196 -8.11 31.69 18.23
CA TYR A 196 -9.37 31.75 17.47
C TYR A 196 -9.82 30.36 17.05
N MET A 197 -8.87 29.46 16.78
CA MET A 197 -9.21 28.10 16.35
C MET A 197 -9.91 27.35 17.47
N GLY A 198 -9.51 27.59 18.72
CA GLY A 198 -10.22 27.00 19.84
C GLY A 198 -11.70 27.31 19.80
N ALA A 199 -12.05 28.53 19.42
CA ALA A 199 -13.46 28.89 19.26
C ALA A 199 -14.12 28.08 18.15
N LEU A 200 -13.42 27.92 17.02
CA LEU A 200 -14.00 27.16 15.92
C LEU A 200 -13.98 25.67 16.19
N ILE A 201 -12.99 25.19 16.95
CA ILE A 201 -12.97 23.79 17.36
C ILE A 201 -14.19 23.50 18.25
N LYS A 202 -14.57 24.47 19.08
CA LYS A 202 -15.74 24.32 19.94
C LYS A 202 -17.02 24.36 19.12
N GLU A 203 -17.13 25.32 18.20
CA GLU A 203 -18.34 25.48 17.40
C GLU A 203 -18.55 24.27 16.48
N ALA A 204 -17.47 23.60 16.09
CA ALA A 204 -17.59 22.46 15.19
C ALA A 204 -18.08 21.21 15.91
N GLY A 205 -17.92 21.12 17.22
CA GLY A 205 -18.43 20.01 17.98
C GLY A 205 -17.42 18.98 18.41
N PHE A 206 -16.12 19.30 18.39
CA PHE A 206 -15.13 18.37 18.90
C PHE A 206 -15.40 18.09 20.37
N PRO A 207 -15.29 16.84 20.81
CA PRO A 207 -15.54 16.53 22.21
C PRO A 207 -14.60 17.30 23.11
N PRO A 208 -15.04 17.65 24.32
CA PRO A 208 -14.17 18.37 25.25
C PRO A 208 -12.89 17.60 25.53
N GLY A 209 -11.77 18.32 25.52
CA GLY A 209 -10.48 17.74 25.82
C GLY A 209 -9.74 17.17 24.63
N VAL A 210 -10.39 17.03 23.49
CA VAL A 210 -9.71 16.48 22.31
C VAL A 210 -8.57 17.41 21.88
N ILE A 211 -8.82 18.72 21.85
CA ILE A 211 -7.81 19.71 21.51
C ILE A 211 -7.73 20.73 22.63
N ASN A 212 -6.52 20.96 23.13
CA ASN A 212 -6.26 21.97 24.14
C ASN A 212 -5.14 22.87 23.64
N ILE A 213 -5.34 24.18 23.72
CA ILE A 213 -4.41 25.16 23.16
C ILE A 213 -3.86 26.00 24.29
N LEU A 214 -2.56 25.90 24.52
CA LEU A 214 -1.92 26.48 25.71
C LEU A 214 -0.87 27.50 25.29
N PRO A 215 -1.24 28.76 25.16
CA PRO A 215 -0.26 29.80 24.80
C PRO A 215 0.73 30.02 25.92
N GLY A 216 1.94 30.38 25.54
CA GLY A 216 2.98 30.62 26.52
C GLY A 216 4.36 30.45 25.90
N TYR A 217 5.36 30.41 26.77
CA TYR A 217 6.76 30.46 26.36
C TYR A 217 7.37 29.07 26.29
N GLY A 218 8.55 29.01 25.68
CA GLY A 218 9.24 27.77 25.44
C GLY A 218 9.84 27.12 26.68
N PRO A 219 10.67 27.85 27.42
CA PRO A 219 11.24 27.28 28.65
C PRO A 219 10.19 26.96 29.71
N THR A 220 8.97 27.47 29.60
CA THR A 220 7.97 27.15 30.62
C THR A 220 6.94 26.16 30.07
N ALA A 221 6.03 26.64 29.22
CA ALA A 221 5.00 25.76 28.69
C ALA A 221 5.59 24.71 27.76
N GLY A 222 6.57 25.10 26.95
CA GLY A 222 7.17 24.14 26.03
C GLY A 222 7.90 23.02 26.76
N ALA A 223 8.82 23.38 27.65
CA ALA A 223 9.62 22.37 28.35
C ALA A 223 8.78 21.50 29.27
N ALA A 224 7.67 22.04 29.79
CA ALA A 224 6.75 21.20 30.55
C ALA A 224 6.11 20.15 29.65
N ILE A 225 5.80 20.51 28.41
CA ILE A 225 5.22 19.54 27.47
C ILE A 225 6.24 18.49 27.08
N ALA A 226 7.47 18.93 26.78
CA ALA A 226 8.48 18.01 26.26
C ALA A 226 8.93 17.00 27.32
N SER A 227 8.85 17.36 28.59
CA SER A 227 9.24 16.48 29.68
C SER A 227 8.04 15.83 30.36
N HIS A 228 6.83 16.21 29.99
CA HIS A 228 5.65 15.70 30.69
C HIS A 228 5.58 14.19 30.54
N ILE A 229 5.50 13.51 31.68
CA ILE A 229 5.52 12.05 31.72
C ILE A 229 4.17 11.45 31.34
N GLY A 230 3.14 12.29 31.18
CA GLY A 230 1.84 11.86 30.73
C GLY A 230 1.55 12.12 29.26
N ILE A 231 2.53 12.57 28.49
CA ILE A 231 2.37 12.78 27.06
C ILE A 231 3.08 11.65 26.32
N ASP A 232 2.36 11.02 25.39
CA ASP A 232 2.88 9.83 24.73
C ASP A 232 3.72 10.15 23.52
N LYS A 233 3.54 11.31 22.90
CA LYS A 233 4.26 11.67 21.69
C LYS A 233 4.32 13.19 21.61
N ILE A 234 5.45 13.68 21.15
CA ILE A 234 5.67 15.11 20.95
C ILE A 234 6.04 15.35 19.49
N ALA A 235 5.44 16.38 18.90
CA ALA A 235 5.82 16.85 17.57
C ALA A 235 6.35 18.26 17.72
N PHE A 236 7.56 18.49 17.20
CA PHE A 236 8.22 19.78 17.39
C PHE A 236 8.63 20.41 16.07
N THR A 237 8.43 21.72 16.00
CA THR A 237 8.92 22.57 14.92
C THR A 237 9.25 23.92 15.54
N GLY A 238 10.49 24.39 15.40
CA GLY A 238 11.57 23.65 14.76
C GLY A 238 12.98 24.23 14.59
N SER A 239 13.47 25.04 15.52
CA SER A 239 14.90 25.38 15.44
C SER A 239 15.72 24.15 15.79
N THR A 240 16.88 24.01 15.14
CA THR A 240 17.67 22.79 15.34
C THR A 240 18.30 22.75 16.73
N GLU A 241 18.60 23.92 17.31
CA GLU A 241 19.16 23.93 18.66
C GLU A 241 18.17 23.38 19.68
N VAL A 242 16.94 23.89 19.67
CA VAL A 242 15.94 23.42 20.63
C VAL A 242 15.51 22.00 20.28
N GLY A 243 15.59 21.61 19.01
CA GLY A 243 15.24 20.25 18.65
C GLY A 243 16.08 19.22 19.39
N LYS A 244 17.37 19.53 19.58
CA LYS A 244 18.23 18.66 20.38
C LYS A 244 17.68 18.50 21.80
N LEU A 245 17.24 19.62 22.40
CA LEU A 245 16.71 19.56 23.76
C LEU A 245 15.41 18.76 23.81
N ILE A 246 14.60 18.83 22.76
CA ILE A 246 13.37 18.03 22.73
C ILE A 246 13.70 16.55 22.78
N GLN A 247 14.57 16.09 21.90
CA GLN A 247 14.89 14.67 21.83
C GLN A 247 15.57 14.20 23.11
N GLU A 248 16.43 15.03 23.69
CA GLU A 248 17.05 14.65 24.96
C GLU A 248 16.02 14.56 26.07
N ALA A 249 15.11 15.53 26.14
CA ALA A 249 14.06 15.50 27.16
C ALA A 249 13.10 14.34 26.96
N ALA A 250 12.96 13.87 25.72
CA ALA A 250 12.13 12.71 25.46
C ALA A 250 12.74 11.46 26.09
N GLY A 251 14.00 11.17 25.76
CA GLY A 251 14.66 10.03 26.37
C GLY A 251 14.80 10.17 27.88
N ARG A 252 14.94 11.41 28.36
CA ARG A 252 15.12 11.64 29.78
C ARG A 252 13.84 11.37 30.56
N SER A 253 12.67 11.65 29.97
CA SER A 253 11.41 11.50 30.68
C SER A 253 10.82 10.11 30.53
N ASN A 254 9.89 9.96 29.60
CA ASN A 254 9.12 8.72 29.45
C ASN A 254 9.30 8.08 28.09
N LEU A 255 10.36 8.44 27.36
CA LEU A 255 10.65 7.86 26.04
C LEU A 255 9.49 8.07 25.07
N LYS A 256 8.87 9.24 25.13
CA LYS A 256 7.79 9.55 24.20
C LYS A 256 8.33 9.57 22.78
N ARG A 257 7.47 9.19 21.83
CA ARG A 257 7.84 9.23 20.42
C ARG A 257 8.06 10.67 19.99
N VAL A 258 8.99 10.87 19.06
CA VAL A 258 9.46 12.21 18.69
C VAL A 258 9.45 12.35 17.18
N THR A 259 8.84 13.44 16.70
CA THR A 259 9.01 13.91 15.33
C THR A 259 9.55 15.34 15.39
N LEU A 260 10.56 15.63 14.55
CA LEU A 260 11.20 16.94 14.55
C LEU A 260 11.23 17.49 13.14
N GLU A 261 10.86 18.76 12.99
CA GLU A 261 10.94 19.49 11.73
C GLU A 261 11.83 20.69 11.99
N LEU A 262 13.10 20.62 11.58
CA LEU A 262 14.11 21.53 12.09
C LEU A 262 14.62 22.48 11.01
N GLY A 263 15.78 23.09 11.27
CA GLY A 263 16.28 24.16 10.43
C GLY A 263 16.74 23.69 9.06
N GLY A 264 17.04 24.68 8.22
CA GLY A 264 17.49 24.39 6.87
C GLY A 264 18.40 25.48 6.35
N LYS A 265 19.19 25.11 5.34
CA LYS A 265 20.06 26.00 4.60
C LYS A 265 20.15 25.42 3.18
N SER A 266 19.05 25.57 2.45
CA SER A 266 18.73 24.72 1.31
C SER A 266 19.34 25.27 0.02
N PRO A 267 19.89 24.39 -0.83
CA PRO A 267 20.48 24.82 -2.10
C PRO A 267 19.46 24.88 -3.23
N ASN A 268 19.65 25.89 -4.09
CA ASN A 268 18.86 26.07 -5.31
C ASN A 268 19.85 26.18 -6.47
N ILE A 269 19.81 25.21 -7.39
CA ILE A 269 20.83 25.06 -8.43
C ILE A 269 20.23 25.45 -9.77
N ILE A 270 20.78 26.52 -10.36
CA ILE A 270 20.33 27.01 -11.66
C ILE A 270 21.40 26.64 -12.68
N PHE A 271 21.06 25.75 -13.60
CA PHE A 271 21.94 25.44 -14.72
C PHE A 271 21.74 26.45 -15.84
N ALA A 272 22.73 26.53 -16.73
CA ALA A 272 22.68 27.53 -17.80
C ALA A 272 21.53 27.27 -18.76
N ASP A 273 21.09 26.02 -18.89
CA ASP A 273 20.05 25.66 -19.85
C ASP A 273 18.63 25.84 -19.29
N ALA A 274 18.47 26.66 -18.27
CA ALA A 274 17.17 26.90 -17.66
C ALA A 274 16.53 28.16 -18.22
N ASP A 275 15.19 28.21 -18.15
CA ASP A 275 14.48 29.44 -18.44
C ASP A 275 14.96 30.51 -17.47
N LEU A 276 15.80 31.43 -17.96
CA LEU A 276 16.51 32.34 -17.07
C LEU A 276 15.56 33.31 -16.39
N ASP A 277 14.66 33.93 -17.17
CA ASP A 277 13.66 34.83 -16.58
C ASP A 277 12.87 34.14 -15.48
N TYR A 278 12.48 32.89 -15.72
CA TYR A 278 11.68 32.14 -14.76
C TYR A 278 12.50 31.76 -13.53
N ALA A 279 13.74 31.34 -13.74
CA ALA A 279 14.58 30.92 -12.61
C ALA A 279 14.91 32.09 -11.70
N VAL A 280 15.09 33.28 -12.28
CA VAL A 280 15.39 34.45 -11.45
C VAL A 280 14.21 34.78 -10.53
N GLU A 281 12.99 34.71 -11.07
CA GLU A 281 11.81 35.03 -10.25
C GLU A 281 11.51 33.92 -9.25
N GLN A 282 11.80 32.67 -9.60
CA GLN A 282 11.57 31.58 -8.65
C GLN A 282 12.60 31.59 -7.54
N ALA A 283 13.88 31.76 -7.90
CA ALA A 283 14.91 31.83 -6.86
C ALA A 283 14.75 33.06 -5.99
N HIS A 284 14.18 34.14 -6.54
CA HIS A 284 13.91 35.32 -5.73
C HIS A 284 12.75 35.07 -4.76
N GLN A 285 11.68 34.45 -5.25
CA GLN A 285 10.60 34.04 -4.36
C GLN A 285 11.07 33.00 -3.35
N GLY A 286 12.12 32.24 -3.68
CA GLY A 286 12.62 31.24 -2.75
C GLY A 286 13.24 31.83 -1.49
N VAL A 287 13.84 33.02 -1.59
CA VAL A 287 14.52 33.62 -0.44
C VAL A 287 13.66 34.67 0.25
N PHE A 288 12.83 35.38 -0.52
CA PHE A 288 12.12 36.53 0.03
C PHE A 288 10.68 36.22 0.42
N PHE A 289 10.17 35.04 0.11
CA PHE A 289 8.81 34.67 0.48
C PHE A 289 8.65 34.64 1.99
N ASN A 290 7.52 35.16 2.48
CA ASN A 290 7.24 35.25 3.91
C ASN A 290 8.37 35.97 4.65
N GLN A 291 8.86 37.06 4.06
CA GLN A 291 9.90 37.88 4.64
C GLN A 291 11.19 37.09 4.85
N GLY A 292 11.40 36.07 4.03
CA GLY A 292 12.54 35.19 4.20
C GLY A 292 12.46 34.31 5.43
N GLN A 293 11.38 34.38 6.19
CA GLN A 293 11.22 33.58 7.40
C GLN A 293 10.55 32.26 7.05
N CYS A 294 11.30 31.46 6.29
CA CYS A 294 10.88 30.14 5.84
C CYS A 294 12.01 29.15 6.09
N CYS A 295 11.68 28.01 6.70
CA CYS A 295 12.62 26.92 6.79
C CYS A 295 13.08 26.40 5.43
N THR A 296 12.31 26.69 4.38
CA THR A 296 12.57 26.15 3.05
C THR A 296 13.35 27.09 2.14
N ALA A 297 13.70 28.29 2.60
CA ALA A 297 14.68 29.08 1.86
C ALA A 297 15.94 28.24 1.69
N GLY A 298 16.47 28.19 0.46
CA GLY A 298 16.24 29.18 -0.58
C GLY A 298 17.58 29.87 -0.68
N SER A 299 18.38 29.63 0.37
CA SER A 299 19.42 30.54 0.84
C SER A 299 20.81 30.22 0.30
N ARG A 300 20.96 29.23 -0.58
CA ARG A 300 22.26 28.96 -1.22
C ARG A 300 21.97 28.69 -2.70
N ILE A 301 21.92 29.76 -3.48
CA ILE A 301 21.63 29.66 -4.90
C ILE A 301 22.95 29.46 -5.63
N PHE A 302 23.11 28.29 -6.25
CA PHE A 302 24.24 27.99 -7.10
C PHE A 302 23.87 28.26 -8.54
N VAL A 303 24.68 29.06 -9.23
CA VAL A 303 24.40 29.46 -10.60
C VAL A 303 25.61 29.08 -11.47
N GLU A 304 25.34 28.45 -12.61
CA GLU A 304 26.41 28.05 -13.51
C GLU A 304 27.12 29.27 -14.06
N GLU A 305 28.44 29.12 -14.27
CA GLU A 305 29.31 30.26 -14.55
C GLU A 305 28.81 31.13 -15.69
N SER A 306 28.37 30.50 -16.80
CA SER A 306 28.10 31.24 -18.02
C SER A 306 26.94 32.23 -17.85
N ILE A 307 26.02 31.96 -16.93
CA ILE A 307 24.89 32.83 -16.69
C ILE A 307 24.99 33.55 -15.35
N TYR A 308 26.12 33.44 -14.67
CA TYR A 308 26.25 33.96 -13.31
C TYR A 308 26.08 35.48 -13.29
N GLU A 309 26.80 36.18 -14.16
CA GLU A 309 26.70 37.64 -14.18
C GLU A 309 25.29 38.11 -14.52
N GLU A 310 24.67 37.49 -15.53
CA GLU A 310 23.32 37.89 -15.89
C GLU A 310 22.31 37.53 -14.80
N PHE A 311 22.50 36.37 -14.14
CA PHE A 311 21.60 36.01 -13.06
C PHE A 311 21.68 37.01 -11.91
N VAL A 312 22.91 37.32 -11.47
CA VAL A 312 23.08 38.29 -10.39
C VAL A 312 22.47 39.63 -10.79
N ARG A 313 22.74 40.09 -12.01
CA ARG A 313 22.24 41.38 -12.46
C ARG A 313 20.72 41.46 -12.36
N ARG A 314 20.02 40.40 -12.77
CA ARG A 314 18.56 40.42 -12.74
C ARG A 314 18.00 40.17 -11.34
N SER A 315 18.72 39.42 -10.51
CA SER A 315 18.30 39.27 -9.12
C SER A 315 18.35 40.61 -8.39
N VAL A 316 19.44 41.36 -8.59
CA VAL A 316 19.57 42.66 -7.94
C VAL A 316 18.50 43.63 -8.44
N GLU A 317 18.21 43.59 -9.74
CA GLU A 317 17.15 44.43 -10.28
C GLU A 317 15.82 44.16 -9.59
N ARG A 318 15.55 42.89 -9.25
CA ARG A 318 14.25 42.49 -8.73
C ARG A 318 14.16 42.73 -7.23
N ALA A 319 15.24 42.46 -6.50
CA ALA A 319 15.27 42.80 -5.08
C ALA A 319 15.09 44.29 -4.86
N LYS A 320 15.75 45.12 -5.68
CA LYS A 320 15.62 46.56 -5.54
C LYS A 320 14.20 47.03 -5.82
N ARG A 321 13.43 46.28 -6.61
CA ARG A 321 12.04 46.62 -6.91
C ARG A 321 11.05 46.06 -5.93
N ARG A 322 11.47 45.10 -5.09
CA ARG A 322 10.55 44.44 -4.17
C ARG A 322 9.94 45.47 -3.20
N VAL A 323 8.64 45.40 -3.03
CA VAL A 323 7.89 46.41 -2.27
C VAL A 323 7.79 45.97 -0.82
N VAL A 324 8.48 46.69 0.06
CA VAL A 324 8.40 46.50 1.50
C VAL A 324 7.46 47.55 2.05
N GLY A 325 6.60 47.16 3.00
CA GLY A 325 5.70 48.13 3.60
C GLY A 325 4.66 47.47 4.47
N SER A 326 3.59 48.22 4.73
CA SER A 326 2.56 47.81 5.66
C SER A 326 1.85 46.55 5.14
N PRO A 327 1.64 45.54 5.98
CA PRO A 327 0.99 44.31 5.49
C PRO A 327 -0.43 44.52 5.02
N PHE A 328 -1.16 45.50 5.57
CA PHE A 328 -2.53 45.73 5.14
C PHE A 328 -2.61 46.38 3.77
N ASP A 329 -1.50 46.86 3.23
CA ASP A 329 -1.50 47.55 1.93
C ASP A 329 -1.43 46.51 0.82
N PRO A 330 -2.38 46.49 -0.11
CA PRO A 330 -2.40 45.45 -1.15
C PRO A 330 -1.18 45.45 -2.07
N THR A 331 -0.39 46.53 -2.10
CA THR A 331 0.81 46.56 -2.92
C THR A 331 2.03 45.99 -2.21
N THR A 332 1.94 45.71 -0.91
CA THR A 332 3.08 45.24 -0.14
C THR A 332 3.43 43.81 -0.54
N GLU A 333 4.69 43.59 -0.89
CA GLU A 333 5.19 42.25 -1.12
C GLU A 333 5.94 41.68 0.08
N GLN A 334 6.42 42.53 0.98
CA GLN A 334 7.24 42.10 2.11
C GLN A 334 6.87 42.92 3.34
N GLY A 335 6.41 42.25 4.39
CA GLY A 335 6.12 42.91 5.63
C GLY A 335 7.37 43.00 6.50
N PRO A 336 7.18 43.16 7.80
CA PRO A 336 8.33 43.22 8.71
C PRO A 336 8.81 41.83 9.09
N GLN A 337 9.96 41.79 9.76
CA GLN A 337 10.36 40.59 10.47
C GLN A 337 9.58 40.50 11.78
N ILE A 338 9.66 39.34 12.44
CA ILE A 338 8.68 39.03 13.48
C ILE A 338 8.92 39.88 14.74
N ASP A 339 10.17 40.09 15.14
CA ASP A 339 10.43 40.85 16.36
C ASP A 339 11.85 41.38 16.35
N LYS A 340 12.26 41.97 17.48
CA LYS A 340 13.55 42.65 17.56
C LYS A 340 14.71 41.68 17.56
N LYS A 341 14.55 40.52 18.20
CA LYS A 341 15.63 39.55 18.28
C LYS A 341 15.97 38.99 16.90
N GLN A 342 14.95 38.67 16.11
CA GLN A 342 15.18 38.19 14.74
C GLN A 342 15.78 39.29 13.87
N TYR A 343 15.23 40.49 13.95
CA TYR A 343 15.77 41.65 13.27
C TYR A 343 17.27 41.80 13.53
N ASN A 344 17.67 41.72 14.79
CA ASN A 344 19.08 41.89 15.16
C ASN A 344 19.94 40.75 14.61
N LYS A 345 19.42 39.52 14.62
CA LYS A 345 20.17 38.37 14.11
C LYS A 345 20.46 38.53 12.62
N ILE A 346 19.47 39.03 11.87
CA ILE A 346 19.66 39.20 10.43
C ILE A 346 20.69 40.30 10.16
N LEU A 347 20.59 41.43 10.86
CA LEU A 347 21.53 42.52 10.65
C LEU A 347 22.96 42.13 11.04
N GLU A 348 23.13 41.29 12.05
CA GLU A 348 24.48 40.82 12.39
C GLU A 348 25.03 39.89 11.32
N LEU A 349 24.20 38.99 10.79
CA LEU A 349 24.67 38.09 9.76
C LEU A 349 25.01 38.84 8.47
N ILE A 350 24.28 39.91 8.17
CA ILE A 350 24.63 40.75 7.03
C ILE A 350 26.02 41.34 7.22
N GLN A 351 26.29 41.87 8.42
CA GLN A 351 27.60 42.44 8.72
C GLN A 351 28.70 41.40 8.51
N SER A 352 28.49 40.18 9.02
CA SER A 352 29.49 39.12 8.86
C SER A 352 29.70 38.78 7.41
N GLY A 353 28.66 38.89 6.58
CA GLY A 353 28.85 38.67 5.15
C GLY A 353 29.73 39.72 4.52
N VAL A 354 29.48 40.99 4.85
CA VAL A 354 30.36 42.06 4.42
C VAL A 354 31.78 41.83 4.93
N ALA A 355 31.91 41.38 6.18
CA ALA A 355 33.20 41.20 6.82
C ALA A 355 33.95 39.95 6.35
N GLU A 356 33.47 39.27 5.31
CA GLU A 356 34.11 38.03 4.86
C GLU A 356 34.38 37.98 3.36
N GLY A 357 34.08 39.05 2.60
CA GLY A 357 34.38 39.10 1.19
C GLY A 357 33.20 38.93 0.27
N ALA A 358 31.99 38.80 0.79
CA ALA A 358 30.81 38.74 -0.07
C ALA A 358 30.49 40.12 -0.63
N LYS A 359 29.99 40.14 -1.86
CA LYS A 359 29.69 41.38 -2.56
C LYS A 359 28.27 41.80 -2.21
N LEU A 360 28.15 42.85 -1.38
CA LEU A 360 26.85 43.38 -1.00
C LEU A 360 26.32 44.20 -2.17
N GLU A 361 25.47 43.56 -2.97
CA GLU A 361 24.98 44.19 -4.20
C GLU A 361 23.88 45.21 -3.91
N CYS A 362 23.09 45.01 -2.86
CA CYS A 362 22.00 45.91 -2.53
C CYS A 362 21.48 45.56 -1.14
N GLY A 363 20.76 46.50 -0.54
CA GLY A 363 20.23 46.33 0.80
C GLY A 363 21.32 46.44 1.86
N GLY A 364 21.04 45.82 3.00
CA GLY A 364 22.01 45.69 4.08
C GLY A 364 21.59 46.31 5.40
N LYS A 365 20.56 47.16 5.41
CA LYS A 365 20.14 47.84 6.62
C LYS A 365 18.64 47.74 6.79
N GLY A 366 18.18 48.08 8.00
CA GLY A 366 16.76 48.18 8.23
C GLY A 366 16.14 49.37 7.54
N LEU A 367 14.81 49.35 7.46
CA LEU A 367 14.04 50.43 6.86
C LEU A 367 13.24 51.13 7.95
N GLY A 368 13.31 52.46 7.97
CA GLY A 368 12.49 53.23 8.87
C GLY A 368 12.84 53.02 10.33
N ARG A 369 11.97 53.58 11.18
CA ARG A 369 12.22 53.63 12.61
C ARG A 369 11.27 52.78 13.43
N LYS A 370 10.09 52.43 12.91
CA LYS A 370 9.12 51.64 13.64
C LYS A 370 8.96 50.26 13.00
N GLY A 371 8.59 49.29 13.82
CA GLY A 371 8.51 47.94 13.30
C GLY A 371 9.90 47.39 13.06
N PHE A 372 9.94 46.31 12.28
CA PHE A 372 11.17 45.56 12.06
C PHE A 372 11.38 45.27 10.58
N PHE A 373 11.28 46.31 9.75
CA PHE A 373 11.48 46.16 8.32
C PHE A 373 12.96 46.15 7.98
N ILE A 374 13.34 45.27 7.06
CA ILE A 374 14.71 45.17 6.55
C ILE A 374 14.66 45.24 5.03
N GLU A 375 15.60 45.98 4.45
CA GLU A 375 15.71 46.04 3.00
C GLU A 375 15.95 44.65 2.42
N PRO A 376 15.44 44.38 1.22
CA PRO A 376 15.85 43.17 0.50
C PRO A 376 17.35 43.25 0.18
N THR A 377 18.08 42.22 0.61
CA THR A 377 19.54 42.21 0.54
C THR A 377 20.01 41.08 -0.36
N VAL A 378 20.96 41.40 -1.26
CA VAL A 378 21.54 40.42 -2.16
C VAL A 378 23.06 40.39 -1.96
N PHE A 379 23.59 39.18 -1.76
CA PHE A 379 25.02 38.93 -1.72
C PHE A 379 25.39 38.07 -2.92
N SER A 380 26.39 38.49 -3.68
CA SER A 380 27.00 37.64 -4.69
C SER A 380 28.44 37.35 -4.28
N ASN A 381 29.12 36.53 -5.09
CA ASN A 381 30.50 36.11 -4.82
C ASN A 381 30.62 35.44 -3.45
N VAL A 382 29.56 34.75 -3.04
CA VAL A 382 29.52 34.02 -1.77
C VAL A 382 30.18 32.66 -1.95
N THR A 383 30.96 32.25 -0.95
CA THR A 383 31.67 30.98 -0.98
C THR A 383 31.29 30.14 0.25
N ASP A 384 31.61 28.83 0.15
CA ASP A 384 31.02 27.85 1.06
C ASP A 384 31.41 28.09 2.51
N ASP A 385 32.66 28.50 2.75
CA ASP A 385 33.16 28.61 4.12
C ASP A 385 32.56 29.78 4.87
N MET A 386 31.97 30.74 4.17
CA MET A 386 31.46 31.94 4.80
C MET A 386 30.31 31.63 5.76
N ARG A 387 30.21 32.43 6.81
CA ARG A 387 29.16 32.24 7.80
C ARG A 387 27.78 32.35 7.18
N ILE A 388 27.57 33.35 6.33
CA ILE A 388 26.26 33.53 5.72
C ILE A 388 25.88 32.31 4.89
N ALA A 389 26.87 31.61 4.33
CA ALA A 389 26.62 30.41 3.55
C ALA A 389 26.41 29.17 4.40
N LYS A 390 26.69 29.24 5.70
CA LYS A 390 26.59 28.08 6.59
C LYS A 390 25.43 28.16 7.57
N GLU A 391 25.07 29.36 8.02
CA GLU A 391 24.01 29.54 9.01
C GLU A 391 22.76 30.12 8.36
N GLU A 392 21.60 29.70 8.84
CA GLU A 392 20.35 30.14 8.24
C GLU A 392 19.99 31.55 8.72
N ILE A 393 19.80 32.45 7.76
CA ILE A 393 19.40 33.83 8.03
C ILE A 393 17.90 33.89 7.75
N PHE A 394 17.11 33.65 8.79
CA PHE A 394 15.66 33.81 8.65
C PHE A 394 15.27 35.23 8.28
N GLY A 395 15.71 35.70 7.11
CA GLY A 395 15.46 37.05 6.70
C GLY A 395 15.65 37.29 5.21
N PRO A 396 15.27 38.48 4.75
CA PRO A 396 15.31 38.78 3.32
C PRO A 396 16.72 39.00 2.82
N VAL A 397 17.48 37.91 2.69
CA VAL A 397 18.90 37.96 2.37
C VAL A 397 19.19 36.84 1.37
N GLN A 398 19.53 37.22 0.14
CA GLN A 398 19.78 36.28 -0.94
C GLN A 398 21.28 36.14 -1.16
N GLU A 399 21.74 34.89 -1.31
CA GLU A 399 23.16 34.59 -1.43
C GLU A 399 23.39 33.77 -2.68
N ILE A 400 24.20 34.30 -3.59
CA ILE A 400 24.39 33.73 -4.92
C ILE A 400 25.83 33.21 -5.02
N LEU A 401 25.96 31.91 -5.15
CA LEU A 401 27.23 31.25 -5.42
C LEU A 401 27.29 30.87 -6.90
N ARG A 402 28.48 30.53 -7.35
CA ARG A 402 28.70 30.13 -8.73
C ARG A 402 29.33 28.74 -8.77
N PHE A 403 29.16 28.07 -9.90
CA PHE A 403 29.69 26.72 -10.05
C PHE A 403 29.92 26.42 -11.52
N LYS A 404 30.88 25.54 -11.75
CA LYS A 404 31.00 24.78 -12.98
C LYS A 404 30.74 23.32 -12.61
N THR A 405 30.45 22.48 -13.60
CA THR A 405 30.38 21.04 -13.41
C THR A 405 29.22 20.60 -12.52
N MET A 406 28.47 19.59 -12.98
CA MET A 406 27.35 19.09 -12.19
C MET A 406 27.82 18.33 -10.94
N ASP A 407 28.96 17.65 -11.03
CA ASP A 407 29.45 16.89 -9.89
C ASP A 407 29.94 17.80 -8.77
N GLU A 408 30.56 18.92 -9.12
CA GLU A 408 31.06 19.85 -8.11
C GLU A 408 29.92 20.42 -7.27
N VAL A 409 28.84 20.88 -7.93
CA VAL A 409 27.76 21.53 -7.22
C VAL A 409 26.94 20.51 -6.42
N ILE A 410 26.93 19.24 -6.84
CA ILE A 410 26.26 18.21 -6.05
C ILE A 410 27.01 18.00 -4.73
N GLU A 411 28.34 17.96 -4.80
CA GLU A 411 29.15 17.91 -3.58
C GLU A 411 28.85 19.11 -2.69
N ARG A 412 28.90 20.32 -3.26
CA ARG A 412 28.79 21.53 -2.45
C ARG A 412 27.38 21.71 -1.90
N ALA A 413 26.36 21.33 -2.68
CA ALA A 413 24.99 21.41 -2.18
C ALA A 413 24.80 20.48 -0.98
N ASN A 414 25.29 19.24 -1.09
CA ASN A 414 25.09 18.26 -0.03
C ASN A 414 25.99 18.48 1.18
N ASN A 415 27.12 19.18 1.00
CA ASN A 415 28.06 19.43 2.10
C ASN A 415 27.43 20.40 3.08
N SER A 416 26.64 19.85 3.99
CA SER A 416 25.82 20.64 4.90
C SER A 416 25.19 19.70 5.92
N ASP A 417 25.09 20.17 7.16
CA ASP A 417 24.41 19.42 8.20
C ASP A 417 22.89 19.48 8.06
N PHE A 418 22.38 20.40 7.26
CA PHE A 418 20.97 20.51 6.95
C PHE A 418 20.65 19.80 5.65
N GLY A 419 19.41 19.32 5.55
CA GLY A 419 18.94 18.69 4.34
C GLY A 419 17.43 18.69 4.24
N LEU A 420 16.84 19.88 4.39
CA LEU A 420 15.38 19.97 4.36
C LEU A 420 14.85 20.01 2.93
N VAL A 421 15.51 20.76 2.05
CA VAL A 421 14.91 21.15 0.78
C VAL A 421 16.01 21.37 -0.25
N ALA A 422 15.67 21.14 -1.52
CA ALA A 422 16.57 21.44 -2.63
C ALA A 422 15.74 21.75 -3.87
N ALA A 423 16.36 22.48 -4.79
CA ALA A 423 15.73 22.74 -6.08
C ALA A 423 16.77 22.75 -7.16
N VAL A 424 16.38 22.33 -8.36
CA VAL A 424 17.24 22.35 -9.53
C VAL A 424 16.45 22.96 -10.68
N PHE A 425 17.09 23.85 -11.42
CA PHE A 425 16.47 24.44 -12.60
C PHE A 425 17.31 24.06 -13.81
N THR A 426 16.67 23.36 -14.75
CA THR A 426 17.28 22.87 -15.98
C THR A 426 16.16 22.35 -16.86
N ASN A 427 16.39 22.37 -18.17
CA ASN A 427 15.49 21.72 -19.10
C ASN A 427 15.96 20.34 -19.51
N ASP A 428 17.21 19.98 -19.19
CA ASP A 428 17.73 18.66 -19.51
C ASP A 428 17.19 17.64 -18.52
N ILE A 429 16.63 16.54 -19.05
CA ILE A 429 16.04 15.53 -18.19
C ILE A 429 17.11 14.75 -17.43
N ASN A 430 18.28 14.55 -18.02
CA ASN A 430 19.32 13.80 -17.34
C ASN A 430 19.92 14.59 -16.19
N LYS A 431 20.18 15.88 -16.41
CA LYS A 431 20.64 16.75 -15.33
C LYS A 431 19.62 16.79 -14.20
N ALA A 432 18.35 17.06 -14.54
CA ALA A 432 17.31 17.20 -13.53
C ALA A 432 17.18 15.95 -12.68
N LEU A 433 17.25 14.76 -13.29
CA LEU A 433 17.07 13.53 -12.54
C LEU A 433 18.34 13.10 -11.83
N THR A 434 19.52 13.40 -12.40
CA THR A 434 20.77 13.09 -11.73
C THR A 434 20.94 13.92 -10.46
N VAL A 435 20.58 15.20 -10.52
CA VAL A 435 20.79 16.06 -9.36
C VAL A 435 19.72 15.81 -8.29
N SER A 436 18.46 15.60 -8.70
CA SER A 436 17.41 15.37 -7.72
C SER A 436 17.63 14.05 -6.98
N SER A 437 18.13 13.03 -7.67
CA SER A 437 18.43 11.76 -7.01
C SER A 437 19.59 11.90 -6.04
N ALA A 438 20.59 12.72 -6.38
CA ALA A 438 21.78 12.84 -5.54
C ALA A 438 21.59 13.78 -4.36
N MET A 439 20.54 14.61 -4.37
CA MET A 439 20.35 15.58 -3.30
C MET A 439 20.04 14.89 -1.99
N GLN A 440 20.66 15.37 -0.91
CA GLN A 440 20.39 14.87 0.43
C GLN A 440 19.40 15.80 1.13
N ALA A 441 18.16 15.73 0.63
CA ALA A 441 17.10 16.62 1.07
C ALA A 441 15.77 15.87 1.00
N GLY A 442 14.88 16.20 1.94
CA GLY A 442 13.58 15.54 1.98
C GLY A 442 12.65 15.95 0.85
N THR A 443 12.83 17.14 0.31
CA THR A 443 12.03 17.62 -0.81
C THR A 443 12.95 18.24 -1.86
N VAL A 444 12.83 17.76 -3.10
CA VAL A 444 13.55 18.33 -4.22
C VAL A 444 12.51 18.83 -5.22
N TRP A 445 12.58 20.12 -5.55
CA TRP A 445 11.73 20.69 -6.59
C TRP A 445 12.53 20.82 -7.87
N ILE A 446 11.92 20.41 -8.98
CA ILE A 446 12.51 20.57 -10.30
C ILE A 446 11.73 21.68 -11.00
N ASN A 447 12.44 22.77 -11.34
CA ASN A 447 11.90 23.91 -12.09
C ASN A 447 10.75 24.60 -11.34
N CYS A 448 10.79 24.57 -10.02
CA CYS A 448 9.85 25.31 -9.20
C CYS A 448 10.45 25.44 -7.80
N TYR A 449 9.72 26.14 -6.93
CA TYR A 449 10.16 26.30 -5.55
C TYR A 449 8.95 26.56 -4.66
N ASN A 450 9.03 26.03 -3.43
CA ASN A 450 7.99 26.18 -2.42
C ASN A 450 6.65 25.61 -2.88
N ALA A 451 6.70 24.48 -3.60
CA ALA A 451 5.47 23.75 -3.96
C ALA A 451 5.20 22.74 -2.85
N LEU A 452 4.46 23.18 -1.85
CA LEU A 452 4.14 22.38 -0.66
C LEU A 452 2.65 22.09 -0.68
N ASN A 453 2.29 20.95 -1.23
CA ASN A 453 0.91 20.52 -1.29
C ASN A 453 0.57 19.68 -0.06
N ALA A 454 -0.72 19.58 0.24
CA ALA A 454 -1.16 18.76 1.35
C ALA A 454 -0.92 17.27 1.09
N GLN A 455 -0.93 16.86 -0.17
CA GLN A 455 -0.84 15.46 -0.53
C GLN A 455 0.57 14.88 -0.42
N SER A 456 1.59 15.70 -0.16
CA SER A 456 2.95 15.17 -0.31
C SER A 456 3.79 15.39 0.94
N PRO A 457 4.53 14.36 1.37
CA PRO A 457 5.25 14.44 2.65
C PRO A 457 6.41 15.43 2.61
N PHE A 458 6.75 15.93 3.80
CA PHE A 458 7.71 17.01 3.97
C PHE A 458 8.53 16.75 5.23
N GLY A 459 9.84 16.85 5.12
CA GLY A 459 10.70 16.60 6.26
C GLY A 459 12.16 16.66 5.86
N GLY A 460 13.02 16.58 6.87
CA GLY A 460 14.45 16.79 6.69
C GLY A 460 15.26 15.51 6.67
N PHE A 461 16.33 15.53 5.89
CA PHE A 461 17.48 14.65 6.07
C PHE A 461 18.38 15.25 7.14
N LYS A 462 19.28 14.40 7.67
CA LYS A 462 20.36 14.83 8.56
C LYS A 462 19.75 15.61 9.73
N MET A 463 20.31 16.76 10.11
CA MET A 463 19.88 17.52 11.27
C MET A 463 18.74 18.47 10.98
N SER A 464 18.05 18.30 9.87
CA SER A 464 16.87 19.10 9.56
C SER A 464 15.59 18.48 10.10
N GLY A 465 15.65 17.29 10.67
CA GLY A 465 14.51 16.72 11.35
C GLY A 465 14.50 15.20 11.29
N ASN A 466 13.51 14.63 11.95
CA ASN A 466 13.23 13.21 11.95
C ASN A 466 11.76 13.01 11.61
N GLY A 467 11.48 12.10 10.69
CA GLY A 467 10.11 11.83 10.29
C GLY A 467 9.59 12.82 9.28
N ARG A 468 8.34 12.60 8.86
CA ARG A 468 7.72 13.37 7.80
C ARG A 468 6.35 13.88 8.24
N GLU A 469 5.99 15.05 7.73
CA GLU A 469 4.65 15.61 7.88
C GLU A 469 3.98 15.68 6.51
N MET A 470 2.64 15.71 6.54
CA MET A 470 1.80 15.75 5.34
C MET A 470 1.80 14.43 4.57
N GLY A 471 0.90 14.32 3.60
CA GLY A 471 0.77 13.10 2.81
C GLY A 471 0.25 11.93 3.64
N GLU A 472 0.22 10.77 2.98
CA GLU A 472 -0.07 9.54 3.70
C GLU A 472 0.97 9.28 4.78
N PHE A 473 2.22 9.66 4.52
CA PHE A 473 3.31 9.36 5.43
C PHE A 473 3.25 10.19 6.71
N GLY A 474 2.60 11.35 6.68
CA GLY A 474 2.40 12.10 7.90
C GLY A 474 1.55 11.36 8.91
N LEU A 475 0.66 10.49 8.44
CA LEU A 475 -0.15 9.67 9.34
C LEU A 475 0.72 8.71 10.14
N ARG A 476 1.81 8.22 9.56
CA ARG A 476 2.61 7.17 10.19
C ARG A 476 3.14 7.60 11.55
N GLU A 477 3.36 8.89 11.76
CA GLU A 477 3.87 9.39 13.03
C GLU A 477 2.81 9.42 14.13
N TYR A 478 1.54 9.22 13.80
CA TYR A 478 0.45 9.45 14.75
C TYR A 478 -0.33 8.17 15.06
N SER A 479 0.21 7.02 14.69
CA SER A 479 -0.40 5.74 15.04
C SER A 479 0.65 4.85 15.68
N GLU A 480 0.19 3.99 16.59
CA GLU A 480 0.98 2.86 17.03
C GLU A 480 0.47 1.61 16.33
N VAL A 481 1.39 0.73 15.96
CA VAL A 481 1.05 -0.51 15.27
C VAL A 481 0.95 -1.63 16.29
N LYS A 482 -0.17 -2.33 16.29
CA LYS A 482 -0.36 -3.53 17.10
C LYS A 482 -0.50 -4.71 16.16
N THR A 483 0.31 -5.74 16.39
CA THR A 483 0.19 -7.00 15.68
C THR A 483 -0.63 -7.96 16.54
N VAL A 484 -1.68 -8.54 15.96
CA VAL A 484 -2.47 -9.57 16.61
C VAL A 484 -2.29 -10.87 15.85
N THR A 485 -1.80 -11.89 16.54
CA THR A 485 -1.51 -13.18 15.95
C THR A 485 -2.39 -14.24 16.60
N VAL A 486 -3.21 -14.90 15.80
CA VAL A 486 -4.24 -15.82 16.28
C VAL A 486 -3.89 -17.23 15.82
N LYS A 487 -3.79 -18.16 16.76
CA LYS A 487 -3.63 -19.57 16.42
C LYS A 487 -4.91 -20.08 15.78
N ILE A 488 -4.78 -20.80 14.68
CA ILE A 488 -5.93 -21.29 13.92
C ILE A 488 -5.74 -22.79 13.67
N PRO A 489 -6.83 -23.51 13.41
CA PRO A 489 -6.74 -24.99 13.35
C PRO A 489 -5.88 -25.53 12.22
N GLN A 490 -5.99 -25.03 10.98
CA GLN A 490 -5.36 -25.76 9.88
C GLN A 490 -4.59 -24.89 8.88
N LYS A 491 -5.19 -23.78 8.42
CA LYS A 491 -4.60 -22.84 7.46
C LYS A 491 -4.54 -23.38 6.03
N ASN A 492 -5.32 -22.77 5.14
CA ASN A 492 -5.17 -22.89 3.70
C ASN A 492 -4.98 -21.50 3.11
N SER A 493 -4.42 -21.46 1.90
CA SER A 493 -4.07 -20.20 1.25
C SER A 493 -5.28 -19.27 1.10
N PRO B 2 29.32 -19.05 -24.12
CA PRO B 2 28.77 -20.40 -24.21
C PRO B 2 28.36 -20.77 -25.62
N SER B 3 28.37 -22.09 -25.89
CA SER B 3 28.03 -22.69 -27.16
C SER B 3 26.87 -23.66 -26.99
N PRO B 4 26.00 -23.78 -27.98
CA PRO B 4 24.80 -24.61 -27.81
C PRO B 4 25.15 -26.07 -27.59
N THR B 5 24.26 -26.78 -26.91
CA THR B 5 24.38 -28.22 -26.80
C THR B 5 24.30 -28.81 -28.20
N PRO B 6 25.34 -29.49 -28.69
CA PRO B 6 25.45 -29.80 -30.12
C PRO B 6 24.26 -30.56 -30.70
N ASN B 7 24.32 -31.88 -30.70
CA ASN B 7 23.19 -32.70 -31.15
C ASN B 7 22.34 -33.00 -29.92
N LEU B 8 21.29 -32.19 -29.73
CA LEU B 8 20.49 -32.23 -28.52
C LEU B 8 19.26 -33.13 -28.72
N GLU B 9 19.13 -34.15 -27.87
CA GLU B 9 17.91 -34.95 -27.86
C GLU B 9 16.78 -34.13 -27.26
N ILE B 10 15.61 -34.17 -27.91
CA ILE B 10 14.40 -33.56 -27.34
C ILE B 10 13.70 -34.69 -26.58
N LYS B 11 13.98 -34.77 -25.28
CA LYS B 11 13.50 -35.89 -24.47
C LYS B 11 12.01 -35.79 -24.15
N TYR B 12 11.50 -34.57 -23.93
CA TYR B 12 10.18 -34.38 -23.35
C TYR B 12 9.19 -33.93 -24.43
N THR B 13 8.33 -34.86 -24.84
CA THR B 13 7.37 -34.60 -25.90
C THR B 13 5.93 -34.94 -25.52
N LYS B 14 5.69 -35.46 -24.33
CA LYS B 14 4.36 -35.88 -23.92
C LYS B 14 3.61 -34.74 -23.24
N ILE B 15 2.36 -35.00 -22.92
CA ILE B 15 1.54 -34.07 -22.14
C ILE B 15 1.93 -34.20 -20.67
N PHE B 16 1.93 -33.08 -19.95
CA PHE B 16 2.35 -33.03 -18.55
C PHE B 16 1.12 -32.74 -17.68
N ILE B 17 0.58 -33.79 -17.07
CA ILE B 17 -0.57 -33.69 -16.16
C ILE B 17 -0.25 -34.45 -14.89
N ASN B 18 -0.50 -33.81 -13.74
CA ASN B 18 -0.38 -34.47 -12.44
C ASN B 18 1.05 -34.97 -12.20
N ASN B 19 2.04 -34.24 -12.71
CA ASN B 19 3.44 -34.61 -12.64
C ASN B 19 3.76 -35.90 -13.39
N GLU B 20 2.88 -36.32 -14.31
CA GLU B 20 3.07 -37.50 -15.12
C GLU B 20 3.12 -37.13 -16.60
N TRP B 21 3.89 -37.90 -17.36
CA TRP B 21 3.98 -37.73 -18.81
C TRP B 21 2.96 -38.64 -19.48
N GLN B 22 2.15 -38.07 -20.36
CA GLN B 22 0.99 -38.79 -20.88
C GLN B 22 0.85 -38.60 -22.39
N ASN B 23 0.28 -39.62 -23.02
CA ASN B 23 -0.15 -39.51 -24.41
C ASN B 23 -1.47 -38.77 -24.48
N SER B 24 -1.75 -38.20 -25.65
CA SER B 24 -3.05 -37.61 -25.89
C SER B 24 -4.13 -38.69 -25.91
N GLU B 25 -5.34 -38.31 -25.50
CA GLU B 25 -6.45 -39.26 -25.50
C GLU B 25 -6.72 -39.81 -26.88
N SER B 26 -6.64 -38.95 -27.90
CA SER B 26 -6.88 -39.39 -29.28
C SER B 26 -5.74 -40.23 -29.83
N GLY B 27 -4.54 -40.10 -29.27
CA GLY B 27 -3.35 -40.68 -29.86
C GLY B 27 -2.73 -39.85 -30.95
N ARG B 28 -3.29 -38.67 -31.25
CA ARG B 28 -2.76 -37.82 -32.30
C ARG B 28 -1.51 -37.09 -31.82
N VAL B 29 -0.62 -36.81 -32.77
CA VAL B 29 0.59 -36.03 -32.52
C VAL B 29 0.70 -34.97 -33.60
N PHE B 30 1.51 -33.95 -33.33
CA PHE B 30 1.72 -32.90 -34.31
C PHE B 30 3.21 -32.64 -34.48
N PRO B 31 3.63 -32.15 -35.65
CA PRO B 31 5.05 -31.95 -35.90
C PRO B 31 5.54 -30.61 -35.38
N VAL B 32 6.79 -30.60 -34.93
CA VAL B 32 7.47 -29.39 -34.48
C VAL B 32 8.67 -29.16 -35.39
N TYR B 33 8.80 -27.94 -35.89
CA TYR B 33 9.76 -27.63 -36.93
C TYR B 33 10.83 -26.66 -36.45
N ASN B 34 12.03 -26.82 -37.02
CA ASN B 34 13.10 -25.84 -36.86
C ASN B 34 12.96 -24.80 -37.96
N PRO B 35 12.71 -23.52 -37.62
CA PRO B 35 12.37 -22.53 -38.65
C PRO B 35 13.53 -22.03 -39.48
N ALA B 36 14.77 -22.27 -39.06
CA ALA B 36 15.93 -21.89 -39.86
C ALA B 36 16.24 -22.88 -40.96
N THR B 37 15.53 -24.00 -40.99
CA THR B 37 15.91 -25.16 -41.79
C THR B 37 14.74 -25.87 -42.45
N GLY B 38 13.51 -25.71 -41.96
CA GLY B 38 12.36 -26.37 -42.53
C GLY B 38 12.15 -27.79 -42.02
N GLU B 39 13.21 -28.45 -41.58
CA GLU B 39 13.10 -29.87 -41.27
C GLU B 39 12.38 -30.07 -39.94
N GLN B 40 11.85 -31.28 -39.77
CA GLN B 40 11.04 -31.61 -38.61
C GLN B 40 11.93 -31.96 -37.43
N VAL B 41 11.66 -31.36 -36.27
CA VAL B 41 12.48 -31.59 -35.09
C VAL B 41 12.06 -32.88 -34.39
N CYS B 42 10.76 -33.05 -34.17
CA CYS B 42 10.23 -34.16 -33.39
C CYS B 42 8.71 -34.14 -33.53
N GLU B 43 8.04 -35.00 -32.75
CA GLU B 43 6.59 -35.07 -32.70
C GLU B 43 6.14 -34.96 -31.26
N VAL B 44 5.06 -34.22 -31.04
CA VAL B 44 4.56 -33.93 -29.70
C VAL B 44 3.10 -34.38 -29.61
N GLN B 45 2.74 -34.97 -28.47
CA GLN B 45 1.35 -35.34 -28.22
C GLN B 45 0.45 -34.13 -28.33
N GLU B 46 -0.69 -34.30 -29.00
CA GLU B 46 -1.59 -33.20 -29.34
C GLU B 46 -2.79 -33.23 -28.39
N ALA B 47 -2.79 -32.32 -27.43
CA ALA B 47 -3.90 -32.25 -26.50
C ALA B 47 -5.16 -31.71 -27.18
N ASP B 48 -6.31 -32.18 -26.70
CA ASP B 48 -7.60 -31.68 -27.11
C ASP B 48 -8.48 -31.57 -25.87
N LYS B 49 -9.77 -31.28 -26.09
CA LYS B 49 -10.71 -31.05 -24.99
C LYS B 49 -10.64 -32.14 -23.92
N ALA B 50 -10.50 -33.40 -24.35
CA ALA B 50 -10.50 -34.51 -23.40
C ALA B 50 -9.28 -34.45 -22.48
N ASP B 51 -8.12 -34.05 -23.00
CA ASP B 51 -6.93 -33.93 -22.16
C ASP B 51 -7.03 -32.71 -21.25
N ILE B 52 -7.60 -31.62 -21.75
CA ILE B 52 -7.83 -30.44 -20.91
C ILE B 52 -8.73 -30.77 -19.74
N ASP B 53 -9.70 -31.68 -19.95
CA ASP B 53 -10.58 -32.07 -18.86
C ASP B 53 -9.83 -32.84 -17.79
N LYS B 54 -8.94 -33.75 -18.19
CA LYS B 54 -8.12 -34.45 -17.20
C LYS B 54 -7.21 -33.48 -16.45
N ALA B 55 -6.66 -32.50 -17.16
CA ALA B 55 -5.73 -31.56 -16.55
C ALA B 55 -6.44 -30.67 -15.53
N VAL B 56 -7.61 -30.14 -15.90
CA VAL B 56 -8.41 -29.34 -14.97
C VAL B 56 -8.73 -30.14 -13.72
N GLN B 57 -9.20 -31.38 -13.93
CA GLN B 57 -9.47 -32.27 -12.79
C GLN B 57 -8.24 -32.44 -11.91
N ALA B 58 -7.07 -32.58 -12.53
CA ALA B 58 -5.84 -32.64 -11.76
C ALA B 58 -5.59 -31.33 -11.02
N ALA B 59 -5.82 -30.20 -11.69
CA ALA B 59 -5.59 -28.90 -11.07
C ALA B 59 -6.60 -28.62 -9.97
N ARG B 60 -7.84 -29.09 -10.13
CA ARG B 60 -8.86 -28.83 -9.11
C ARG B 60 -8.58 -29.64 -7.84
N LEU B 61 -8.17 -30.90 -8.00
CA LEU B 61 -7.88 -31.72 -6.83
C LEU B 61 -6.67 -31.19 -6.08
N ALA B 62 -5.65 -30.72 -6.81
CA ALA B 62 -4.48 -30.14 -6.18
C ALA B 62 -4.78 -28.83 -5.47
N PHE B 63 -5.87 -28.16 -5.84
CA PHE B 63 -6.25 -26.90 -5.21
C PHE B 63 -7.24 -27.08 -4.05
N SER B 64 -7.70 -28.31 -3.81
CA SER B 64 -8.72 -28.51 -2.78
C SER B 64 -8.18 -28.20 -1.39
N LEU B 65 -9.10 -27.87 -0.49
CA LEU B 65 -8.72 -27.52 0.88
C LEU B 65 -8.00 -28.67 1.56
N GLY B 66 -6.98 -28.34 2.35
CA GLY B 66 -6.20 -29.33 3.05
C GLY B 66 -5.21 -30.09 2.18
N SER B 67 -5.14 -29.76 0.89
CA SER B 67 -4.13 -30.38 0.04
C SER B 67 -2.75 -29.83 0.38
N VAL B 68 -1.73 -30.52 -0.14
CA VAL B 68 -0.35 -30.10 0.09
C VAL B 68 -0.14 -28.66 -0.37
N TRP B 69 -0.65 -28.33 -1.55
CA TRP B 69 -0.45 -27.01 -2.13
C TRP B 69 -1.17 -25.92 -1.35
N ARG B 70 -2.35 -26.21 -0.80
CA ARG B 70 -3.09 -25.19 -0.05
C ARG B 70 -2.51 -24.98 1.34
N ARG B 71 -1.98 -26.03 1.97
CA ARG B 71 -1.45 -25.94 3.32
C ARG B 71 0.02 -25.51 3.37
N MET B 72 0.73 -25.59 2.26
CA MET B 72 2.11 -25.11 2.21
C MET B 72 2.21 -23.66 2.67
N ASP B 73 3.21 -23.38 3.50
CA ASP B 73 3.50 -21.99 3.88
C ASP B 73 3.76 -21.17 2.63
N ALA B 74 3.32 -19.91 2.65
CA ALA B 74 3.56 -19.01 1.52
C ALA B 74 5.06 -18.90 1.25
N SER B 75 5.87 -18.85 2.31
CA SER B 75 7.31 -18.83 2.12
C SER B 75 7.80 -20.08 1.39
N GLU B 76 7.14 -21.22 1.60
CA GLU B 76 7.57 -22.43 0.91
C GLU B 76 7.17 -22.43 -0.55
N ARG B 77 6.06 -21.78 -0.90
CA ARG B 77 5.77 -21.49 -2.30
C ARG B 77 6.92 -20.71 -2.92
N GLY B 78 7.39 -19.69 -2.22
CA GLY B 78 8.52 -18.91 -2.73
C GLY B 78 9.77 -19.75 -2.89
N ARG B 79 10.04 -20.62 -1.92
CA ARG B 79 11.21 -21.50 -2.02
C ARG B 79 11.11 -22.40 -3.24
N LEU B 80 9.91 -22.89 -3.55
CA LEU B 80 9.73 -23.72 -4.74
C LEU B 80 10.02 -22.93 -6.01
N LEU B 81 9.57 -21.68 -6.07
CA LEU B 81 9.89 -20.83 -7.21
C LEU B 81 11.38 -20.53 -7.28
N ASP B 82 12.04 -20.44 -6.12
CA ASP B 82 13.48 -20.26 -6.09
C ASP B 82 14.20 -21.49 -6.66
N LYS B 83 13.77 -22.68 -6.24
CA LYS B 83 14.38 -23.90 -6.75
C LYS B 83 14.22 -24.01 -8.26
N LEU B 84 13.05 -23.61 -8.78
CA LEU B 84 12.82 -23.66 -10.22
C LEU B 84 13.81 -22.77 -10.96
N ALA B 85 14.11 -21.59 -10.41
CA ALA B 85 15.12 -20.72 -11.02
C ALA B 85 16.50 -21.34 -10.93
N ASP B 86 16.82 -21.95 -9.80
CA ASP B 86 18.09 -22.68 -9.68
C ASP B 86 18.24 -23.68 -10.82
N LEU B 87 17.18 -24.45 -11.07
CA LEU B 87 17.24 -25.51 -12.08
C LEU B 87 17.34 -24.92 -13.49
N VAL B 88 16.51 -23.93 -13.80
CA VAL B 88 16.59 -23.26 -15.09
C VAL B 88 18.00 -22.74 -15.33
N GLU B 89 18.61 -22.15 -14.30
CA GLU B 89 19.98 -21.67 -14.42
C GLU B 89 20.94 -22.81 -14.73
N ARG B 90 20.81 -23.93 -14.01
CA ARG B 90 21.68 -25.08 -14.27
C ARG B 90 21.59 -25.52 -15.73
N ASP B 91 20.38 -25.81 -16.20
CA ASP B 91 20.14 -26.23 -17.57
C ASP B 91 19.97 -25.05 -18.53
N ARG B 92 20.66 -23.93 -18.27
CA ARG B 92 20.50 -22.74 -19.09
C ARG B 92 20.94 -22.98 -20.53
N ALA B 93 22.06 -23.66 -20.72
CA ALA B 93 22.55 -23.90 -22.07
C ALA B 93 21.56 -24.76 -22.87
N VAL B 94 21.01 -25.80 -22.24
CA VAL B 94 20.04 -26.67 -22.91
C VAL B 94 18.83 -25.87 -23.34
N LEU B 95 18.32 -25.01 -22.45
CA LEU B 95 17.06 -24.32 -22.72
C LEU B 95 17.23 -23.24 -23.78
N ALA B 96 18.36 -22.53 -23.77
CA ALA B 96 18.62 -21.54 -24.82
C ALA B 96 18.74 -22.23 -26.18
N THR B 97 19.40 -23.39 -26.20
CA THR B 97 19.53 -24.16 -27.44
C THR B 97 18.17 -24.59 -27.97
N MET B 98 17.30 -25.07 -27.08
CA MET B 98 15.93 -25.38 -27.48
C MET B 98 15.22 -24.15 -28.02
N GLU B 99 15.43 -23.00 -27.39
CA GLU B 99 14.76 -21.78 -27.83
C GLU B 99 15.25 -21.33 -29.20
N SER B 100 16.53 -21.54 -29.50
CA SER B 100 17.03 -21.28 -30.85
C SER B 100 16.47 -22.28 -31.84
N LEU B 101 16.68 -23.57 -31.58
CA LEU B 101 16.30 -24.62 -32.50
C LEU B 101 14.81 -24.66 -32.80
N ASN B 102 13.98 -24.16 -31.88
CA ASN B 102 12.53 -24.20 -32.03
C ASN B 102 11.91 -22.86 -32.42
N GLY B 103 12.40 -21.75 -31.84
CA GLY B 103 11.84 -20.46 -32.14
C GLY B 103 12.65 -19.65 -33.14
N GLY B 104 13.86 -20.09 -33.42
CA GLY B 104 14.70 -19.38 -34.37
C GLY B 104 15.30 -18.11 -33.84
N LYS B 105 15.53 -18.02 -32.54
CA LYS B 105 16.26 -16.87 -32.02
C LYS B 105 17.75 -17.17 -32.00
N PRO B 106 18.59 -16.19 -32.32
CA PRO B 106 20.04 -16.37 -32.17
C PRO B 106 20.39 -16.87 -30.77
N PHE B 107 21.20 -17.94 -30.73
CA PHE B 107 21.44 -18.63 -29.46
C PHE B 107 22.05 -17.71 -28.43
N LEU B 108 22.91 -16.78 -28.86
CA LEU B 108 23.51 -15.84 -27.93
C LEU B 108 22.45 -14.96 -27.27
N GLN B 109 21.52 -14.44 -28.07
CA GLN B 109 20.46 -13.59 -27.52
C GLN B 109 19.42 -14.39 -26.75
N ALA B 110 19.27 -15.68 -27.04
CA ALA B 110 18.38 -16.52 -26.23
C ALA B 110 19.03 -16.91 -24.90
N PHE B 111 20.36 -17.01 -24.87
CA PHE B 111 21.05 -17.35 -23.65
C PHE B 111 21.15 -16.15 -22.71
N TYR B 112 21.40 -14.97 -23.25
CA TYR B 112 21.71 -13.80 -22.44
C TYR B 112 20.54 -12.85 -22.23
N VAL B 113 19.46 -13.00 -23.01
CA VAL B 113 18.27 -12.16 -22.87
C VAL B 113 17.07 -12.97 -22.40
N ASP B 114 16.65 -13.95 -23.20
CA ASP B 114 15.45 -14.73 -22.86
C ASP B 114 15.64 -15.48 -21.55
N LEU B 115 16.74 -16.21 -21.41
CA LEU B 115 16.92 -17.05 -20.24
C LEU B 115 17.29 -16.24 -19.00
N GLN B 116 17.91 -15.08 -19.18
CA GLN B 116 18.06 -14.20 -18.04
C GLN B 116 16.71 -13.67 -17.57
N GLY B 117 15.83 -13.35 -18.51
CA GLY B 117 14.49 -12.92 -18.14
C GLY B 117 13.73 -13.99 -17.38
N VAL B 118 13.92 -15.26 -17.76
CA VAL B 118 13.22 -16.36 -17.09
C VAL B 118 13.73 -16.52 -15.66
N ILE B 119 15.05 -16.60 -15.49
CA ILE B 119 15.62 -16.79 -14.16
C ILE B 119 15.25 -15.64 -13.24
N LYS B 120 15.30 -14.41 -13.76
CA LYS B 120 14.97 -13.24 -12.94
C LYS B 120 13.48 -13.16 -12.62
N THR B 121 12.63 -13.64 -13.53
CA THR B 121 11.19 -13.64 -13.26
C THR B 121 10.85 -14.58 -12.11
N PHE B 122 11.32 -15.82 -12.18
CA PHE B 122 11.09 -16.77 -11.09
C PHE B 122 11.63 -16.25 -9.77
N ARG B 123 12.84 -15.67 -9.78
CA ARG B 123 13.44 -15.19 -8.54
C ARG B 123 12.65 -14.00 -7.98
N TYR B 124 12.13 -13.15 -8.85
CA TYR B 124 11.34 -12.01 -8.38
C TYR B 124 10.08 -12.49 -7.66
N TYR B 125 9.29 -13.35 -8.31
CA TYR B 125 8.03 -13.78 -7.76
C TYR B 125 8.19 -14.77 -6.62
N ALA B 126 9.36 -15.41 -6.50
CA ALA B 126 9.66 -16.19 -5.31
C ALA B 126 9.62 -15.32 -4.06
N GLY B 127 10.02 -14.04 -4.20
CA GLY B 127 10.02 -13.15 -3.06
C GLY B 127 8.67 -12.58 -2.70
N TRP B 128 7.71 -12.56 -3.64
CA TRP B 128 6.41 -11.99 -3.35
C TRP B 128 5.52 -12.92 -2.54
N ALA B 129 5.84 -14.21 -2.52
CA ALA B 129 4.90 -15.24 -2.05
C ALA B 129 4.36 -14.94 -0.66
N ASP B 130 5.25 -14.67 0.29
CA ASP B 130 4.82 -14.39 1.66
C ASP B 130 4.69 -12.91 1.95
N LYS B 131 4.55 -12.09 0.91
CA LYS B 131 4.42 -10.65 1.07
C LYS B 131 3.16 -10.12 0.41
N ILE B 132 2.19 -11.00 0.15
CA ILE B 132 0.89 -10.60 -0.37
C ILE B 132 -0.01 -10.35 0.84
N HIS B 133 -0.42 -9.09 1.01
CA HIS B 133 -1.08 -8.64 2.22
C HIS B 133 -2.51 -8.22 1.94
N GLY B 134 -3.42 -8.61 2.82
CA GLY B 134 -4.73 -8.00 2.92
C GLY B 134 -4.68 -6.72 3.73
N MET B 135 -5.86 -6.23 4.11
CA MET B 135 -5.91 -5.03 4.94
C MET B 135 -6.95 -5.19 6.04
N THR B 136 -6.77 -4.41 7.10
CA THR B 136 -7.77 -4.23 8.14
C THR B 136 -8.33 -2.82 8.03
N ILE B 137 -9.65 -2.71 8.15
CA ILE B 137 -10.39 -1.55 7.66
C ILE B 137 -11.13 -0.89 8.83
N PRO B 138 -10.92 0.41 9.09
CA PRO B 138 -11.60 1.16 10.18
C PRO B 138 -13.04 1.50 9.81
N VAL B 139 -13.88 0.48 9.83
CA VAL B 139 -15.20 0.53 9.23
C VAL B 139 -16.18 1.17 10.21
N ASP B 140 -17.24 1.78 9.65
CA ASP B 140 -18.31 2.33 10.47
C ASP B 140 -18.97 1.22 11.30
N GLY B 141 -19.37 1.55 12.52
CA GLY B 141 -20.13 0.62 13.32
C GLY B 141 -19.27 -0.24 14.23
N ASP B 142 -19.95 -1.03 15.06
CA ASP B 142 -19.28 -1.93 16.00
C ASP B 142 -18.84 -3.19 15.25
N TYR B 143 -17.82 -3.04 14.42
CA TYR B 143 -17.35 -4.14 13.59
C TYR B 143 -15.84 -4.14 13.50
N PHE B 144 -15.29 -5.33 13.28
CA PHE B 144 -13.90 -5.53 12.91
C PHE B 144 -13.89 -6.14 11.52
N THR B 145 -13.29 -5.43 10.56
CA THR B 145 -13.31 -5.83 9.16
C THR B 145 -11.90 -5.97 8.63
N PHE B 146 -11.64 -7.06 7.90
CA PHE B 146 -10.37 -7.30 7.23
C PHE B 146 -10.61 -8.01 5.90
N THR B 147 -9.58 -8.07 5.06
CA THR B 147 -9.65 -8.80 3.80
C THR B 147 -8.55 -9.84 3.72
N ARG B 148 -8.90 -11.00 3.18
CA ARG B 148 -7.93 -12.03 2.83
C ARG B 148 -7.69 -12.00 1.32
N HIS B 149 -6.45 -12.24 0.92
CA HIS B 149 -6.08 -12.36 -0.48
C HIS B 149 -5.77 -13.83 -0.75
N GLU B 150 -6.73 -14.54 -1.33
CA GLU B 150 -6.61 -15.96 -1.58
C GLU B 150 -6.40 -16.24 -3.06
N PRO B 151 -5.81 -17.39 -3.39
CA PRO B 151 -5.78 -17.82 -4.80
C PRO B 151 -7.19 -17.98 -5.35
N ILE B 152 -7.30 -17.84 -6.67
CA ILE B 152 -8.61 -17.97 -7.30
C ILE B 152 -8.95 -19.42 -7.55
N GLY B 153 -7.95 -20.26 -7.83
CA GLY B 153 -8.21 -21.64 -8.17
C GLY B 153 -7.47 -22.07 -9.42
N VAL B 154 -8.12 -22.86 -10.27
CA VAL B 154 -7.52 -23.32 -11.51
C VAL B 154 -7.46 -22.16 -12.49
N CYS B 155 -6.24 -21.79 -12.89
CA CYS B 155 -6.02 -20.76 -13.90
C CYS B 155 -5.62 -21.41 -15.21
N GLY B 156 -6.38 -21.12 -16.27
CA GLY B 156 -5.98 -21.48 -17.62
C GLY B 156 -5.11 -20.39 -18.22
N GLN B 157 -4.09 -20.81 -18.97
CA GLN B 157 -3.12 -19.87 -19.51
C GLN B 157 -2.75 -20.26 -20.93
N ILE B 158 -2.88 -19.29 -21.86
CA ILE B 158 -2.61 -19.50 -23.27
C ILE B 158 -1.62 -18.44 -23.72
N ILE B 159 -0.53 -18.87 -24.37
CA ILE B 159 0.60 -17.99 -24.67
C ILE B 159 0.95 -18.16 -26.14
N PRO B 160 1.59 -17.13 -26.75
CA PRO B 160 2.01 -17.26 -28.15
C PRO B 160 3.39 -17.89 -28.29
N TRP B 161 4.05 -17.64 -29.43
CA TRP B 161 5.25 -18.37 -29.81
C TRP B 161 6.51 -17.53 -29.88
N ASN B 162 6.43 -16.20 -29.75
CA ASN B 162 7.60 -15.37 -30.02
C ASN B 162 8.57 -15.30 -28.84
N PHE B 163 8.10 -15.56 -27.62
CA PHE B 163 8.98 -15.63 -26.44
C PHE B 163 8.52 -16.82 -25.60
N PRO B 164 8.64 -18.03 -26.14
CA PRO B 164 7.95 -19.18 -25.54
C PRO B 164 8.30 -19.44 -24.09
N LEU B 165 9.60 -19.44 -23.75
CA LEU B 165 9.98 -19.73 -22.38
C LEU B 165 9.71 -18.56 -21.45
N LEU B 166 9.95 -17.32 -21.92
CA LEU B 166 9.72 -16.15 -21.08
C LEU B 166 8.22 -15.93 -20.86
N MET B 167 7.41 -16.15 -21.89
CA MET B 167 5.96 -16.10 -21.71
C MET B 167 5.51 -17.15 -20.69
N PHE B 168 6.13 -18.33 -20.74
CA PHE B 168 5.82 -19.39 -19.79
C PHE B 168 6.07 -18.95 -18.36
N ALA B 169 7.28 -18.43 -18.10
CA ALA B 169 7.61 -17.93 -16.77
C ALA B 169 6.67 -16.80 -16.35
N TRP B 170 6.48 -15.82 -17.24
CA TRP B 170 5.61 -14.67 -16.94
C TRP B 170 4.21 -15.11 -16.53
N LYS B 171 3.78 -16.30 -16.94
CA LYS B 171 2.43 -16.75 -16.64
C LYS B 171 2.35 -17.59 -15.36
N ILE B 172 3.22 -18.58 -15.21
CA ILE B 172 3.09 -19.45 -14.04
C ILE B 172 3.66 -18.82 -12.78
N ALA B 173 4.70 -17.97 -12.90
CA ALA B 173 5.34 -17.43 -11.71
C ALA B 173 4.38 -16.59 -10.87
N PRO B 174 3.71 -15.55 -11.39
CA PRO B 174 2.72 -14.86 -10.56
C PRO B 174 1.55 -15.74 -10.16
N ALA B 175 1.15 -16.67 -11.01
CA ALA B 175 0.02 -17.53 -10.67
C ALA B 175 0.35 -18.46 -9.50
N LEU B 176 1.53 -19.10 -9.53
CA LEU B 176 1.91 -20.00 -8.45
C LEU B 176 2.28 -19.24 -7.18
N CYS B 177 2.94 -18.08 -7.35
CA CYS B 177 3.25 -17.22 -6.21
C CYS B 177 2.02 -16.91 -5.39
N CYS B 178 0.87 -16.77 -6.05
CA CYS B 178 -0.40 -16.47 -5.38
C CYS B 178 -1.12 -17.72 -4.88
N GLY B 179 -0.61 -18.90 -5.17
CA GLY B 179 -1.19 -20.13 -4.66
C GLY B 179 -2.18 -20.82 -5.57
N ASN B 180 -2.28 -20.41 -6.83
CA ASN B 180 -3.20 -21.06 -7.76
C ASN B 180 -2.59 -22.35 -8.31
N THR B 181 -3.42 -23.11 -9.02
CA THR B 181 -2.97 -24.21 -9.85
C THR B 181 -3.25 -23.83 -11.31
N VAL B 182 -2.50 -24.45 -12.23
CA VAL B 182 -2.33 -23.89 -13.56
C VAL B 182 -2.51 -24.97 -14.61
N VAL B 183 -3.32 -24.67 -15.62
CA VAL B 183 -3.40 -25.41 -16.87
C VAL B 183 -2.91 -24.47 -17.96
N ILE B 184 -1.78 -24.78 -18.57
CA ILE B 184 -1.14 -23.87 -19.53
C ILE B 184 -0.98 -24.58 -20.87
N LYS B 185 -1.29 -23.87 -21.95
CA LYS B 185 -1.18 -24.41 -23.31
C LYS B 185 -0.15 -23.60 -24.11
N PRO B 186 1.07 -24.09 -24.26
CA PRO B 186 2.06 -23.37 -25.06
C PRO B 186 1.64 -23.33 -26.52
N ALA B 187 2.34 -22.49 -27.28
CA ALA B 187 2.01 -22.32 -28.69
C ALA B 187 2.30 -23.59 -29.47
N GLU B 188 1.37 -23.92 -30.38
CA GLU B 188 1.56 -25.03 -31.31
C GLU B 188 2.92 -24.97 -31.98
N GLN B 189 3.40 -23.76 -32.27
CA GLN B 189 4.68 -23.62 -32.96
C GLN B 189 5.85 -23.99 -32.06
N THR B 190 5.79 -23.62 -30.78
CA THR B 190 6.94 -23.71 -29.88
C THR B 190 6.55 -24.27 -28.52
N PRO B 191 6.27 -25.58 -28.45
CA PRO B 191 5.98 -26.20 -27.15
C PRO B 191 7.17 -26.78 -26.41
N LEU B 192 8.35 -26.79 -27.01
CA LEU B 192 9.43 -27.66 -26.52
C LEU B 192 10.03 -27.16 -25.22
N SER B 193 10.36 -25.86 -25.13
CA SER B 193 10.91 -25.34 -23.89
C SER B 193 9.90 -25.43 -22.75
N ALA B 194 8.62 -25.20 -23.05
CA ALA B 194 7.58 -25.37 -22.05
C ALA B 194 7.54 -26.80 -21.54
N LEU B 195 7.64 -27.79 -22.44
CA LEU B 195 7.59 -29.18 -22.02
C LEU B 195 8.84 -29.57 -21.25
N TYR B 196 10.00 -29.02 -21.63
CA TYR B 196 11.20 -29.24 -20.82
C TYR B 196 11.00 -28.68 -19.42
N MET B 197 10.37 -27.51 -19.31
CA MET B 197 10.10 -26.93 -18.00
C MET B 197 9.26 -27.86 -17.13
N GLY B 198 8.41 -28.68 -17.75
CA GLY B 198 7.65 -29.65 -16.98
C GLY B 198 8.54 -30.56 -16.15
N ALA B 199 9.65 -31.03 -16.74
CA ALA B 199 10.55 -31.92 -16.02
C ALA B 199 11.24 -31.22 -14.86
N LEU B 200 11.66 -29.96 -15.06
CA LEU B 200 12.23 -29.20 -13.96
C LEU B 200 11.22 -28.94 -12.87
N ILE B 201 9.95 -28.75 -13.25
CA ILE B 201 8.89 -28.53 -12.27
C ILE B 201 8.75 -29.74 -11.37
N LYS B 202 8.72 -30.94 -11.96
CA LYS B 202 8.69 -32.16 -11.16
C LYS B 202 9.91 -32.25 -10.27
N GLU B 203 11.10 -32.02 -10.83
CA GLU B 203 12.33 -32.10 -10.06
C GLU B 203 12.36 -31.09 -8.92
N ALA B 204 11.82 -29.90 -9.15
CA ALA B 204 11.87 -28.84 -8.14
C ALA B 204 11.06 -29.20 -6.90
N GLY B 205 10.00 -29.98 -7.05
CA GLY B 205 9.25 -30.45 -5.90
C GLY B 205 7.78 -30.06 -5.87
N PHE B 206 7.31 -29.40 -6.93
CA PHE B 206 5.93 -28.94 -6.98
C PHE B 206 4.97 -30.13 -6.83
N PRO B 207 3.93 -30.01 -6.00
CA PRO B 207 2.99 -31.11 -5.85
C PRO B 207 2.33 -31.45 -7.17
N PRO B 208 1.89 -32.70 -7.35
CA PRO B 208 1.25 -33.08 -8.60
C PRO B 208 -0.02 -32.29 -8.85
N GLY B 209 -0.25 -31.96 -10.13
CA GLY B 209 -1.43 -31.22 -10.54
C GLY B 209 -1.32 -29.72 -10.40
N VAL B 210 -0.25 -29.21 -9.79
CA VAL B 210 -0.14 -27.77 -9.55
C VAL B 210 0.11 -27.03 -10.86
N ILE B 211 0.96 -27.58 -11.73
CA ILE B 211 1.16 -27.07 -13.09
C ILE B 211 0.94 -28.22 -14.06
N ASN B 212 0.04 -28.01 -15.02
CA ASN B 212 -0.24 -28.98 -16.07
C ASN B 212 -0.01 -28.32 -17.42
N ILE B 213 0.78 -28.98 -18.27
CA ILE B 213 1.22 -28.42 -19.55
C ILE B 213 0.65 -29.28 -20.66
N LEU B 214 -0.12 -28.66 -21.56
CA LEU B 214 -0.82 -29.37 -22.62
C LEU B 214 -0.53 -28.72 -23.97
N PRO B 215 0.45 -29.24 -24.71
CA PRO B 215 0.69 -28.73 -26.06
C PRO B 215 -0.45 -29.11 -26.99
N GLY B 216 -0.74 -28.23 -27.94
CA GLY B 216 -1.81 -28.49 -28.88
C GLY B 216 -2.17 -27.23 -29.64
N TYR B 217 -3.16 -27.39 -30.52
CA TYR B 217 -3.57 -26.31 -31.38
C TYR B 217 -4.55 -25.39 -30.65
N GLY B 218 -4.79 -24.22 -31.25
CA GLY B 218 -5.60 -23.19 -30.66
C GLY B 218 -7.09 -23.48 -30.62
N PRO B 219 -7.70 -23.74 -31.78
CA PRO B 219 -9.14 -24.01 -31.80
C PRO B 219 -9.55 -25.23 -30.99
N THR B 220 -8.63 -26.14 -30.69
CA THR B 220 -8.96 -27.35 -29.95
C THR B 220 -8.60 -27.20 -28.47
N ALA B 221 -7.30 -27.31 -28.16
CA ALA B 221 -6.88 -27.16 -26.78
C ALA B 221 -7.16 -25.76 -26.24
N GLY B 222 -6.95 -24.74 -27.08
CA GLY B 222 -7.11 -23.39 -26.60
C GLY B 222 -8.55 -23.04 -26.25
N ALA B 223 -9.47 -23.35 -27.18
CA ALA B 223 -10.88 -23.06 -26.92
C ALA B 223 -11.44 -23.90 -25.78
N ALA B 224 -10.94 -25.14 -25.63
CA ALA B 224 -11.36 -25.97 -24.51
C ALA B 224 -11.05 -25.30 -23.18
N ILE B 225 -9.92 -24.61 -23.10
CA ILE B 225 -9.56 -23.91 -21.86
C ILE B 225 -10.47 -22.70 -21.67
N ALA B 226 -10.80 -21.99 -22.75
CA ALA B 226 -11.51 -20.73 -22.63
C ALA B 226 -12.95 -20.93 -22.18
N SER B 227 -13.60 -22.01 -22.62
CA SER B 227 -15.00 -22.26 -22.27
C SER B 227 -15.15 -23.39 -21.25
N HIS B 228 -14.06 -23.77 -20.57
CA HIS B 228 -14.18 -24.79 -19.54
C HIS B 228 -14.87 -24.22 -18.31
N ILE B 229 -15.92 -24.91 -17.85
CA ILE B 229 -16.71 -24.43 -16.73
C ILE B 229 -16.00 -24.61 -15.39
N GLY B 230 -14.96 -25.44 -15.34
CA GLY B 230 -14.20 -25.69 -14.14
C GLY B 230 -12.93 -24.88 -13.99
N ILE B 231 -12.73 -23.87 -14.83
CA ILE B 231 -11.57 -22.98 -14.75
C ILE B 231 -12.07 -21.62 -14.31
N ASP B 232 -11.43 -21.06 -13.29
CA ASP B 232 -11.93 -19.83 -12.66
C ASP B 232 -11.39 -18.58 -13.31
N LYS B 233 -10.21 -18.64 -13.91
CA LYS B 233 -9.59 -17.46 -14.49
C LYS B 233 -8.78 -17.90 -15.71
N ILE B 234 -8.81 -17.08 -16.77
CA ILE B 234 -7.98 -17.31 -17.95
C ILE B 234 -7.11 -16.09 -18.18
N ALA B 235 -5.83 -16.35 -18.45
CA ALA B 235 -4.88 -15.32 -18.88
C ALA B 235 -4.45 -15.68 -20.29
N PHE B 236 -4.79 -14.82 -21.25
CA PHE B 236 -4.54 -15.07 -22.66
C PHE B 236 -3.61 -14.01 -23.22
N THR B 237 -2.55 -14.45 -23.90
CA THR B 237 -1.66 -13.57 -24.64
C THR B 237 -1.65 -14.03 -26.09
N GLY B 238 -2.05 -13.13 -27.00
CA GLY B 238 -2.10 -13.47 -28.41
C GLY B 238 -2.70 -12.36 -29.25
N SER B 239 -3.26 -12.71 -30.40
CA SER B 239 -3.82 -11.71 -31.29
C SER B 239 -5.10 -11.12 -30.72
N THR B 240 -5.43 -9.93 -31.19
CA THR B 240 -6.65 -9.25 -30.75
C THR B 240 -7.89 -10.01 -31.20
N GLU B 241 -7.84 -10.62 -32.38
CA GLU B 241 -9.00 -11.34 -32.92
C GLU B 241 -9.34 -12.55 -32.07
N VAL B 242 -8.33 -13.28 -31.59
CA VAL B 242 -8.57 -14.41 -30.70
C VAL B 242 -8.90 -13.91 -29.30
N GLY B 243 -8.36 -12.76 -28.89
CA GLY B 243 -8.71 -12.20 -27.60
C GLY B 243 -10.18 -11.89 -27.47
N LYS B 244 -10.80 -11.40 -28.55
CA LYS B 244 -12.25 -11.19 -28.56
C LYS B 244 -12.99 -12.52 -28.39
N LEU B 245 -12.50 -13.58 -29.03
CA LEU B 245 -13.09 -14.90 -28.84
C LEU B 245 -12.94 -15.39 -27.41
N ILE B 246 -11.81 -15.08 -26.77
CA ILE B 246 -11.57 -15.53 -25.40
C ILE B 246 -12.56 -14.88 -24.45
N GLN B 247 -12.68 -13.56 -24.51
CA GLN B 247 -13.62 -12.85 -23.63
C GLN B 247 -15.06 -13.30 -23.90
N GLU B 248 -15.40 -13.52 -25.17
CA GLU B 248 -16.74 -14.00 -25.51
C GLU B 248 -16.98 -15.40 -24.93
N ALA B 249 -16.02 -16.30 -25.11
CA ALA B 249 -16.17 -17.66 -24.59
C ALA B 249 -16.25 -17.67 -23.07
N ALA B 250 -15.51 -16.79 -22.41
CA ALA B 250 -15.63 -16.66 -20.96
C ALA B 250 -17.05 -16.27 -20.56
N GLY B 251 -17.63 -15.31 -21.27
CA GLY B 251 -18.98 -14.88 -20.95
C GLY B 251 -20.02 -15.97 -21.15
N ARG B 252 -19.88 -16.73 -22.23
CA ARG B 252 -20.85 -17.78 -22.53
C ARG B 252 -20.77 -18.96 -21.57
N SER B 253 -19.63 -19.16 -20.92
CA SER B 253 -19.43 -20.37 -20.12
C SER B 253 -19.74 -20.14 -18.64
N ASN B 254 -18.73 -19.75 -17.85
CA ASN B 254 -18.89 -19.64 -16.41
C ASN B 254 -18.44 -18.29 -15.87
N LEU B 255 -18.27 -17.29 -16.74
CA LEU B 255 -17.85 -15.95 -16.34
C LEU B 255 -16.50 -15.98 -15.62
N LYS B 256 -15.58 -16.80 -16.12
CA LYS B 256 -14.23 -16.79 -15.56
C LYS B 256 -13.60 -15.41 -15.73
N ARG B 257 -12.70 -15.07 -14.81
CA ARG B 257 -11.97 -13.81 -14.92
C ARG B 257 -10.99 -13.88 -16.09
N VAL B 258 -10.85 -12.76 -16.80
CA VAL B 258 -10.09 -12.72 -18.05
C VAL B 258 -9.12 -11.55 -18.02
N THR B 259 -7.84 -11.84 -18.21
CA THR B 259 -6.84 -10.83 -18.55
C THR B 259 -6.33 -11.13 -19.95
N LEU B 260 -6.34 -10.12 -20.81
CA LEU B 260 -5.93 -10.27 -22.20
C LEU B 260 -4.70 -9.41 -22.45
N GLU B 261 -3.69 -10.01 -23.07
CA GLU B 261 -2.51 -9.29 -23.53
C GLU B 261 -2.49 -9.43 -25.04
N LEU B 262 -2.81 -8.35 -25.75
CA LEU B 262 -3.12 -8.44 -27.16
C LEU B 262 -2.16 -7.65 -28.04
N GLY B 263 -2.60 -7.29 -29.25
CA GLY B 263 -1.70 -6.79 -30.27
C GLY B 263 -1.23 -5.36 -30.03
N GLY B 264 -0.26 -4.96 -30.83
CA GLY B 264 0.32 -3.64 -30.72
C GLY B 264 0.77 -3.12 -32.06
N LYS B 265 0.63 -1.81 -32.24
CA LYS B 265 1.20 -1.07 -33.37
C LYS B 265 1.74 0.23 -32.77
N SER B 266 2.82 0.10 -32.04
CA SER B 266 3.21 1.06 -31.01
C SER B 266 4.07 2.18 -31.59
N PRO B 267 3.84 3.42 -31.15
CA PRO B 267 4.58 4.55 -31.70
C PRO B 267 5.94 4.75 -31.02
N ASN B 268 6.82 5.42 -31.75
CA ASN B 268 8.18 5.72 -31.30
C ASN B 268 8.55 7.10 -31.83
N ILE B 269 8.59 8.09 -30.95
CA ILE B 269 8.66 9.49 -31.34
C ILE B 269 10.08 10.00 -31.08
N ILE B 270 10.72 10.51 -32.13
CA ILE B 270 12.09 11.02 -32.06
C ILE B 270 12.06 12.52 -32.33
N PHE B 271 12.44 13.31 -31.32
CA PHE B 271 12.59 14.75 -31.49
C PHE B 271 14.01 15.08 -31.94
N ALA B 272 14.15 16.29 -32.48
CA ALA B 272 15.47 16.74 -32.95
C ALA B 272 16.47 16.82 -31.81
N ASP B 273 16.04 17.32 -30.64
CA ASP B 273 16.98 17.53 -29.54
C ASP B 273 17.34 16.22 -28.84
N ALA B 274 17.64 15.19 -29.62
CA ALA B 274 18.00 13.88 -29.11
C ALA B 274 19.29 13.38 -29.77
N ASP B 275 19.95 12.45 -29.08
CA ASP B 275 21.19 11.86 -29.58
C ASP B 275 20.84 10.93 -30.74
N LEU B 276 21.10 11.39 -31.96
CA LEU B 276 20.75 10.62 -33.17
C LEU B 276 21.35 9.23 -33.12
N ASP B 277 22.69 9.15 -33.08
CA ASP B 277 23.46 7.93 -32.88
C ASP B 277 22.71 6.91 -32.04
N TYR B 278 22.42 7.27 -30.79
CA TYR B 278 21.74 6.37 -29.87
C TYR B 278 20.30 6.11 -30.30
N ALA B 279 19.57 7.18 -30.65
CA ALA B 279 18.15 7.02 -30.99
C ALA B 279 17.97 6.15 -32.23
N VAL B 280 18.90 6.20 -33.18
CA VAL B 280 18.78 5.35 -34.37
C VAL B 280 18.97 3.88 -34.00
N GLU B 281 19.96 3.59 -33.15
CA GLU B 281 20.18 2.21 -32.72
C GLU B 281 19.03 1.69 -31.88
N GLN B 282 18.36 2.57 -31.12
CA GLN B 282 17.25 2.13 -30.28
C GLN B 282 15.98 1.92 -31.11
N ALA B 283 15.69 2.81 -32.05
CA ALA B 283 14.58 2.59 -32.96
C ALA B 283 14.82 1.38 -33.84
N HIS B 284 16.08 1.12 -34.20
CA HIS B 284 16.40 -0.10 -34.95
C HIS B 284 16.04 -1.33 -34.15
N GLN B 285 16.66 -1.48 -32.97
CA GLN B 285 16.33 -2.59 -32.09
C GLN B 285 14.85 -2.61 -31.73
N GLY B 286 14.21 -1.43 -31.67
CA GLY B 286 12.81 -1.36 -31.32
C GLY B 286 11.87 -1.98 -32.33
N VAL B 287 12.36 -2.29 -33.52
CA VAL B 287 11.55 -2.96 -34.52
C VAL B 287 12.20 -4.23 -35.07
N PHE B 288 13.51 -4.41 -34.94
CA PHE B 288 14.18 -5.58 -35.46
C PHE B 288 14.53 -6.62 -34.39
N PHE B 289 14.38 -6.28 -33.11
CA PHE B 289 14.68 -7.23 -32.05
C PHE B 289 13.79 -8.46 -32.18
N ASN B 290 14.39 -9.64 -31.94
CA ASN B 290 13.68 -10.91 -32.01
C ASN B 290 13.01 -11.08 -33.37
N GLN B 291 13.77 -10.77 -34.43
CA GLN B 291 13.33 -10.95 -35.80
C GLN B 291 12.07 -10.15 -36.11
N GLY B 292 11.86 -9.06 -35.36
CA GLY B 292 10.66 -8.27 -35.49
C GLY B 292 9.42 -8.90 -34.90
N GLN B 293 9.53 -10.07 -34.29
CA GLN B 293 8.36 -10.77 -33.74
C GLN B 293 8.18 -10.36 -32.28
N CYS B 294 7.83 -9.09 -32.10
CA CYS B 294 7.62 -8.51 -30.79
C CYS B 294 6.33 -7.69 -30.82
N CYS B 295 5.44 -7.99 -29.87
CA CYS B 295 4.22 -7.20 -29.71
C CYS B 295 4.51 -5.75 -29.34
N THR B 296 5.69 -5.47 -28.80
CA THR B 296 6.08 -4.13 -28.40
C THR B 296 6.80 -3.38 -29.51
N ALA B 297 6.94 -3.99 -30.69
CA ALA B 297 7.75 -3.42 -31.77
C ALA B 297 7.39 -1.97 -32.02
N GLY B 298 8.40 -1.11 -31.98
CA GLY B 298 8.23 0.29 -32.35
C GLY B 298 8.02 0.41 -33.83
N SER B 299 6.82 0.05 -34.29
CA SER B 299 6.56 -0.09 -35.72
C SER B 299 6.08 1.18 -36.38
N ARG B 300 5.78 2.23 -35.61
CA ARG B 300 5.41 3.54 -36.16
C ARG B 300 6.41 4.56 -35.62
N ILE B 301 7.53 4.70 -36.31
CA ILE B 301 8.59 5.62 -35.91
C ILE B 301 8.27 7.00 -36.48
N PHE B 302 7.84 7.92 -35.62
CA PHE B 302 7.63 9.31 -36.00
C PHE B 302 8.90 10.10 -35.72
N VAL B 303 9.36 10.87 -36.70
CA VAL B 303 10.61 11.62 -36.60
C VAL B 303 10.37 13.09 -36.91
N GLU B 304 10.99 13.97 -36.12
CA GLU B 304 10.87 15.40 -36.34
C GLU B 304 11.48 15.79 -37.68
N GLU B 305 10.77 16.66 -38.42
CA GLU B 305 11.17 17.03 -39.78
C GLU B 305 12.66 17.33 -39.85
N SER B 306 13.11 18.26 -39.01
CA SER B 306 14.50 18.68 -38.85
C SER B 306 15.52 17.55 -39.03
N ILE B 307 15.18 16.34 -38.61
CA ILE B 307 16.14 15.25 -38.61
C ILE B 307 15.62 14.02 -39.36
N TYR B 308 14.46 14.15 -40.03
CA TYR B 308 13.94 13.04 -40.81
C TYR B 308 14.95 12.58 -41.85
N GLU B 309 15.51 13.53 -42.61
CA GLU B 309 16.58 13.31 -43.58
C GLU B 309 17.62 12.31 -43.06
N GLU B 310 18.32 12.67 -41.99
CA GLU B 310 19.48 11.92 -41.56
C GLU B 310 19.09 10.68 -40.77
N PHE B 311 17.92 10.70 -40.11
CA PHE B 311 17.45 9.51 -39.42
C PHE B 311 17.28 8.35 -40.39
N VAL B 312 16.61 8.61 -41.53
CA VAL B 312 16.42 7.56 -42.52
C VAL B 312 17.76 7.01 -42.98
N ARG B 313 18.70 7.90 -43.29
CA ARG B 313 19.99 7.47 -43.83
C ARG B 313 20.75 6.59 -42.84
N ARG B 314 20.77 7.00 -41.56
CA ARG B 314 21.43 6.19 -40.55
C ARG B 314 20.69 4.88 -40.28
N SER B 315 19.36 4.90 -40.34
CA SER B 315 18.58 3.68 -40.13
C SER B 315 18.81 2.68 -41.26
N VAL B 316 18.77 3.17 -42.51
CA VAL B 316 18.96 2.28 -43.66
C VAL B 316 20.37 1.70 -43.67
N GLU B 317 21.38 2.55 -43.42
CA GLU B 317 22.74 2.07 -43.28
C GLU B 317 22.84 0.98 -42.22
N ARG B 318 22.10 1.13 -41.12
CA ARG B 318 22.16 0.14 -40.05
C ARG B 318 21.43 -1.15 -40.43
N ALA B 319 20.32 -1.02 -41.15
CA ALA B 319 19.58 -2.21 -41.56
C ALA B 319 20.33 -3.00 -42.60
N LYS B 320 20.96 -2.31 -43.56
CA LYS B 320 21.75 -2.99 -44.57
C LYS B 320 22.94 -3.73 -43.98
N ARG B 321 23.35 -3.39 -42.75
CA ARG B 321 24.43 -4.09 -42.07
C ARG B 321 23.95 -5.25 -41.22
N ARG B 322 22.66 -5.30 -40.90
CA ARG B 322 22.15 -6.31 -39.97
C ARG B 322 22.41 -7.71 -40.51
N VAL B 323 23.07 -8.54 -39.70
CA VAL B 323 23.52 -9.85 -40.12
C VAL B 323 22.38 -10.86 -39.95
N VAL B 324 21.94 -11.44 -41.05
CA VAL B 324 20.92 -12.48 -41.06
C VAL B 324 21.62 -13.82 -41.28
N GLY B 325 21.28 -14.81 -40.46
CA GLY B 325 21.92 -16.10 -40.61
C GLY B 325 21.35 -17.13 -39.67
N SER B 326 22.05 -18.25 -39.57
CA SER B 326 21.62 -19.36 -38.73
C SER B 326 21.70 -18.96 -37.26
N PRO B 327 20.74 -19.40 -36.44
CA PRO B 327 20.75 -19.00 -35.03
C PRO B 327 21.96 -19.49 -34.24
N PHE B 328 22.57 -20.61 -34.62
CA PHE B 328 23.68 -21.14 -33.85
C PHE B 328 25.01 -20.47 -34.15
N ASP B 329 25.05 -19.51 -35.09
CA ASP B 329 26.27 -18.81 -35.45
C ASP B 329 26.39 -17.52 -34.64
N PRO B 330 27.49 -17.31 -33.91
CA PRO B 330 27.59 -16.10 -33.06
C PRO B 330 27.40 -14.80 -33.82
N THR B 331 27.71 -14.78 -35.12
CA THR B 331 27.61 -13.56 -35.90
C THR B 331 26.18 -13.20 -36.27
N THR B 332 25.23 -14.12 -36.10
CA THR B 332 23.86 -13.87 -36.51
C THR B 332 23.20 -12.85 -35.58
N GLU B 333 22.66 -11.80 -36.17
CA GLU B 333 21.83 -10.87 -35.42
C GLU B 333 20.36 -11.23 -35.48
N GLN B 334 19.92 -11.84 -36.58
CA GLN B 334 18.50 -12.04 -36.86
C GLN B 334 18.31 -13.39 -37.51
N GLY B 335 17.58 -14.28 -36.83
CA GLY B 335 17.27 -15.58 -37.37
C GLY B 335 16.09 -15.49 -38.32
N PRO B 336 15.40 -16.61 -38.51
CA PRO B 336 14.27 -16.64 -39.44
C PRO B 336 12.97 -16.29 -38.73
N GLN B 337 11.94 -16.05 -39.54
CA GLN B 337 10.60 -15.98 -38.99
C GLN B 337 10.16 -17.39 -38.56
N ILE B 338 9.03 -17.45 -37.85
CA ILE B 338 8.70 -18.68 -37.13
C ILE B 338 8.20 -19.77 -38.07
N ASP B 339 7.46 -19.40 -39.12
CA ASP B 339 6.95 -20.40 -40.05
C ASP B 339 6.55 -19.72 -41.37
N LYS B 340 6.14 -20.55 -42.33
CA LYS B 340 5.79 -20.05 -43.65
C LYS B 340 4.58 -19.13 -43.61
N LYS B 341 3.62 -19.39 -42.72
CA LYS B 341 2.43 -18.55 -42.65
C LYS B 341 2.80 -17.12 -42.25
N GLN B 342 3.59 -16.96 -41.20
CA GLN B 342 4.05 -15.62 -40.83
C GLN B 342 4.95 -15.03 -41.91
N TYR B 343 5.81 -15.87 -42.50
CA TYR B 343 6.70 -15.43 -43.57
C TYR B 343 5.91 -14.81 -44.72
N ASN B 344 4.93 -15.53 -45.24
CA ASN B 344 4.12 -15.01 -46.34
C ASN B 344 3.29 -13.82 -45.90
N LYS B 345 2.95 -13.74 -44.60
CA LYS B 345 2.23 -12.59 -44.08
C LYS B 345 3.10 -11.33 -44.15
N ILE B 346 4.40 -11.47 -43.87
CA ILE B 346 5.30 -10.31 -43.92
C ILE B 346 5.35 -9.73 -45.32
N LEU B 347 5.86 -10.51 -46.27
CA LEU B 347 6.08 -10.03 -47.63
C LEU B 347 4.79 -9.54 -48.27
N GLU B 348 3.66 -10.19 -47.97
CA GLU B 348 2.38 -9.69 -48.45
C GLU B 348 2.12 -8.28 -47.93
N LEU B 349 2.36 -8.04 -46.64
CA LEU B 349 2.25 -6.68 -46.12
C LEU B 349 3.32 -5.78 -46.71
N ILE B 350 4.53 -6.31 -46.93
CA ILE B 350 5.58 -5.54 -47.57
C ILE B 350 5.14 -5.06 -48.95
N GLN B 351 4.51 -5.96 -49.72
CA GLN B 351 4.02 -5.58 -51.04
C GLN B 351 3.04 -4.43 -50.98
N SER B 352 2.17 -4.41 -49.96
CA SER B 352 1.22 -3.31 -49.82
C SER B 352 1.94 -1.99 -49.65
N GLY B 353 3.09 -2.00 -48.96
CA GLY B 353 3.84 -0.76 -48.78
C GLY B 353 4.33 -0.16 -50.08
N VAL B 354 4.91 -1.00 -50.94
CA VAL B 354 5.36 -0.52 -52.24
C VAL B 354 4.17 -0.14 -53.11
N ALA B 355 3.10 -0.93 -53.05
CA ALA B 355 1.93 -0.67 -53.88
C ALA B 355 1.12 0.54 -53.40
N GLU B 356 1.27 0.94 -52.14
CA GLU B 356 0.52 2.08 -51.62
C GLU B 356 1.31 3.38 -51.62
N GLY B 357 2.60 3.35 -51.95
CA GLY B 357 3.32 4.57 -52.23
C GLY B 357 4.38 4.99 -51.23
N ALA B 358 4.97 4.06 -50.50
CA ALA B 358 6.08 4.34 -49.61
C ALA B 358 7.39 3.93 -50.27
N LYS B 359 8.46 4.61 -49.89
CA LYS B 359 9.78 4.35 -50.46
C LYS B 359 10.42 3.16 -49.76
N LEU B 360 10.55 2.05 -50.48
CA LEU B 360 11.31 0.90 -49.99
C LEU B 360 12.78 1.26 -49.98
N GLU B 361 13.29 1.67 -48.81
CA GLU B 361 14.66 2.16 -48.73
C GLU B 361 15.68 1.05 -48.83
N CYS B 362 15.32 -0.16 -48.39
CA CYS B 362 16.20 -1.31 -48.47
C CYS B 362 15.37 -2.56 -48.19
N GLY B 363 16.00 -3.72 -48.37
CA GLY B 363 15.36 -4.99 -48.13
C GLY B 363 14.11 -5.20 -48.96
N GLY B 364 13.20 -6.01 -48.42
CA GLY B 364 11.88 -6.21 -48.99
C GLY B 364 11.64 -7.56 -49.63
N LYS B 365 12.57 -8.51 -49.51
CA LYS B 365 12.44 -9.80 -50.16
C LYS B 365 13.03 -10.89 -49.27
N GLY B 366 12.80 -12.14 -49.64
CA GLY B 366 13.34 -13.26 -48.91
C GLY B 366 14.78 -13.55 -49.29
N LEU B 367 15.34 -14.58 -48.65
CA LEU B 367 16.69 -15.05 -48.86
C LEU B 367 16.65 -16.35 -49.67
N GLY B 368 17.70 -17.17 -49.53
CA GLY B 368 17.68 -18.51 -50.06
C GLY B 368 16.81 -19.41 -49.21
N ARG B 369 15.70 -19.88 -49.75
CA ARG B 369 14.62 -20.46 -48.96
C ARG B 369 14.94 -21.83 -48.34
N LYS B 370 15.94 -21.89 -47.46
CA LYS B 370 16.06 -22.99 -46.51
C LYS B 370 15.89 -22.34 -45.14
N GLY B 371 14.68 -22.39 -44.62
CA GLY B 371 14.27 -21.52 -43.55
C GLY B 371 13.54 -20.29 -44.07
N PHE B 372 12.88 -19.58 -43.15
CA PHE B 372 12.00 -18.48 -43.53
C PHE B 372 12.65 -17.13 -43.23
N PHE B 373 13.81 -16.91 -43.84
CA PHE B 373 14.59 -15.70 -43.60
C PHE B 373 14.13 -14.56 -44.50
N ILE B 374 14.13 -13.36 -43.94
CA ILE B 374 13.67 -12.15 -44.62
C ILE B 374 14.73 -11.06 -44.44
N GLU B 375 15.10 -10.40 -45.53
CA GLU B 375 16.14 -9.38 -45.43
C GLU B 375 15.59 -8.14 -44.71
N PRO B 376 16.36 -7.54 -43.80
CA PRO B 376 15.88 -6.38 -43.04
C PRO B 376 15.41 -5.28 -43.97
N THR B 377 14.26 -4.70 -43.65
CA THR B 377 13.51 -3.85 -44.56
C THR B 377 13.17 -2.53 -43.89
N VAL B 378 13.32 -1.44 -44.64
CA VAL B 378 13.08 -0.10 -44.13
C VAL B 378 12.19 0.63 -45.14
N PHE B 379 11.02 1.08 -44.67
CA PHE B 379 10.15 1.95 -45.45
C PHE B 379 10.29 3.37 -44.94
N SER B 380 10.67 4.29 -45.81
CA SER B 380 10.57 5.71 -45.52
C SER B 380 9.33 6.27 -46.20
N ASN B 381 9.00 7.51 -45.85
CA ASN B 381 7.82 8.19 -46.37
C ASN B 381 6.57 7.31 -46.23
N VAL B 382 6.28 6.97 -44.99
CA VAL B 382 5.08 6.24 -44.64
C VAL B 382 4.02 7.24 -44.20
N THR B 383 2.77 6.99 -44.56
CA THR B 383 1.66 7.85 -44.17
C THR B 383 0.73 7.10 -43.21
N ASP B 384 -0.11 7.87 -42.52
CA ASP B 384 -0.89 7.32 -41.43
C ASP B 384 -1.93 6.30 -41.87
N ASP B 385 -2.31 6.29 -43.15
CA ASP B 385 -3.41 5.43 -43.60
C ASP B 385 -2.94 4.20 -44.36
N MET B 386 -1.64 4.04 -44.58
CA MET B 386 -1.16 2.85 -45.25
C MET B 386 -1.42 1.61 -44.40
N ARG B 387 -1.69 0.49 -45.07
CA ARG B 387 -1.78 -0.79 -44.38
C ARG B 387 -0.52 -1.07 -43.57
N ILE B 388 0.63 -0.62 -44.09
CA ILE B 388 1.90 -0.79 -43.41
C ILE B 388 1.93 -0.04 -42.08
N ALA B 389 1.07 0.96 -41.91
CA ALA B 389 1.06 1.78 -40.71
C ALA B 389 -0.11 1.46 -39.77
N LYS B 390 -1.08 0.65 -40.20
CA LYS B 390 -2.22 0.32 -39.37
C LYS B 390 -2.26 -1.14 -38.92
N GLU B 391 -1.51 -2.03 -39.56
CA GLU B 391 -1.61 -3.46 -39.32
C GLU B 391 -0.29 -4.03 -38.82
N GLU B 392 -0.38 -4.87 -37.80
CA GLU B 392 0.80 -5.45 -37.17
C GLU B 392 1.54 -6.35 -38.15
N ILE B 393 2.80 -6.01 -38.45
CA ILE B 393 3.57 -6.77 -39.42
C ILE B 393 4.31 -7.93 -38.76
N PHE B 394 4.87 -7.71 -37.57
CA PHE B 394 5.47 -8.78 -36.77
C PHE B 394 6.66 -9.42 -37.50
N GLY B 395 7.42 -8.59 -38.22
CA GLY B 395 8.60 -9.02 -38.91
C GLY B 395 9.60 -7.89 -39.05
N PRO B 396 10.75 -8.17 -39.67
CA PRO B 396 11.83 -7.16 -39.72
C PRO B 396 11.55 -6.07 -40.75
N VAL B 397 10.59 -5.20 -40.42
CA VAL B 397 10.13 -4.14 -41.30
C VAL B 397 10.00 -2.86 -40.47
N GLN B 398 10.70 -1.81 -40.86
CA GLN B 398 10.77 -0.57 -40.10
C GLN B 398 10.05 0.54 -40.87
N GLU B 399 8.97 1.07 -40.29
CA GLU B 399 8.21 2.16 -40.88
C GLU B 399 8.67 3.48 -40.27
N ILE B 400 9.00 4.45 -41.13
CA ILE B 400 9.51 5.75 -40.69
C ILE B 400 8.59 6.83 -41.24
N LEU B 401 7.93 7.57 -40.35
CA LEU B 401 7.10 8.70 -40.68
C LEU B 401 7.75 9.98 -40.20
N ARG B 402 7.14 11.12 -40.55
CA ARG B 402 7.66 12.43 -40.18
C ARG B 402 6.57 13.25 -39.50
N PHE B 403 7.00 14.19 -38.66
CA PHE B 403 6.08 15.08 -37.97
C PHE B 403 6.76 16.42 -37.72
N LYS B 404 5.94 17.44 -37.47
CA LYS B 404 6.39 18.80 -37.26
C LYS B 404 6.19 19.29 -35.83
N THR B 405 5.00 19.07 -35.28
CA THR B 405 4.56 19.67 -34.03
C THR B 405 4.36 18.60 -32.96
N MET B 406 4.66 18.95 -31.70
CA MET B 406 4.46 18.00 -30.62
C MET B 406 2.98 17.61 -30.50
N ASP B 407 2.08 18.58 -30.61
CA ASP B 407 0.66 18.27 -30.52
C ASP B 407 0.18 17.43 -31.71
N GLU B 408 0.78 17.62 -32.88
CA GLU B 408 0.43 16.80 -34.03
C GLU B 408 0.82 15.34 -33.81
N VAL B 409 2.01 15.10 -33.27
CA VAL B 409 2.50 13.73 -33.17
C VAL B 409 1.80 12.97 -32.04
N ILE B 410 1.40 13.66 -30.96
CA ILE B 410 0.62 13.01 -29.92
C ILE B 410 -0.73 12.58 -30.46
N GLU B 411 -1.37 13.45 -31.25
CA GLU B 411 -2.63 13.11 -31.89
C GLU B 411 -2.46 11.93 -32.84
N ARG B 412 -1.39 11.93 -33.63
CA ARG B 412 -1.17 10.84 -34.59
C ARG B 412 -0.80 9.54 -33.88
N ALA B 413 0.05 9.63 -32.84
CA ALA B 413 0.43 8.43 -32.12
C ALA B 413 -0.75 7.79 -31.42
N ASN B 414 -1.69 8.59 -30.93
CA ASN B 414 -2.84 8.07 -30.22
C ASN B 414 -3.96 7.61 -31.15
N ASN B 415 -3.98 8.08 -32.40
CA ASN B 415 -5.00 7.62 -33.33
C ASN B 415 -4.76 6.16 -33.69
N SER B 416 -5.34 5.26 -32.90
CA SER B 416 -5.13 3.82 -33.03
C SER B 416 -6.08 3.13 -32.08
N ASP B 417 -6.49 1.91 -32.45
CA ASP B 417 -7.20 1.07 -31.51
C ASP B 417 -6.24 0.30 -30.61
N PHE B 418 -4.96 0.25 -30.98
CA PHE B 418 -3.93 -0.35 -30.16
C PHE B 418 -3.30 0.71 -29.27
N GLY B 419 -2.65 0.25 -28.20
CA GLY B 419 -2.05 1.14 -27.23
C GLY B 419 -1.24 0.35 -26.22
N LEU B 420 -0.42 -0.57 -26.73
CA LEU B 420 0.35 -1.45 -25.86
C LEU B 420 1.55 -0.75 -25.24
N VAL B 421 2.16 0.20 -25.96
CA VAL B 421 3.49 0.68 -25.63
C VAL B 421 3.76 1.91 -26.47
N ALA B 422 4.68 2.76 -26.02
CA ALA B 422 5.11 3.93 -26.77
C ALA B 422 6.46 4.37 -26.25
N ALA B 423 7.12 5.24 -27.02
CA ALA B 423 8.44 5.70 -26.65
C ALA B 423 8.68 7.09 -27.21
N VAL B 424 9.31 7.94 -26.40
CA VAL B 424 9.69 9.29 -26.80
C VAL B 424 11.18 9.45 -26.54
N PHE B 425 11.90 9.93 -27.56
CA PHE B 425 13.31 10.25 -27.44
C PHE B 425 13.45 11.76 -27.49
N THR B 426 14.10 12.31 -26.48
CA THR B 426 14.19 13.75 -26.26
C THR B 426 15.05 13.97 -25.03
N ASN B 427 15.65 15.15 -24.96
CA ASN B 427 16.35 15.58 -23.75
C ASN B 427 15.59 16.66 -23.00
N ASP B 428 14.52 17.20 -23.58
CA ASP B 428 13.72 18.22 -22.92
C ASP B 428 12.77 17.56 -21.93
N ILE B 429 12.82 17.99 -20.68
CA ILE B 429 12.01 17.38 -19.64
C ILE B 429 10.53 17.66 -19.88
N ASN B 430 10.18 18.89 -20.29
CA ASN B 430 8.78 19.22 -20.51
C ASN B 430 8.19 18.43 -21.67
N LYS B 431 8.94 18.29 -22.76
CA LYS B 431 8.48 17.46 -23.87
C LYS B 431 8.36 16.00 -23.46
N ALA B 432 9.38 15.48 -22.78
CA ALA B 432 9.34 14.09 -22.33
C ALA B 432 8.14 13.81 -21.45
N LEU B 433 7.78 14.75 -20.58
CA LEU B 433 6.67 14.53 -19.66
C LEU B 433 5.31 14.83 -20.29
N THR B 434 5.24 15.84 -21.16
CA THR B 434 3.99 16.10 -21.87
C THR B 434 3.62 14.91 -22.74
N VAL B 435 4.60 14.34 -23.44
CA VAL B 435 4.32 13.25 -24.38
C VAL B 435 3.98 11.97 -23.64
N SER B 436 4.76 11.63 -22.61
CA SER B 436 4.52 10.39 -21.87
C SER B 436 3.18 10.41 -21.17
N SER B 437 2.78 11.56 -20.62
CA SER B 437 1.49 11.64 -19.94
C SER B 437 0.33 11.55 -20.91
N ALA B 438 0.51 12.03 -22.14
CA ALA B 438 -0.56 12.07 -23.12
C ALA B 438 -0.66 10.80 -23.96
N MET B 439 0.31 9.89 -23.85
CA MET B 439 0.26 8.66 -24.62
C MET B 439 -0.81 7.72 -24.08
N GLN B 440 -1.66 7.22 -24.95
CA GLN B 440 -2.64 6.19 -24.59
C GLN B 440 -1.99 4.81 -24.76
N ALA B 441 -1.10 4.50 -23.81
CA ALA B 441 -0.32 3.27 -23.87
C ALA B 441 -0.03 2.80 -22.45
N GLY B 442 0.04 1.47 -22.30
CA GLY B 442 0.27 0.88 -20.99
C GLY B 442 1.69 0.98 -20.51
N THR B 443 2.63 1.19 -21.43
CA THR B 443 4.03 1.41 -21.07
C THR B 443 4.58 2.52 -21.94
N VAL B 444 5.18 3.53 -21.32
CA VAL B 444 5.85 4.62 -22.05
C VAL B 444 7.31 4.61 -21.65
N TRP B 445 8.20 4.51 -22.63
CA TRP B 445 9.64 4.62 -22.41
C TRP B 445 10.12 6.01 -22.79
N ILE B 446 10.94 6.60 -21.94
CA ILE B 446 11.64 7.83 -22.24
C ILE B 446 13.10 7.47 -22.49
N ASN B 447 13.59 7.79 -23.68
CA ASN B 447 14.99 7.62 -24.06
C ASN B 447 15.47 6.18 -23.90
N CYS B 448 14.58 5.22 -24.14
CA CYS B 448 14.96 3.82 -24.23
C CYS B 448 13.84 3.08 -24.96
N TYR B 449 14.05 1.78 -25.17
CA TYR B 449 13.01 0.94 -25.77
C TYR B 449 13.18 -0.50 -25.30
N ASN B 450 12.05 -1.20 -25.24
CA ASN B 450 12.00 -2.61 -24.86
C ASN B 450 12.65 -2.86 -23.50
N ALA B 451 12.37 -1.96 -22.55
CA ALA B 451 12.84 -2.09 -21.18
C ALA B 451 11.72 -2.75 -20.38
N LEU B 452 11.82 -4.07 -20.22
CA LEU B 452 10.75 -4.87 -19.61
C LEU B 452 11.36 -5.79 -18.56
N ASN B 453 10.79 -5.78 -17.36
CA ASN B 453 11.21 -6.65 -16.28
C ASN B 453 10.00 -7.33 -15.68
N ALA B 454 10.26 -8.31 -14.80
CA ALA B 454 9.19 -8.83 -13.96
C ALA B 454 8.65 -7.78 -13.01
N GLN B 455 9.43 -6.74 -12.72
CA GLN B 455 9.08 -5.75 -11.71
C GLN B 455 8.05 -4.74 -12.18
N SER B 456 7.82 -4.61 -13.48
CA SER B 456 7.03 -3.50 -13.99
C SER B 456 5.70 -3.96 -14.55
N PRO B 457 4.59 -3.37 -14.11
CA PRO B 457 3.30 -3.66 -14.73
C PRO B 457 3.33 -3.40 -16.24
N PHE B 458 2.65 -4.28 -16.98
CA PHE B 458 2.69 -4.26 -18.44
C PHE B 458 1.33 -4.70 -18.96
N GLY B 459 0.82 -3.96 -19.92
CA GLY B 459 -0.49 -4.25 -20.48
C GLY B 459 -0.88 -3.16 -21.45
N GLY B 460 -2.01 -3.38 -22.13
CA GLY B 460 -2.46 -2.51 -23.18
C GLY B 460 -3.61 -1.61 -22.74
N PHE B 461 -3.60 -0.38 -23.25
CA PHE B 461 -4.81 0.43 -23.31
C PHE B 461 -5.65 -0.03 -24.51
N LYS B 462 -6.95 0.26 -24.44
CA LYS B 462 -7.85 0.11 -25.60
C LYS B 462 -7.90 -1.35 -26.02
N MET B 463 -7.77 -1.68 -27.31
CA MET B 463 -7.88 -3.04 -27.82
C MET B 463 -6.54 -3.78 -27.82
N SER B 464 -5.56 -3.28 -27.06
CA SER B 464 -4.30 -3.99 -26.86
C SER B 464 -4.30 -4.84 -25.60
N GLY B 465 -5.35 -4.77 -24.78
CA GLY B 465 -5.43 -5.63 -23.62
C GLY B 465 -6.47 -5.29 -22.57
N ASN B 466 -6.70 -6.26 -21.69
CA ASN B 466 -7.52 -6.10 -20.50
C ASN B 466 -6.67 -6.55 -19.31
N GLY B 467 -6.51 -5.68 -18.32
CA GLY B 467 -5.71 -6.03 -17.17
C GLY B 467 -4.23 -5.81 -17.38
N ARG B 468 -3.46 -6.19 -16.37
CA ARG B 468 -2.02 -5.95 -16.35
C ARG B 468 -1.28 -7.18 -15.85
N GLU B 469 -0.07 -7.35 -16.34
CA GLU B 469 0.82 -8.40 -15.88
C GLU B 469 2.05 -7.80 -15.24
N MET B 470 2.73 -8.61 -14.42
CA MET B 470 4.05 -8.31 -13.89
C MET B 470 4.02 -7.23 -12.81
N GLY B 471 5.08 -7.17 -12.00
CA GLY B 471 5.10 -6.26 -10.87
C GLY B 471 4.09 -6.65 -9.81
N GLU B 472 3.86 -5.73 -8.87
CA GLU B 472 2.87 -6.02 -7.83
C GLU B 472 1.46 -5.99 -8.41
N PHE B 473 1.17 -5.03 -9.30
CA PHE B 473 -0.17 -4.93 -9.86
C PHE B 473 -0.56 -6.21 -10.60
N GLY B 474 0.42 -6.94 -11.13
CA GLY B 474 0.11 -8.23 -11.75
C GLY B 474 -0.43 -9.25 -10.77
N LEU B 475 0.02 -9.18 -9.51
CA LEU B 475 -0.46 -10.14 -8.50
C LEU B 475 -1.95 -10.00 -8.24
N ARG B 476 -2.50 -8.78 -8.37
CA ARG B 476 -3.91 -8.56 -8.08
C ARG B 476 -4.81 -9.42 -8.95
N GLU B 477 -4.37 -9.73 -10.17
CA GLU B 477 -5.20 -10.52 -11.08
C GLU B 477 -5.26 -11.99 -10.70
N TYR B 478 -4.29 -12.50 -9.93
CA TYR B 478 -4.25 -13.91 -9.59
C TYR B 478 -4.76 -14.18 -8.18
N SER B 479 -5.47 -13.21 -7.59
CA SER B 479 -5.93 -13.29 -6.23
C SER B 479 -7.39 -12.86 -6.18
N GLU B 480 -8.17 -13.48 -5.30
CA GLU B 480 -9.54 -13.09 -5.07
C GLU B 480 -9.66 -12.45 -3.69
N VAL B 481 -10.41 -11.36 -3.62
CA VAL B 481 -10.55 -10.60 -2.38
C VAL B 481 -11.76 -11.13 -1.62
N LYS B 482 -11.56 -11.43 -0.35
CA LYS B 482 -12.65 -11.78 0.55
C LYS B 482 -12.65 -10.82 1.72
N THR B 483 -13.78 -10.15 1.95
CA THR B 483 -13.97 -9.26 3.09
C THR B 483 -14.63 -10.03 4.22
N VAL B 484 -14.01 -9.99 5.40
CA VAL B 484 -14.57 -10.62 6.59
C VAL B 484 -14.88 -9.53 7.60
N THR B 485 -16.14 -9.47 8.04
CA THR B 485 -16.61 -8.48 8.99
C THR B 485 -17.13 -9.20 10.24
N VAL B 486 -16.64 -8.78 11.40
CA VAL B 486 -16.97 -9.41 12.68
C VAL B 486 -17.71 -8.39 13.54
N LYS B 487 -18.85 -8.78 14.08
CA LYS B 487 -19.52 -7.97 15.08
C LYS B 487 -18.70 -8.00 16.37
N ILE B 488 -18.45 -6.83 16.94
CA ILE B 488 -17.72 -6.73 18.20
C ILE B 488 -18.57 -6.00 19.22
N PRO B 489 -18.35 -6.19 20.53
CA PRO B 489 -19.25 -5.58 21.52
C PRO B 489 -19.13 -4.07 21.58
N GLN B 490 -17.92 -3.53 21.45
CA GLN B 490 -17.75 -2.09 21.36
C GLN B 490 -16.51 -1.80 20.53
N LYS B 491 -16.55 -0.68 19.82
CA LYS B 491 -15.44 -0.22 19.01
C LYS B 491 -14.79 0.97 19.70
N ASN B 492 -13.47 0.92 19.83
CA ASN B 492 -12.67 2.06 20.24
C ASN B 492 -11.69 2.36 19.11
N SER B 493 -11.74 3.59 18.61
CA SER B 493 -11.11 3.92 17.33
C SER B 493 -9.98 4.92 17.48
N PRO C 2 20.68 -33.75 14.45
CA PRO C 2 22.01 -33.18 14.56
C PRO C 2 22.60 -33.40 15.95
N SER C 3 23.89 -33.14 16.05
CA SER C 3 24.64 -33.24 17.28
C SER C 3 25.69 -32.15 17.30
N PRO C 4 26.09 -31.67 18.48
CA PRO C 4 27.04 -30.55 18.55
C PRO C 4 28.33 -30.84 17.80
N THR C 5 28.91 -29.79 17.24
CA THR C 5 30.20 -29.91 16.58
C THR C 5 31.23 -30.40 17.58
N PRO C 6 31.92 -31.50 17.31
CA PRO C 6 32.95 -31.98 18.25
C PRO C 6 34.13 -31.02 18.28
N ASN C 7 34.57 -30.68 19.49
CA ASN C 7 35.77 -29.86 19.71
C ASN C 7 35.75 -28.60 18.85
N LEU C 8 34.81 -27.71 19.20
CA LEU C 8 34.52 -26.55 18.35
C LEU C 8 35.68 -25.56 18.36
N GLU C 9 36.22 -25.28 17.17
CA GLU C 9 37.30 -24.32 17.01
C GLU C 9 36.74 -22.90 16.94
N ILE C 10 37.30 -22.01 17.74
CA ILE C 10 36.92 -20.59 17.75
C ILE C 10 37.98 -19.85 16.96
N LYS C 11 37.71 -19.57 15.69
CA LYS C 11 38.72 -19.01 14.80
C LYS C 11 38.52 -17.54 14.45
N TYR C 12 37.37 -16.96 14.75
CA TYR C 12 37.10 -15.55 14.45
C TYR C 12 36.87 -14.80 15.76
N THR C 13 37.85 -13.99 16.16
CA THR C 13 37.83 -13.30 17.43
C THR C 13 38.24 -11.83 17.32
N LYS C 14 38.50 -11.33 16.12
CA LYS C 14 38.97 -9.97 15.93
C LYS C 14 37.84 -9.09 15.40
N ILE C 15 38.12 -7.78 15.38
CA ILE C 15 37.16 -6.80 14.90
C ILE C 15 37.04 -6.91 13.39
N PHE C 16 35.82 -6.75 12.87
CA PHE C 16 35.51 -6.92 11.45
C PHE C 16 35.20 -5.54 10.86
N ILE C 17 36.17 -4.96 10.16
CA ILE C 17 36.02 -3.66 9.51
C ILE C 17 36.49 -3.78 8.07
N ASN C 18 35.69 -3.27 7.14
CA ASN C 18 36.03 -3.25 5.71
C ASN C 18 36.43 -4.64 5.22
N ASN C 19 35.68 -5.65 5.68
CA ASN C 19 35.89 -7.04 5.32
C ASN C 19 37.28 -7.56 5.71
N GLU C 20 37.92 -6.92 6.69
CA GLU C 20 39.22 -7.36 7.18
C GLU C 20 39.18 -7.50 8.70
N TRP C 21 39.92 -8.50 9.20
CA TRP C 21 40.03 -8.75 10.62
C TRP C 21 41.15 -7.87 11.19
N GLN C 22 40.82 -7.09 12.20
CA GLN C 22 41.75 -6.13 12.76
C GLN C 22 41.85 -6.29 14.27
N ASN C 23 42.98 -5.86 14.82
CA ASN C 23 43.17 -5.85 16.26
C ASN C 23 42.49 -4.63 16.87
N SER C 24 42.34 -4.67 18.19
CA SER C 24 42.06 -3.46 18.95
C SER C 24 43.08 -2.40 18.57
N GLU C 25 42.61 -1.15 18.43
CA GLU C 25 43.55 -0.04 18.39
C GLU C 25 44.27 0.10 19.73
N SER C 26 43.58 -0.25 20.82
CA SER C 26 44.15 -0.15 22.16
C SER C 26 45.07 -1.32 22.51
N GLY C 27 44.96 -2.44 21.79
CA GLY C 27 45.61 -3.67 22.17
C GLY C 27 44.80 -4.55 23.10
N ARG C 28 43.78 -4.00 23.75
CA ARG C 28 43.03 -4.74 24.75
C ARG C 28 42.13 -5.80 24.11
N VAL C 29 41.95 -6.89 24.85
CA VAL C 29 40.99 -7.93 24.52
C VAL C 29 40.13 -8.18 25.76
N PHE C 30 39.03 -8.90 25.56
CA PHE C 30 38.18 -9.26 26.69
C PHE C 30 37.80 -10.73 26.61
N PRO C 31 37.50 -11.36 27.73
CA PRO C 31 37.20 -12.80 27.73
C PRO C 31 35.74 -13.10 27.43
N VAL C 32 35.53 -14.30 26.86
CA VAL C 32 34.21 -14.86 26.65
C VAL C 32 34.12 -16.14 27.47
N TYR C 33 33.01 -16.32 28.18
CA TYR C 33 32.84 -17.44 29.08
C TYR C 33 31.73 -18.36 28.61
N ASN C 34 31.83 -19.62 29.04
CA ASN C 34 30.81 -20.62 28.80
C ASN C 34 29.92 -20.68 30.05
N PRO C 35 28.69 -20.14 30.01
CA PRO C 35 27.90 -20.05 31.23
C PRO C 35 27.49 -21.39 31.83
N ALA C 36 27.72 -22.49 31.11
CA ALA C 36 27.38 -23.81 31.66
C ALA C 36 28.49 -24.36 32.55
N THR C 37 29.73 -23.90 32.35
CA THR C 37 30.87 -24.44 33.07
C THR C 37 31.73 -23.40 33.77
N GLY C 38 31.56 -22.12 33.45
CA GLY C 38 32.41 -21.09 34.01
C GLY C 38 33.73 -20.88 33.31
N GLU C 39 34.16 -21.81 32.45
CA GLU C 39 35.45 -21.67 31.80
C GLU C 39 35.43 -20.52 30.80
N GLN C 40 36.62 -20.06 30.46
CA GLN C 40 36.79 -19.00 29.46
C GLN C 40 36.97 -19.65 28.09
N VAL C 41 36.09 -19.30 27.16
CA VAL C 41 36.16 -19.88 25.81
C VAL C 41 37.35 -19.33 25.05
N CYS C 42 37.49 -18.00 25.04
CA CYS C 42 38.52 -17.36 24.22
C CYS C 42 38.66 -15.90 24.67
N GLU C 43 39.49 -15.16 23.95
CA GLU C 43 39.64 -13.72 24.12
C GLU C 43 39.26 -13.04 22.81
N VAL C 44 38.48 -11.98 22.89
CA VAL C 44 37.99 -11.25 21.73
C VAL C 44 38.55 -9.83 21.77
N GLN C 45 39.05 -9.37 20.63
CA GLN C 45 39.49 -7.98 20.50
C GLN C 45 38.37 -7.04 20.94
N GLU C 46 38.71 -6.10 21.81
CA GLU C 46 37.74 -5.21 22.44
C GLU C 46 37.73 -3.88 21.71
N ALA C 47 36.60 -3.58 21.06
CA ALA C 47 36.46 -2.31 20.35
C ALA C 47 36.19 -1.18 21.32
N ASP C 48 36.71 -0.01 20.99
CA ASP C 48 36.46 1.22 21.73
C ASP C 48 36.17 2.32 20.71
N LYS C 49 36.24 3.57 21.14
CA LYS C 49 35.83 4.69 20.29
C LYS C 49 36.63 4.76 19.00
N ALA C 50 37.95 4.52 19.10
CA ALA C 50 38.81 4.65 17.93
C ALA C 50 38.48 3.61 16.86
N ASP C 51 38.07 2.42 17.29
CA ASP C 51 37.69 1.39 16.32
C ASP C 51 36.34 1.72 15.67
N ILE C 52 35.43 2.30 16.45
CA ILE C 52 34.13 2.71 15.90
C ILE C 52 34.33 3.75 14.80
N ASP C 53 35.25 4.69 15.01
CA ASP C 53 35.49 5.72 14.01
C ASP C 53 36.03 5.12 12.71
N LYS C 54 36.85 4.07 12.81
CA LYS C 54 37.30 3.38 11.61
C LYS C 54 36.15 2.64 10.94
N ALA C 55 35.29 2.01 11.75
CA ALA C 55 34.13 1.32 11.20
C ALA C 55 33.18 2.29 10.51
N VAL C 56 32.94 3.45 11.12
CA VAL C 56 32.06 4.44 10.52
C VAL C 56 32.67 4.97 9.23
N GLN C 57 33.98 5.22 9.22
CA GLN C 57 34.65 5.65 7.99
C GLN C 57 34.47 4.63 6.88
N ALA C 58 34.65 3.35 7.19
CA ALA C 58 34.48 2.31 6.18
C ALA C 58 33.03 2.21 5.73
N ALA C 59 32.08 2.26 6.66
CA ALA C 59 30.67 2.21 6.29
C ALA C 59 30.25 3.45 5.51
N ARG C 60 30.83 4.62 5.82
CA ARG C 60 30.52 5.82 5.07
C ARG C 60 31.08 5.77 3.66
N LEU C 61 32.29 5.21 3.51
CA LEU C 61 32.86 5.09 2.17
C LEU C 61 32.13 4.03 1.36
N ALA C 62 31.73 2.93 2.00
CA ALA C 62 30.94 1.92 1.32
C ALA C 62 29.62 2.49 0.80
N PHE C 63 29.12 3.55 1.40
CA PHE C 63 27.83 4.15 1.05
C PHE C 63 27.95 5.31 0.09
N SER C 64 29.16 5.68 -0.30
CA SER C 64 29.35 6.85 -1.16
C SER C 64 28.70 6.62 -2.52
N LEU C 65 28.15 7.69 -3.09
CA LEU C 65 27.52 7.61 -4.40
C LEU C 65 28.52 7.07 -5.42
N GLY C 66 28.03 6.19 -6.29
CA GLY C 66 28.87 5.54 -7.27
C GLY C 66 29.58 4.30 -6.78
N SER C 67 29.50 3.98 -5.49
CA SER C 67 30.16 2.81 -4.95
C SER C 67 29.46 1.54 -5.43
N VAL C 68 30.12 0.41 -5.20
CA VAL C 68 29.57 -0.88 -5.62
C VAL C 68 28.24 -1.15 -4.94
N TRP C 69 28.13 -0.79 -3.66
CA TRP C 69 26.92 -1.07 -2.90
C TRP C 69 25.77 -0.16 -3.33
N ARG C 70 26.06 1.09 -3.70
CA ARG C 70 24.99 2.00 -4.13
C ARG C 70 24.57 1.73 -5.57
N ARG C 71 25.52 1.36 -6.43
CA ARG C 71 25.21 1.06 -7.83
C ARG C 71 24.49 -0.26 -7.99
N MET C 72 24.65 -1.18 -7.05
CA MET C 72 24.10 -2.52 -7.19
C MET C 72 22.60 -2.49 -7.44
N ASP C 73 22.14 -3.36 -8.35
CA ASP C 73 20.71 -3.56 -8.51
C ASP C 73 20.10 -4.02 -7.19
N ALA C 74 18.95 -3.45 -6.84
CA ALA C 74 18.28 -3.86 -5.60
C ALA C 74 18.06 -5.37 -5.58
N SER C 75 17.65 -5.94 -6.72
CA SER C 75 17.50 -7.38 -6.82
C SER C 75 18.79 -8.13 -6.52
N GLU C 76 19.95 -7.47 -6.62
CA GLU C 76 21.23 -8.10 -6.31
C GLU C 76 21.64 -7.96 -4.86
N ARG C 77 21.22 -6.87 -4.19
CA ARG C 77 21.24 -6.89 -2.73
C ARG C 77 20.48 -8.09 -2.20
N GLY C 78 19.32 -8.37 -2.80
CA GLY C 78 18.51 -9.49 -2.35
C GLY C 78 19.20 -10.82 -2.51
N ARG C 79 19.83 -11.04 -3.67
CA ARG C 79 20.53 -12.30 -3.87
C ARG C 79 21.73 -12.43 -2.95
N LEU C 80 22.38 -11.31 -2.62
CA LEU C 80 23.42 -11.33 -1.61
C LEU C 80 22.87 -11.82 -0.27
N LEU C 81 21.66 -11.38 0.09
CA LEU C 81 21.06 -11.80 1.35
C LEU C 81 20.66 -13.26 1.32
N ASP C 82 20.18 -13.76 0.17
CA ASP C 82 19.85 -15.18 0.09
C ASP C 82 21.10 -16.04 0.08
N LYS C 83 22.20 -15.54 -0.50
CA LYS C 83 23.46 -16.28 -0.45
C LYS C 83 23.94 -16.42 0.99
N LEU C 84 23.80 -15.37 1.81
CA LEU C 84 24.11 -15.48 3.22
C LEU C 84 23.25 -16.55 3.88
N ALA C 85 21.97 -16.62 3.53
CA ALA C 85 21.10 -17.66 4.06
C ALA C 85 21.60 -19.04 3.71
N ASP C 86 22.05 -19.23 2.46
CA ASP C 86 22.62 -20.51 2.06
C ASP C 86 23.82 -20.88 2.92
N LEU C 87 24.70 -19.91 3.18
CA LEU C 87 25.91 -20.20 3.95
C LEU C 87 25.59 -20.50 5.41
N VAL C 88 24.62 -19.80 5.98
CA VAL C 88 24.22 -20.10 7.36
C VAL C 88 23.57 -21.47 7.44
N GLU C 89 22.78 -21.84 6.42
CA GLU C 89 22.23 -23.18 6.37
C GLU C 89 23.33 -24.22 6.28
N ARG C 90 24.33 -23.99 5.43
CA ARG C 90 25.45 -24.92 5.30
C ARG C 90 26.18 -25.07 6.63
N ASP C 91 26.45 -23.96 7.31
CA ASP C 91 27.18 -23.96 8.57
C ASP C 91 26.24 -23.95 9.78
N ARG C 92 25.08 -24.59 9.66
CA ARG C 92 24.04 -24.51 10.69
C ARG C 92 24.53 -25.10 12.01
N ALA C 93 25.05 -26.33 11.97
CA ALA C 93 25.41 -27.02 13.20
C ALA C 93 26.58 -26.34 13.91
N VAL C 94 27.52 -25.75 13.16
CA VAL C 94 28.60 -24.99 13.77
C VAL C 94 28.02 -23.79 14.52
N LEU C 95 27.11 -23.05 13.88
CA LEU C 95 26.58 -21.83 14.46
C LEU C 95 25.70 -22.15 15.68
N ALA C 96 24.88 -23.19 15.60
CA ALA C 96 24.08 -23.58 16.75
C ALA C 96 24.95 -24.09 17.89
N THR C 97 26.10 -24.68 17.57
CA THR C 97 27.05 -25.08 18.61
C THR C 97 27.66 -23.86 19.29
N MET C 98 27.94 -22.81 18.52
CA MET C 98 28.49 -21.59 19.10
C MET C 98 27.47 -20.91 20.00
N GLU C 99 26.24 -20.76 19.52
CA GLU C 99 25.19 -20.16 20.34
C GLU C 99 24.93 -20.99 21.59
N SER C 100 25.09 -22.30 21.52
CA SER C 100 24.92 -23.16 22.69
C SER C 100 26.10 -23.02 23.65
N LEU C 101 27.31 -23.05 23.11
CA LEU C 101 28.52 -22.95 23.95
C LEU C 101 28.63 -21.58 24.60
N ASN C 102 28.26 -20.53 23.86
CA ASN C 102 28.39 -19.15 24.32
C ASN C 102 27.16 -18.67 25.08
N GLY C 103 25.96 -19.01 24.61
CA GLY C 103 24.75 -18.45 25.19
C GLY C 103 24.07 -19.33 26.22
N GLY C 104 24.53 -20.55 26.39
CA GLY C 104 23.88 -21.49 27.28
C GLY C 104 22.59 -22.07 26.75
N LYS C 105 22.25 -21.79 25.48
CA LYS C 105 21.06 -22.36 24.89
C LYS C 105 21.24 -23.85 24.68
N PRO C 106 20.24 -24.68 25.03
CA PRO C 106 20.29 -26.09 24.65
C PRO C 106 20.46 -26.22 23.15
N PHE C 107 21.33 -27.15 22.74
CA PHE C 107 21.79 -27.20 21.35
C PHE C 107 20.64 -27.41 20.38
N LEU C 108 19.76 -28.37 20.66
CA LEU C 108 18.67 -28.66 19.75
C LEU C 108 17.73 -27.47 19.59
N GLN C 109 17.56 -26.66 20.63
CA GLN C 109 16.77 -25.45 20.50
C GLN C 109 17.48 -24.43 19.61
N ALA C 110 18.78 -24.22 19.85
CA ALA C 110 19.56 -23.33 18.98
C ALA C 110 19.52 -23.79 17.53
N PHE C 111 19.55 -25.10 17.30
CA PHE C 111 19.54 -25.61 15.94
C PHE C 111 18.19 -25.41 15.27
N TYR C 112 17.11 -25.84 15.94
CA TYR C 112 15.80 -25.88 15.29
C TYR C 112 14.97 -24.61 15.47
N VAL C 113 15.31 -23.76 16.45
CA VAL C 113 14.54 -22.54 16.69
C VAL C 113 15.33 -21.33 16.22
N ASP C 114 16.41 -21.00 16.92
CA ASP C 114 17.19 -19.80 16.62
C ASP C 114 17.67 -19.82 15.17
N LEU C 115 18.37 -20.87 14.78
CA LEU C 115 19.00 -20.91 13.47
C LEU C 115 17.97 -20.96 12.35
N GLN C 116 16.85 -21.65 12.57
CA GLN C 116 15.76 -21.61 11.59
C GLN C 116 15.27 -20.18 11.38
N GLY C 117 15.06 -19.44 12.47
CA GLY C 117 14.65 -18.06 12.33
C GLY C 117 15.70 -17.19 11.66
N VAL C 118 16.98 -17.52 11.88
CA VAL C 118 18.06 -16.77 11.24
C VAL C 118 18.00 -16.95 9.73
N ILE C 119 17.80 -18.19 9.28
CA ILE C 119 17.77 -18.47 7.85
C ILE C 119 16.50 -17.91 7.22
N LYS C 120 15.38 -18.00 7.93
CA LYS C 120 14.11 -17.50 7.39
C LYS C 120 14.12 -15.97 7.31
N THR C 121 14.72 -15.30 8.29
CA THR C 121 14.81 -13.86 8.25
C THR C 121 15.57 -13.38 7.02
N PHE C 122 16.71 -14.00 6.74
CA PHE C 122 17.51 -13.59 5.58
C PHE C 122 16.78 -13.86 4.27
N ARG C 123 16.12 -15.02 4.16
CA ARG C 123 15.37 -15.32 2.94
C ARG C 123 14.16 -14.40 2.78
N TYR C 124 13.53 -14.01 3.88
CA TYR C 124 12.41 -13.07 3.80
C TYR C 124 12.85 -11.73 3.23
N TYR C 125 13.95 -11.18 3.77
CA TYR C 125 14.40 -9.87 3.33
C TYR C 125 15.12 -9.91 2.00
N ALA C 126 15.62 -11.08 1.59
CA ALA C 126 16.06 -11.25 0.22
C ALA C 126 14.94 -10.93 -0.76
N GLY C 127 13.70 -11.24 -0.38
CA GLY C 127 12.57 -10.97 -1.25
C GLY C 127 12.17 -9.52 -1.33
N TRP C 128 12.51 -8.72 -0.32
CA TRP C 128 12.01 -7.35 -0.23
C TRP C 128 12.85 -6.34 -1.00
N ALA C 129 14.14 -6.62 -1.21
CA ALA C 129 15.08 -5.58 -1.64
C ALA C 129 14.61 -4.86 -2.91
N ASP C 130 14.12 -5.61 -3.89
CA ASP C 130 13.61 -5.01 -5.13
C ASP C 130 12.09 -4.89 -5.12
N LYS C 131 11.48 -4.76 -3.95
CA LYS C 131 10.04 -4.52 -3.83
C LYS C 131 9.75 -3.37 -2.88
N ILE C 132 10.76 -2.57 -2.53
CA ILE C 132 10.57 -1.35 -1.76
C ILE C 132 10.13 -0.25 -2.73
N HIS C 133 8.89 0.20 -2.58
CA HIS C 133 8.28 1.13 -3.53
C HIS C 133 8.06 2.50 -2.88
N GLY C 134 8.28 3.55 -3.68
CA GLY C 134 7.72 4.85 -3.40
C GLY C 134 6.37 4.99 -4.06
N MET C 135 5.87 6.22 -4.08
CA MET C 135 4.56 6.50 -4.69
C MET C 135 4.64 7.70 -5.62
N THR C 136 3.61 7.82 -6.45
CA THR C 136 3.33 9.02 -7.24
C THR C 136 1.98 9.55 -6.79
N ILE C 137 1.87 10.88 -6.71
CA ILE C 137 0.81 11.49 -5.93
C ILE C 137 0.02 12.50 -6.77
N PRO C 138 -1.34 12.42 -6.78
CA PRO C 138 -2.18 13.30 -7.63
C PRO C 138 -2.33 14.70 -7.05
N VAL C 139 -1.21 15.43 -7.04
CA VAL C 139 -1.07 16.64 -6.26
C VAL C 139 -1.81 17.82 -6.90
N ASP C 140 -2.17 18.79 -6.08
CA ASP C 140 -2.80 20.01 -6.56
C ASP C 140 -1.83 20.78 -7.47
N GLY C 141 -2.38 21.42 -8.50
CA GLY C 141 -1.57 22.26 -9.36
C GLY C 141 -0.87 21.48 -10.45
N ASP C 142 -0.12 22.21 -11.26
CA ASP C 142 0.55 21.65 -12.44
C ASP C 142 1.91 21.08 -12.05
N TYR C 143 1.87 20.01 -11.26
CA TYR C 143 3.08 19.35 -10.79
C TYR C 143 2.99 17.84 -10.97
N PHE C 144 4.14 17.21 -11.20
CA PHE C 144 4.30 15.76 -11.14
C PHE C 144 5.14 15.45 -9.90
N THR C 145 4.56 14.72 -8.95
CA THR C 145 5.20 14.47 -7.66
C THR C 145 5.32 12.97 -7.42
N PHE C 146 6.52 12.54 -7.02
CA PHE C 146 6.79 11.16 -6.64
C PHE C 146 7.76 11.15 -5.48
N THR C 147 7.78 10.02 -4.77
CA THR C 147 8.72 9.80 -3.68
C THR C 147 9.71 8.70 -4.06
N ARG C 148 10.91 8.82 -3.51
CA ARG C 148 11.90 7.75 -3.56
C ARG C 148 12.19 7.29 -2.13
N HIS C 149 12.38 5.99 -1.97
CA HIS C 149 12.71 5.39 -0.68
C HIS C 149 14.19 5.01 -0.72
N GLU C 150 15.01 5.91 -0.26
CA GLU C 150 16.44 5.72 -0.30
C GLU C 150 16.94 5.16 1.03
N PRO C 151 18.06 4.44 1.03
CA PRO C 151 18.69 4.09 2.31
C PRO C 151 19.08 5.34 3.07
N ILE C 152 19.05 5.24 4.40
CA ILE C 152 19.42 6.38 5.23
C ILE C 152 20.91 6.63 5.15
N GLY C 153 21.71 5.57 5.26
CA GLY C 153 23.15 5.70 5.24
C GLY C 153 23.82 4.71 6.18
N VAL C 154 24.64 5.22 7.09
CA VAL C 154 25.34 4.37 8.05
C VAL C 154 24.43 4.17 9.26
N CYS C 155 24.08 2.91 9.54
CA CYS C 155 23.20 2.55 10.65
C CYS C 155 24.02 1.90 11.77
N GLY C 156 23.99 2.51 12.95
CA GLY C 156 24.58 1.91 14.13
C GLY C 156 23.59 1.02 14.86
N GLN C 157 24.03 -0.19 15.21
CA GLN C 157 23.12 -1.17 15.78
C GLN C 157 23.74 -1.78 17.02
N ILE C 158 22.91 -1.96 18.06
CA ILE C 158 23.36 -2.47 19.35
C ILE C 158 22.34 -3.50 19.84
N ILE C 159 22.81 -4.69 20.16
CA ILE C 159 21.91 -5.82 20.45
C ILE C 159 22.30 -6.48 21.77
N PRO C 160 21.33 -7.13 22.48
CA PRO C 160 21.68 -7.82 23.72
C PRO C 160 22.15 -9.25 23.49
N TRP C 161 22.20 -10.03 24.58
CA TRP C 161 22.89 -11.32 24.59
C TRP C 161 21.96 -12.53 24.59
N ASN C 162 20.65 -12.34 24.70
CA ASN C 162 19.76 -13.49 24.90
C ASN C 162 19.45 -14.23 23.61
N PHE C 163 19.53 -13.57 22.46
CA PHE C 163 19.36 -14.22 21.16
C PHE C 163 20.42 -13.69 20.20
N PRO C 164 21.71 -14.00 20.45
CA PRO C 164 22.80 -13.33 19.72
C PRO C 164 22.67 -13.40 18.21
N LEU C 165 22.60 -14.61 17.65
CA LEU C 165 22.56 -14.75 16.20
C LEU C 165 21.24 -14.26 15.63
N LEU C 166 20.11 -14.56 16.30
CA LEU C 166 18.82 -14.10 15.81
C LEU C 166 18.74 -12.58 15.80
N MET C 167 19.12 -11.94 16.90
CA MET C 167 19.15 -10.48 16.95
C MET C 167 19.99 -9.90 15.82
N PHE C 168 21.20 -10.45 15.64
CA PHE C 168 22.08 -10.03 14.56
C PHE C 168 21.34 -10.00 13.22
N ALA C 169 20.58 -11.05 12.94
CA ALA C 169 19.90 -11.14 11.66
C ALA C 169 18.72 -10.18 11.60
N TRP C 170 17.97 -10.03 12.70
CA TRP C 170 16.87 -9.07 12.72
C TRP C 170 17.37 -7.65 12.47
N LYS C 171 18.61 -7.37 12.85
CA LYS C 171 19.15 -6.01 12.68
C LYS C 171 19.67 -5.80 11.25
N ILE C 172 20.59 -6.66 10.80
CA ILE C 172 21.28 -6.35 9.56
C ILE C 172 20.45 -6.70 8.33
N ALA C 173 19.53 -7.67 8.41
CA ALA C 173 18.79 -8.06 7.22
C ALA C 173 17.92 -6.93 6.66
N PRO C 174 17.04 -6.28 7.44
CA PRO C 174 16.29 -5.16 6.86
C PRO C 174 17.19 -3.98 6.50
N ALA C 175 18.22 -3.71 7.29
CA ALA C 175 19.13 -2.62 6.98
C ALA C 175 19.77 -2.81 5.62
N LEU C 176 20.30 -4.01 5.37
CA LEU C 176 20.95 -4.30 4.10
C LEU C 176 19.94 -4.34 2.95
N CYS C 177 18.78 -4.95 3.21
CA CYS C 177 17.72 -5.04 2.19
C CYS C 177 17.39 -3.68 1.62
N CYS C 178 17.40 -2.64 2.47
CA CYS C 178 17.12 -1.28 2.04
C CYS C 178 18.33 -0.56 1.47
N GLY C 179 19.51 -1.17 1.53
CA GLY C 179 20.70 -0.57 0.98
C GLY C 179 21.54 0.25 1.93
N ASN C 180 21.37 0.08 3.23
CA ASN C 180 22.22 0.79 4.18
C ASN C 180 23.53 0.03 4.38
N THR C 181 24.47 0.69 5.06
CA THR C 181 25.64 0.05 5.62
C THR C 181 25.54 0.08 7.14
N VAL C 182 26.27 -0.82 7.79
CA VAL C 182 25.95 -1.24 9.15
C VAL C 182 27.20 -1.25 10.01
N VAL C 183 27.12 -0.60 11.17
CA VAL C 183 28.09 -0.75 12.26
C VAL C 183 27.33 -1.37 13.41
N ILE C 184 27.61 -2.63 13.73
CA ILE C 184 26.83 -3.40 14.67
C ILE C 184 27.74 -3.85 15.81
N LYS C 185 27.30 -3.60 17.04
CA LYS C 185 28.06 -3.97 18.24
C LYS C 185 27.31 -5.06 18.99
N PRO C 186 27.70 -6.33 18.87
CA PRO C 186 27.01 -7.38 19.60
C PRO C 186 27.25 -7.26 21.10
N ALA C 187 26.50 -8.04 21.87
CA ALA C 187 26.66 -8.03 23.31
C ALA C 187 28.03 -8.60 23.67
N GLU C 188 28.68 -7.99 24.68
CA GLU C 188 29.99 -8.46 25.09
C GLU C 188 29.90 -9.87 25.66
N GLN C 189 28.75 -10.25 26.20
CA GLN C 189 28.57 -11.62 26.68
C GLN C 189 28.67 -12.62 25.55
N THR C 190 28.16 -12.27 24.37
CA THR C 190 27.94 -13.21 23.28
C THR C 190 28.37 -12.61 21.94
N PRO C 191 29.68 -12.43 21.72
CA PRO C 191 30.14 -11.91 20.43
C PRO C 191 30.44 -12.96 19.38
N LEU C 192 30.49 -14.24 19.74
CA LEU C 192 31.16 -15.23 18.89
C LEU C 192 30.40 -15.51 17.60
N SER C 193 29.09 -15.74 17.69
CA SER C 193 28.33 -16.06 16.48
C SER C 193 28.32 -14.89 15.51
N ALA C 194 28.19 -13.67 16.04
CA ALA C 194 28.20 -12.49 15.17
C ALA C 194 29.52 -12.38 14.41
N LEU C 195 30.63 -12.71 15.07
CA LEU C 195 31.92 -12.62 14.40
C LEU C 195 32.06 -13.69 13.33
N TYR C 196 31.63 -14.92 13.62
CA TYR C 196 31.57 -15.95 12.59
C TYR C 196 30.74 -15.48 11.41
N MET C 197 29.64 -14.76 11.68
CA MET C 197 28.84 -14.19 10.60
C MET C 197 29.66 -13.28 9.71
N GLY C 198 30.71 -12.67 10.26
CA GLY C 198 31.60 -11.85 9.45
C GLY C 198 32.25 -12.66 8.34
N ALA C 199 32.80 -13.83 8.67
CA ALA C 199 33.40 -14.69 7.67
C ALA C 199 32.39 -15.05 6.58
N LEU C 200 31.20 -15.48 6.97
CA LEU C 200 30.16 -15.78 6.00
C LEU C 200 29.82 -14.55 5.16
N ILE C 201 29.84 -13.36 5.77
CA ILE C 201 29.45 -12.14 5.06
C ILE C 201 30.44 -11.82 3.95
N LYS C 202 31.73 -12.04 4.18
CA LYS C 202 32.71 -11.87 3.10
C LYS C 202 32.59 -13.00 2.09
N GLU C 203 32.47 -14.24 2.56
CA GLU C 203 32.28 -15.38 1.68
C GLU C 203 31.09 -15.20 0.75
N ALA C 204 30.01 -14.59 1.26
CA ALA C 204 28.86 -14.30 0.41
C ALA C 204 29.18 -13.23 -0.62
N GLY C 205 30.11 -12.33 -0.31
CA GLY C 205 30.55 -11.34 -1.27
C GLY C 205 30.02 -9.94 -1.06
N PHE C 206 29.56 -9.60 0.14
CA PHE C 206 29.17 -8.23 0.42
C PHE C 206 30.39 -7.32 0.24
N PRO C 207 30.22 -6.15 -0.38
CA PRO C 207 31.35 -5.25 -0.58
C PRO C 207 31.97 -4.89 0.77
N PRO C 208 33.26 -4.55 0.77
CA PRO C 208 33.92 -4.21 2.04
C PRO C 208 33.29 -2.97 2.67
N GLY C 209 33.12 -3.02 3.99
CA GLY C 209 32.57 -1.91 4.74
C GLY C 209 31.05 -1.86 4.82
N VAL C 210 30.35 -2.71 4.07
CA VAL C 210 28.89 -2.70 4.11
C VAL C 210 28.39 -3.15 5.48
N ILE C 211 29.05 -4.14 6.08
CA ILE C 211 28.77 -4.57 7.44
C ILE C 211 30.08 -4.56 8.22
N ASN C 212 30.06 -3.95 9.40
CA ASN C 212 31.22 -3.86 10.27
C ASN C 212 30.80 -4.29 11.67
N ILE C 213 31.47 -5.30 12.21
CA ILE C 213 31.10 -5.94 13.46
C ILE C 213 32.15 -5.62 14.51
N LEU C 214 31.75 -4.87 15.54
CA LEU C 214 32.67 -4.37 16.57
C LEU C 214 32.28 -4.90 17.93
N PRO C 215 32.92 -5.98 18.38
CA PRO C 215 32.63 -6.51 19.72
C PRO C 215 33.30 -5.67 20.79
N GLY C 216 32.62 -5.52 21.91
CA GLY C 216 33.11 -4.67 22.96
C GLY C 216 31.99 -4.34 23.93
N TYR C 217 32.30 -3.47 24.87
CA TYR C 217 31.38 -3.16 25.96
C TYR C 217 30.44 -2.03 25.60
N GLY C 218 29.40 -1.88 26.40
CA GLY C 218 28.34 -0.92 26.14
C GLY C 218 28.74 0.53 26.35
N PRO C 219 29.19 0.88 27.55
CA PRO C 219 29.55 2.29 27.82
C PRO C 219 30.74 2.79 27.02
N THR C 220 31.44 1.93 26.28
CA THR C 220 32.57 2.34 25.45
C THR C 220 32.21 2.23 23.97
N ALA C 221 32.15 1.01 23.42
CA ALA C 221 31.80 0.83 22.02
C ALA C 221 30.36 1.25 21.76
N GLY C 222 29.44 0.85 22.64
CA GLY C 222 28.05 1.22 22.44
C GLY C 222 27.82 2.72 22.49
N ALA C 223 28.34 3.37 23.54
CA ALA C 223 28.15 4.81 23.67
C ALA C 223 28.88 5.58 22.59
N ALA C 224 29.94 5.00 22.02
CA ALA C 224 30.61 5.65 20.89
C ALA C 224 29.71 5.64 19.66
N ILE C 225 28.98 4.53 19.46
CA ILE C 225 28.03 4.46 18.36
C ILE C 225 26.90 5.46 18.56
N ALA C 226 26.37 5.53 19.78
CA ALA C 226 25.20 6.37 20.04
C ALA C 226 25.49 7.84 19.82
N SER C 227 26.70 8.29 20.14
CA SER C 227 27.06 9.70 20.10
C SER C 227 27.80 10.11 18.82
N HIS C 228 28.13 9.14 17.97
CA HIS C 228 28.92 9.42 16.77
C HIS C 228 28.15 10.31 15.81
N ILE C 229 28.82 11.34 15.28
CA ILE C 229 28.16 12.32 14.43
C ILE C 229 28.07 11.88 12.98
N GLY C 230 28.78 10.83 12.58
CA GLY C 230 28.72 10.31 11.23
C GLY C 230 27.80 9.12 11.06
N ILE C 231 27.00 8.78 12.06
CA ILE C 231 26.04 7.68 11.99
C ILE C 231 24.65 8.29 11.84
N ASP C 232 23.91 7.83 10.83
CA ASP C 232 22.63 8.45 10.47
C ASP C 232 21.46 7.91 11.29
N LYS C 233 21.58 6.71 11.85
CA LYS C 233 20.46 6.04 12.46
C LYS C 233 21.00 5.03 13.47
N ILE C 234 20.28 4.87 14.58
CA ILE C 234 20.64 3.87 15.58
C ILE C 234 19.43 3.00 15.89
N ALA C 235 19.60 1.69 15.77
CA ALA C 235 18.63 0.70 16.21
C ALA C 235 19.20 0.03 17.44
N PHE C 236 18.54 0.20 18.58
CA PHE C 236 19.00 -0.34 19.84
C PHE C 236 17.98 -1.32 20.41
N THR C 237 18.46 -2.50 20.78
CA THR C 237 17.68 -3.46 21.54
C THR C 237 18.38 -3.72 22.85
N GLY C 238 17.65 -3.61 23.96
CA GLY C 238 18.24 -3.78 25.28
C GLY C 238 17.30 -3.28 26.35
N SER C 239 17.90 -2.96 27.51
CA SER C 239 17.10 -2.57 28.66
C SER C 239 16.55 -1.16 28.51
N THR C 240 15.46 -0.89 29.23
CA THR C 240 14.78 0.40 29.13
C THR C 240 15.66 1.55 29.61
N GLU C 241 16.40 1.34 30.70
CA GLU C 241 17.22 2.43 31.24
C GLU C 241 18.34 2.83 30.30
N VAL C 242 18.97 1.84 29.65
CA VAL C 242 20.00 2.17 28.67
C VAL C 242 19.37 2.80 27.43
N GLY C 243 18.15 2.39 27.10
CA GLY C 243 17.45 3.01 25.98
C GLY C 243 17.23 4.49 26.18
N LYS C 244 16.94 4.88 27.42
CA LYS C 244 16.88 6.30 27.77
C LYS C 244 18.21 6.99 27.44
N LEU C 245 19.33 6.35 27.75
CA LEU C 245 20.63 6.93 27.46
C LEU C 245 20.85 7.09 25.95
N ILE C 246 20.40 6.10 25.18
CA ILE C 246 20.58 6.16 23.72
C ILE C 246 19.83 7.36 23.16
N GLN C 247 18.56 7.52 23.53
CA GLN C 247 17.78 8.64 23.03
C GLN C 247 18.37 9.98 23.45
N GLU C 248 18.87 10.06 24.69
CA GLU C 248 19.54 11.27 25.15
C GLU C 248 20.78 11.56 24.30
N ALA C 249 21.59 10.52 24.05
CA ALA C 249 22.83 10.71 23.30
C ALA C 249 22.56 11.11 21.86
N ALA C 250 21.44 10.64 21.28
CA ALA C 250 21.15 10.96 19.88
C ALA C 250 20.71 12.40 19.72
N GLY C 251 19.88 12.90 20.63
CA GLY C 251 19.48 14.29 20.56
C GLY C 251 20.64 15.24 20.84
N ARG C 252 21.46 14.91 21.84
CA ARG C 252 22.59 15.76 22.22
C ARG C 252 23.67 15.84 21.15
N SER C 253 23.75 14.85 20.25
CA SER C 253 24.85 14.75 19.31
C SER C 253 24.40 15.08 17.88
N ASN C 254 23.59 14.22 17.28
CA ASN C 254 23.44 14.17 15.84
C ASN C 254 22.01 14.36 15.36
N LEU C 255 21.04 14.30 16.27
CA LEU C 255 19.63 14.14 15.90
C LEU C 255 19.44 12.94 14.98
N LYS C 256 20.28 11.93 15.16
CA LYS C 256 20.13 10.70 14.40
C LYS C 256 18.81 10.04 14.73
N ARG C 257 18.26 9.31 13.76
CA ARG C 257 17.00 8.62 13.97
C ARG C 257 17.22 7.41 14.86
N VAL C 258 16.23 7.10 15.70
CA VAL C 258 16.38 6.11 16.76
C VAL C 258 15.19 5.16 16.73
N THR C 259 15.49 3.86 16.73
CA THR C 259 14.52 2.82 17.06
C THR C 259 14.94 2.19 18.37
N LEU C 260 13.98 1.99 19.27
CA LEU C 260 14.25 1.41 20.57
C LEU C 260 13.39 0.16 20.75
N GLU C 261 14.02 -0.93 21.16
CA GLU C 261 13.33 -2.16 21.54
C GLU C 261 13.74 -2.49 22.97
N LEU C 262 12.83 -2.28 23.92
CA LEU C 262 13.22 -2.27 25.32
C LEU C 262 12.55 -3.41 26.11
N GLY C 263 12.46 -3.25 27.44
CA GLY C 263 12.04 -4.32 28.30
C GLY C 263 10.54 -4.54 28.34
N GLY C 264 10.14 -5.65 28.95
CA GLY C 264 8.73 -5.98 29.09
C GLY C 264 8.45 -6.60 30.44
N LYS C 265 7.16 -6.65 30.77
CA LYS C 265 6.59 -7.36 31.90
C LYS C 265 5.19 -7.78 31.44
N SER C 266 5.17 -8.74 30.52
CA SER C 266 4.03 -8.93 29.64
C SER C 266 2.98 -9.81 30.29
N PRO C 267 1.70 -9.45 30.13
CA PRO C 267 0.62 -10.22 30.74
C PRO C 267 0.16 -11.36 29.84
N ASN C 268 -0.19 -12.47 30.49
CA ASN C 268 -0.73 -13.64 29.82
C ASN C 268 -2.05 -14.00 30.50
N ILE C 269 -3.16 -13.84 29.77
CA ILE C 269 -4.49 -13.86 30.36
C ILE C 269 -5.18 -15.16 29.96
N ILE C 270 -5.43 -16.02 30.95
CA ILE C 270 -6.03 -17.33 30.74
C ILE C 270 -7.46 -17.29 31.27
N PHE C 271 -8.43 -17.52 30.39
CA PHE C 271 -9.82 -17.60 30.81
C PHE C 271 -10.21 -19.05 31.11
N ALA C 272 -11.30 -19.19 31.86
CA ALA C 272 -11.70 -20.52 32.33
C ALA C 272 -12.09 -21.44 31.17
N ASP C 273 -12.64 -20.89 30.09
CA ASP C 273 -13.09 -21.69 28.96
C ASP C 273 -11.97 -22.16 28.06
N ALA C 274 -10.71 -21.90 28.42
CA ALA C 274 -9.60 -22.31 27.59
C ALA C 274 -9.24 -23.77 27.83
N ASP C 275 -8.55 -24.35 26.86
CA ASP C 275 -8.04 -25.71 26.99
C ASP C 275 -6.93 -25.72 28.03
N LEU C 276 -7.14 -26.45 29.13
CA LEU C 276 -6.23 -26.35 30.26
C LEU C 276 -4.87 -26.95 29.96
N ASP C 277 -4.86 -28.14 29.34
CA ASP C 277 -3.59 -28.76 28.94
C ASP C 277 -2.77 -27.81 28.07
N TYR C 278 -3.41 -27.23 27.05
CA TYR C 278 -2.70 -26.39 26.10
C TYR C 278 -2.27 -25.06 26.73
N ALA C 279 -3.17 -24.41 27.47
CA ALA C 279 -2.84 -23.11 28.06
C ALA C 279 -1.75 -23.23 29.13
N VAL C 280 -1.72 -24.34 29.87
CA VAL C 280 -0.68 -24.53 30.88
C VAL C 280 0.68 -24.65 30.23
N GLU C 281 0.78 -25.52 29.21
CA GLU C 281 2.06 -25.70 28.54
C GLU C 281 2.51 -24.44 27.81
N GLN C 282 1.57 -23.69 27.22
CA GLN C 282 1.94 -22.49 26.51
C GLN C 282 2.32 -21.37 27.47
N ALA C 283 1.65 -21.28 28.62
CA ALA C 283 2.06 -20.31 29.63
C ALA C 283 3.37 -20.71 30.30
N HIS C 284 3.64 -22.02 30.38
CA HIS C 284 4.91 -22.48 30.91
C HIS C 284 6.05 -22.13 29.95
N GLN C 285 5.85 -22.42 28.66
CA GLN C 285 6.83 -22.01 27.66
C GLN C 285 6.97 -20.50 27.60
N GLY C 286 5.85 -19.78 27.74
CA GLY C 286 5.89 -18.33 27.74
C GLY C 286 6.76 -17.74 28.85
N VAL C 287 7.02 -18.49 29.90
CA VAL C 287 7.87 -18.03 31.00
C VAL C 287 9.29 -18.57 30.85
N PHE C 288 9.43 -19.86 30.61
CA PHE C 288 10.70 -20.57 30.78
C PHE C 288 11.51 -20.69 29.50
N PHE C 289 10.95 -20.34 28.35
CA PHE C 289 11.69 -20.46 27.09
C PHE C 289 12.97 -19.64 27.16
N ASN C 290 14.04 -20.21 26.60
CA ASN C 290 15.34 -19.55 26.54
C ASN C 290 15.83 -19.16 27.94
N GLN C 291 15.70 -20.10 28.88
CA GLN C 291 16.12 -19.91 30.26
C GLN C 291 15.40 -18.75 30.95
N GLY C 292 14.21 -18.40 30.46
CA GLY C 292 13.52 -17.22 30.94
C GLY C 292 14.12 -15.90 30.50
N GLN C 293 15.09 -15.93 29.60
CA GLN C 293 15.77 -14.71 29.16
C GLN C 293 15.17 -14.23 27.83
N CYS C 294 13.90 -13.86 27.93
CA CYS C 294 13.12 -13.36 26.81
C CYS C 294 12.46 -12.04 27.22
N CYS C 295 12.65 -11.02 26.39
CA CYS C 295 11.90 -9.78 26.57
C CYS C 295 10.40 -10.01 26.45
N THR C 296 10.00 -11.07 25.75
CA THR C 296 8.60 -11.40 25.55
C THR C 296 8.05 -12.31 26.63
N ALA C 297 8.77 -12.49 27.73
CA ALA C 297 8.37 -13.44 28.76
C ALA C 297 6.99 -13.09 29.31
N GLY C 298 6.09 -14.07 29.27
CA GLY C 298 4.79 -13.93 29.91
C GLY C 298 4.94 -13.99 31.41
N SER C 299 5.38 -12.88 32.01
CA SER C 299 5.78 -12.87 33.41
C SER C 299 4.68 -12.39 34.34
N ARG C 300 3.44 -12.22 33.84
CA ARG C 300 2.31 -11.84 34.68
C ARG C 300 1.11 -12.65 34.16
N ILE C 301 1.02 -13.89 34.61
CA ILE C 301 -0.03 -14.81 34.17
C ILE C 301 -1.26 -14.57 35.03
N PHE C 302 -2.32 -14.04 34.42
CA PHE C 302 -3.59 -13.81 35.10
C PHE C 302 -4.54 -14.97 34.77
N VAL C 303 -5.00 -15.67 35.80
CA VAL C 303 -5.84 -16.85 35.64
C VAL C 303 -7.20 -16.60 36.27
N GLU C 304 -8.26 -16.91 35.53
CA GLU C 304 -9.62 -16.74 36.05
C GLU C 304 -9.83 -17.62 37.28
N GLU C 305 -10.50 -17.04 38.29
CA GLU C 305 -10.71 -17.70 39.59
C GLU C 305 -11.06 -19.17 39.47
N SER C 306 -12.00 -19.48 38.57
CA SER C 306 -12.57 -20.82 38.47
C SER C 306 -11.52 -21.90 38.25
N ILE C 307 -10.37 -21.54 37.68
CA ILE C 307 -9.35 -22.51 37.29
C ILE C 307 -7.99 -22.21 37.90
N TYR C 308 -7.86 -21.12 38.66
CA TYR C 308 -6.57 -20.68 39.17
C TYR C 308 -5.87 -21.79 39.95
N GLU C 309 -6.60 -22.45 40.84
CA GLU C 309 -6.01 -23.47 41.72
C GLU C 309 -5.54 -24.68 40.91
N GLU C 310 -6.37 -25.18 39.99
CA GLU C 310 -5.92 -26.28 39.14
C GLU C 310 -4.84 -25.83 38.17
N PHE C 311 -4.88 -24.56 37.75
CA PHE C 311 -3.80 -24.05 36.92
C PHE C 311 -2.48 -24.03 37.69
N VAL C 312 -2.52 -23.61 38.95
CA VAL C 312 -1.30 -23.59 39.76
C VAL C 312 -0.74 -25.00 39.92
N ARG C 313 -1.62 -25.98 40.15
CA ARG C 313 -1.18 -27.35 40.34
C ARG C 313 -0.48 -27.89 39.10
N ARG C 314 -1.06 -27.67 37.92
CA ARG C 314 -0.49 -28.21 36.69
C ARG C 314 0.80 -27.49 36.31
N SER C 315 0.84 -26.16 36.47
CA SER C 315 2.08 -25.43 36.22
C SER C 315 3.19 -25.89 37.12
N VAL C 316 2.86 -26.18 38.39
CA VAL C 316 3.86 -26.63 39.35
C VAL C 316 4.39 -28.00 38.94
N GLU C 317 3.49 -28.94 38.63
CA GLU C 317 3.90 -30.24 38.14
C GLU C 317 4.80 -30.10 36.91
N ARG C 318 4.42 -29.22 35.98
CA ARG C 318 5.20 -29.03 34.77
C ARG C 318 6.58 -28.45 35.07
N ALA C 319 6.66 -27.48 35.98
CA ALA C 319 7.95 -26.90 36.33
C ALA C 319 8.82 -27.88 37.10
N LYS C 320 8.20 -28.74 37.91
CA LYS C 320 8.96 -29.72 38.69
C LYS C 320 9.58 -30.81 37.81
N ARG C 321 9.13 -30.94 36.56
CA ARG C 321 9.67 -31.95 35.64
C ARG C 321 10.61 -31.36 34.60
N ARG C 322 10.82 -30.05 34.60
CA ARG C 322 11.63 -29.41 33.58
C ARG C 322 13.10 -29.79 33.75
N VAL C 323 13.68 -30.39 32.72
CA VAL C 323 15.03 -30.93 32.81
C VAL C 323 16.04 -29.80 32.64
N VAL C 324 16.76 -29.47 33.72
CA VAL C 324 17.85 -28.52 33.70
C VAL C 324 19.16 -29.29 33.58
N GLY C 325 20.08 -28.79 32.77
CA GLY C 325 21.37 -29.46 32.66
C GLY C 325 22.17 -28.91 31.49
N SER C 326 23.15 -29.72 31.08
CA SER C 326 24.12 -29.28 30.08
C SER C 326 23.43 -28.97 28.76
N PRO C 327 23.72 -27.82 28.14
CA PRO C 327 23.11 -27.51 26.84
C PRO C 327 23.38 -28.54 25.75
N PHE C 328 24.47 -29.31 25.87
CA PHE C 328 24.81 -30.28 24.83
C PHE C 328 24.04 -31.59 24.95
N ASP C 329 23.39 -31.84 26.09
CA ASP C 329 22.58 -33.03 26.31
C ASP C 329 21.23 -32.88 25.60
N PRO C 330 20.82 -33.86 24.79
CA PRO C 330 19.52 -33.74 24.09
C PRO C 330 18.34 -33.61 25.02
N THR C 331 18.41 -34.21 26.22
CA THR C 331 17.29 -34.18 27.15
C THR C 331 17.15 -32.85 27.86
N THR C 332 18.21 -32.05 27.91
CA THR C 332 18.18 -30.77 28.59
C THR C 332 17.12 -29.86 27.99
N GLU C 333 16.20 -29.39 28.83
CA GLU C 333 15.22 -28.39 28.43
C GLU C 333 15.74 -26.97 28.66
N GLN C 334 16.50 -26.77 29.73
CA GLN C 334 16.84 -25.44 30.20
C GLN C 334 18.32 -25.40 30.57
N GLY C 335 19.06 -24.49 29.96
CA GLY C 335 20.46 -24.31 30.27
C GLY C 335 20.68 -23.32 31.39
N PRO C 336 21.88 -22.75 31.45
CA PRO C 336 22.19 -21.79 32.50
C PRO C 336 21.81 -20.37 32.12
N GLN C 337 21.77 -19.50 33.14
CA GLN C 337 21.67 -18.08 32.88
C GLN C 337 23.00 -17.56 32.32
N ILE C 338 22.97 -16.38 31.73
CA ILE C 338 24.09 -15.95 30.89
C ILE C 338 25.36 -15.72 31.70
N ASP C 339 25.25 -15.21 32.94
CA ASP C 339 26.45 -14.93 33.73
C ASP C 339 26.05 -14.75 35.20
N LYS C 340 27.07 -14.52 36.03
CA LYS C 340 26.86 -14.41 37.48
C LYS C 340 26.02 -13.19 37.83
N LYS C 341 26.24 -12.08 37.13
CA LYS C 341 25.49 -10.86 37.43
C LYS C 341 23.99 -11.09 37.24
N GLN C 342 23.61 -11.71 36.13
CA GLN C 342 22.21 -12.05 35.92
C GLN C 342 21.75 -13.08 36.94
N TYR C 343 22.58 -14.09 37.21
CA TYR C 343 22.27 -15.13 38.18
C TYR C 343 21.88 -14.53 39.53
N ASN C 344 22.67 -13.59 40.03
CA ASN C 344 22.36 -12.97 41.31
C ASN C 344 21.13 -12.08 41.22
N LYS C 345 21.00 -11.32 40.13
CA LYS C 345 19.80 -10.51 39.91
C LYS C 345 18.54 -11.34 40.05
N ILE C 346 18.55 -12.56 39.53
CA ILE C 346 17.36 -13.40 39.56
C ILE C 346 17.08 -13.86 40.99
N LEU C 347 18.10 -14.33 41.69
CA LEU C 347 17.90 -14.91 43.02
C LEU C 347 17.45 -13.85 44.03
N GLU C 348 18.00 -12.63 43.95
CA GLU C 348 17.51 -11.56 44.80
C GLU C 348 16.05 -11.25 44.51
N LEU C 349 15.65 -11.30 43.24
CA LEU C 349 14.24 -11.13 42.92
C LEU C 349 13.42 -12.26 43.54
N ILE C 350 13.88 -13.51 43.39
CA ILE C 350 13.17 -14.63 44.01
C ILE C 350 13.01 -14.39 45.52
N GLN C 351 14.06 -13.89 46.16
CA GLN C 351 13.98 -13.58 47.59
C GLN C 351 12.96 -12.48 47.85
N SER C 352 12.86 -11.50 46.95
CA SER C 352 11.90 -10.42 47.14
C SER C 352 10.47 -10.94 47.15
N GLY C 353 10.17 -11.91 46.28
CA GLY C 353 8.82 -12.47 46.25
C GLY C 353 8.48 -13.28 47.48
N VAL C 354 9.47 -13.98 48.03
CA VAL C 354 9.25 -14.71 49.28
C VAL C 354 9.12 -13.73 50.44
N ALA C 355 9.91 -12.66 50.43
CA ALA C 355 9.84 -11.68 51.52
C ALA C 355 8.53 -10.90 51.48
N GLU C 356 8.01 -10.62 50.29
CA GLU C 356 6.64 -10.15 50.16
C GLU C 356 5.73 -11.37 50.35
N GLY C 357 4.45 -11.27 50.00
CA GLY C 357 3.54 -12.32 50.46
C GLY C 357 3.24 -13.46 49.50
N ALA C 358 4.15 -13.77 48.58
CA ALA C 358 3.87 -14.70 47.48
C ALA C 358 4.31 -16.11 47.85
N LYS C 359 3.43 -17.08 47.57
CA LYS C 359 3.69 -18.49 47.91
C LYS C 359 4.66 -19.09 46.90
N LEU C 360 5.82 -19.52 47.38
CA LEU C 360 6.81 -20.18 46.53
C LEU C 360 6.45 -21.67 46.43
N GLU C 361 5.99 -22.08 45.24
CA GLU C 361 5.53 -23.45 45.08
C GLU C 361 6.68 -24.42 44.88
N CYS C 362 7.64 -24.06 44.02
CA CYS C 362 8.80 -24.90 43.76
C CYS C 362 9.97 -24.02 43.37
N GLY C 363 11.15 -24.64 43.29
CA GLY C 363 12.34 -23.91 42.87
C GLY C 363 12.83 -22.97 43.95
N GLY C 364 13.40 -21.83 43.52
CA GLY C 364 13.80 -20.77 44.42
C GLY C 364 15.29 -20.64 44.65
N LYS C 365 16.08 -21.65 44.29
CA LYS C 365 17.50 -21.66 44.61
C LYS C 365 18.31 -21.94 43.36
N GLY C 366 19.57 -21.52 43.41
CA GLY C 366 20.54 -22.02 42.45
C GLY C 366 20.75 -23.51 42.63
N LEU C 367 21.45 -24.10 41.67
CA LEU C 367 21.63 -25.54 41.69
C LEU C 367 22.96 -25.98 42.28
N GLY C 368 23.95 -25.08 42.35
CA GLY C 368 25.24 -25.42 42.90
C GLY C 368 26.20 -26.06 41.92
N ARG C 369 25.75 -26.38 40.71
CA ARG C 369 26.62 -27.01 39.73
C ARG C 369 27.63 -26.01 39.18
N LYS C 370 28.51 -26.49 38.32
CA LYS C 370 29.30 -25.59 37.50
C LYS C 370 28.36 -24.70 36.68
N GLY C 371 28.70 -23.43 36.57
CA GLY C 371 27.86 -22.52 35.81
C GLY C 371 26.76 -21.90 36.66
N PHE C 372 25.77 -21.34 35.97
CA PHE C 372 24.77 -20.48 36.57
C PHE C 372 23.37 -21.07 36.33
N PHE C 373 23.10 -22.21 36.97
CA PHE C 373 21.84 -22.92 36.82
C PHE C 373 20.90 -22.59 37.98
N ILE C 374 19.65 -22.29 37.65
CA ILE C 374 18.62 -21.94 38.63
C ILE C 374 17.46 -22.91 38.48
N GLU C 375 16.91 -23.33 39.62
CA GLU C 375 15.78 -24.24 39.61
C GLU C 375 14.56 -23.56 38.98
N PRO C 376 13.81 -24.27 38.12
CA PRO C 376 12.52 -23.73 37.65
C PRO C 376 11.63 -23.36 38.82
N THR C 377 11.22 -22.08 38.86
CA THR C 377 10.57 -21.50 40.03
C THR C 377 9.18 -21.02 39.67
N VAL C 378 8.23 -21.22 40.59
CA VAL C 378 6.84 -20.83 40.39
C VAL C 378 6.36 -20.13 41.67
N PHE C 379 5.87 -18.90 41.51
CA PHE C 379 5.17 -18.20 42.57
C PHE C 379 3.68 -18.19 42.27
N SER C 380 2.87 -18.52 43.27
CA SER C 380 1.45 -18.24 43.22
C SER C 380 1.12 -17.13 44.21
N ASN C 381 -0.15 -16.72 44.20
CA ASN C 381 -0.64 -15.68 45.10
C ASN C 381 0.11 -14.36 44.91
N VAL C 382 0.54 -14.10 43.68
CA VAL C 382 1.23 -12.85 43.37
C VAL C 382 0.19 -11.74 43.23
N THR C 383 0.53 -10.56 43.75
CA THR C 383 -0.30 -9.37 43.64
C THR C 383 0.48 -8.27 42.95
N ASP C 384 -0.25 -7.32 42.36
CA ASP C 384 0.37 -6.36 41.44
C ASP C 384 1.41 -5.48 42.10
N ASP C 385 1.42 -5.38 43.43
CA ASP C 385 2.33 -4.48 44.13
C ASP C 385 3.71 -5.08 44.37
N MET C 386 3.85 -6.39 44.29
CA MET C 386 5.13 -7.02 44.57
C MET C 386 6.17 -6.63 43.52
N ARG C 387 7.41 -6.41 43.97
CA ARG C 387 8.52 -6.26 43.04
C ARG C 387 8.50 -7.36 41.99
N ILE C 388 8.10 -8.57 42.40
CA ILE C 388 8.09 -9.70 41.49
C ILE C 388 7.14 -9.45 40.32
N ALA C 389 6.00 -8.82 40.60
CA ALA C 389 5.02 -8.53 39.58
C ALA C 389 5.30 -7.25 38.81
N LYS C 390 6.38 -6.54 39.12
CA LYS C 390 6.66 -5.24 38.50
C LYS C 390 8.04 -5.11 37.88
N GLU C 391 9.00 -5.95 38.23
CA GLU C 391 10.36 -5.84 37.72
C GLU C 391 10.67 -7.00 36.78
N GLU C 392 11.43 -6.72 35.72
CA GLU C 392 11.79 -7.76 34.78
C GLU C 392 12.77 -8.73 35.43
N ILE C 393 12.37 -10.00 35.53
CA ILE C 393 13.20 -11.00 36.17
C ILE C 393 14.26 -11.51 35.22
N PHE C 394 13.87 -11.79 33.97
CA PHE C 394 14.76 -12.33 32.95
C PHE C 394 15.40 -13.64 33.40
N GLY C 395 14.64 -14.42 34.16
CA GLY C 395 15.07 -15.71 34.63
C GLY C 395 13.92 -16.70 34.64
N PRO C 396 14.20 -17.95 35.04
CA PRO C 396 13.17 -19.01 35.03
C PRO C 396 12.24 -18.92 36.24
N VAL C 397 11.49 -17.83 36.33
CA VAL C 397 10.58 -17.58 37.46
C VAL C 397 9.19 -17.28 36.89
N GLN C 398 8.23 -18.14 37.21
CA GLN C 398 6.86 -18.00 36.76
C GLN C 398 6.00 -17.44 37.89
N GLU C 399 5.15 -16.48 37.55
CA GLU C 399 4.30 -15.82 38.52
C GLU C 399 2.85 -15.94 38.07
N ILE C 400 1.99 -16.44 38.95
CA ILE C 400 0.60 -16.70 38.63
C ILE C 400 -0.25 -15.78 39.49
N LEU C 401 -1.11 -14.99 38.84
CA LEU C 401 -2.05 -14.14 39.51
C LEU C 401 -3.47 -14.60 39.18
N ARG C 402 -4.43 -14.17 40.00
CA ARG C 402 -5.82 -14.53 39.82
C ARG C 402 -6.65 -13.30 39.48
N PHE C 403 -7.70 -13.52 38.69
CA PHE C 403 -8.62 -12.44 38.34
C PHE C 403 -10.03 -13.00 38.28
N LYS C 404 -11.00 -12.08 38.29
CA LYS C 404 -12.41 -12.45 38.32
C LYS C 404 -13.17 -12.02 37.07
N THR C 405 -13.08 -10.75 36.69
CA THR C 405 -13.83 -10.20 35.57
C THR C 405 -12.88 -9.72 34.48
N MET C 406 -13.39 -9.70 33.25
CA MET C 406 -12.58 -9.25 32.12
C MET C 406 -12.15 -7.81 32.28
N ASP C 407 -13.06 -6.93 32.72
CA ASP C 407 -12.71 -5.53 32.94
C ASP C 407 -11.56 -5.40 33.93
N GLU C 408 -11.63 -6.14 35.04
CA GLU C 408 -10.56 -6.10 36.03
C GLU C 408 -9.21 -6.41 35.40
N VAL C 409 -9.12 -7.56 34.73
CA VAL C 409 -7.82 -8.03 34.25
C VAL C 409 -7.32 -7.18 33.08
N ILE C 410 -8.22 -6.54 32.33
CA ILE C 410 -7.79 -5.61 31.29
C ILE C 410 -7.12 -4.40 31.93
N GLU C 411 -7.76 -3.85 32.95
CA GLU C 411 -7.16 -2.76 33.73
C GLU C 411 -5.77 -3.13 34.23
N ARG C 412 -5.68 -4.26 34.93
CA ARG C 412 -4.43 -4.64 35.60
C ARG C 412 -3.34 -5.02 34.61
N ALA C 413 -3.71 -5.64 33.49
CA ALA C 413 -2.70 -5.97 32.48
C ALA C 413 -2.06 -4.70 31.92
N ASN C 414 -2.86 -3.67 31.65
CA ASN C 414 -2.38 -2.42 31.09
C ASN C 414 -1.79 -1.47 32.12
N ASN C 415 -1.93 -1.77 33.41
CA ASN C 415 -1.41 -0.91 34.48
C ASN C 415 0.08 -1.19 34.63
N SER C 416 0.86 -0.59 33.74
CA SER C 416 2.28 -0.89 33.63
C SER C 416 2.94 0.17 32.78
N ASP C 417 4.22 0.44 33.04
CA ASP C 417 5.01 1.30 32.18
C ASP C 417 5.49 0.58 30.93
N PHE C 418 5.36 -0.73 30.89
CA PHE C 418 5.77 -1.55 29.76
C PHE C 418 4.56 -1.93 28.91
N GLY C 419 4.85 -2.35 27.68
CA GLY C 419 3.81 -2.74 26.75
C GLY C 419 4.42 -3.38 25.51
N LEU C 420 5.24 -4.40 25.73
CA LEU C 420 5.87 -5.08 24.61
C LEU C 420 4.91 -6.08 23.96
N VAL C 421 4.35 -6.99 24.76
CA VAL C 421 3.55 -8.07 24.22
C VAL C 421 2.49 -8.50 25.23
N ALA C 422 1.52 -9.30 24.78
CA ALA C 422 0.46 -9.79 25.64
C ALA C 422 -0.23 -10.95 24.95
N ALA C 423 -0.90 -11.79 25.74
CA ALA C 423 -1.58 -12.96 25.21
C ALA C 423 -2.90 -13.19 25.94
N VAL C 424 -3.84 -13.82 25.23
CA VAL C 424 -5.14 -14.18 25.77
C VAL C 424 -5.45 -15.61 25.36
N PHE C 425 -5.91 -16.42 26.32
CA PHE C 425 -6.36 -17.77 26.04
C PHE C 425 -7.84 -17.87 26.35
N THR C 426 -8.63 -18.16 25.32
CA THR C 426 -10.07 -18.22 25.39
C THR C 426 -10.59 -18.75 24.06
N ASN C 427 -11.70 -19.48 24.11
CA ASN C 427 -12.38 -19.93 22.91
C ASN C 427 -13.53 -19.00 22.54
N ASP C 428 -13.80 -18.00 23.37
CA ASP C 428 -14.88 -17.04 23.17
C ASP C 428 -14.37 -15.91 22.28
N ILE C 429 -15.01 -15.71 21.13
CA ILE C 429 -14.52 -14.73 20.16
C ILE C 429 -14.73 -13.30 20.66
N ASN C 430 -15.78 -13.07 21.45
CA ASN C 430 -16.08 -11.69 21.85
C ASN C 430 -15.06 -11.18 22.86
N LYS C 431 -14.67 -12.00 23.84
CA LYS C 431 -13.63 -11.55 24.75
C LYS C 431 -12.22 -11.74 24.19
N ALA C 432 -12.05 -12.59 23.18
CA ALA C 432 -10.76 -12.64 22.49
C ALA C 432 -10.45 -11.32 21.82
N LEU C 433 -11.39 -10.79 21.03
CA LEU C 433 -11.18 -9.53 20.35
C LEU C 433 -11.28 -8.33 21.27
N THR C 434 -12.18 -8.38 22.27
CA THR C 434 -12.25 -7.30 23.24
C THR C 434 -10.93 -7.12 23.97
N VAL C 435 -10.38 -8.21 24.52
CA VAL C 435 -9.13 -8.10 25.27
C VAL C 435 -7.99 -7.68 24.35
N SER C 436 -7.86 -8.35 23.20
CA SER C 436 -6.75 -8.06 22.30
C SER C 436 -6.78 -6.61 21.83
N SER C 437 -7.98 -6.08 21.54
CA SER C 437 -8.08 -4.68 21.16
C SER C 437 -7.74 -3.74 22.31
N ALA C 438 -7.97 -4.19 23.54
CA ALA C 438 -7.76 -3.32 24.70
C ALA C 438 -6.32 -3.29 25.18
N MET C 439 -5.52 -4.31 24.83
CA MET C 439 -4.16 -4.39 25.33
C MET C 439 -3.30 -3.26 24.75
N GLN C 440 -2.50 -2.64 25.61
CA GLN C 440 -1.54 -1.65 25.19
C GLN C 440 -0.17 -2.31 25.02
N ALA C 441 -0.06 -3.05 23.91
CA ALA C 441 1.12 -3.86 23.63
C ALA C 441 1.27 -3.99 22.12
N GLY C 442 2.54 -4.11 21.68
CA GLY C 442 2.81 -4.13 20.26
C GLY C 442 2.42 -5.41 19.57
N THR C 443 2.42 -6.52 20.31
CA THR C 443 1.98 -7.80 19.77
C THR C 443 1.02 -8.42 20.76
N VAL C 444 -0.12 -8.88 20.28
CA VAL C 444 -1.06 -9.64 21.10
C VAL C 444 -1.23 -11.02 20.47
N TRP C 445 -1.10 -12.06 21.29
CA TRP C 445 -1.35 -13.42 20.85
C TRP C 445 -2.68 -13.90 21.39
N ILE C 446 -3.46 -14.55 20.54
CA ILE C 446 -4.68 -15.21 20.94
C ILE C 446 -4.47 -16.70 20.78
N ASN C 447 -4.51 -17.41 21.91
CA ASN C 447 -4.41 -18.88 21.96
C ASN C 447 -3.07 -19.38 21.45
N CYS C 448 -2.02 -18.61 21.73
CA CYS C 448 -0.65 -19.00 21.44
C CYS C 448 0.27 -18.06 22.21
N TYR C 449 1.57 -18.31 22.12
CA TYR C 449 2.56 -17.44 22.71
C TYR C 449 3.86 -17.57 21.93
N ASN C 450 4.66 -16.49 21.98
CA ASN C 450 5.99 -16.46 21.37
C ASN C 450 5.93 -16.78 19.88
N ALA C 451 4.88 -16.33 19.22
CA ALA C 451 4.78 -16.46 17.76
C ALA C 451 5.37 -15.20 17.16
N LEU C 452 6.68 -15.23 16.94
CA LEU C 452 7.43 -14.13 16.34
C LEU C 452 8.03 -14.61 15.03
N ASN C 453 8.01 -13.73 14.03
CA ASN C 453 8.64 -14.02 12.74
C ASN C 453 9.05 -12.71 12.10
N ALA C 454 9.80 -12.83 11.00
CA ALA C 454 10.25 -11.64 10.29
C ALA C 454 9.14 -10.99 9.49
N GLN C 455 8.04 -11.70 9.24
CA GLN C 455 6.95 -11.15 8.45
C GLN C 455 6.09 -10.16 9.22
N SER C 456 6.20 -10.13 10.56
CA SER C 456 5.24 -9.41 11.37
C SER C 456 5.90 -8.31 12.19
N PRO C 457 5.32 -7.11 12.23
CA PRO C 457 5.92 -6.01 12.98
C PRO C 457 5.99 -6.33 14.46
N PHE C 458 7.08 -5.88 15.10
CA PHE C 458 7.35 -6.20 16.50
C PHE C 458 7.96 -4.98 17.16
N GLY C 459 7.48 -4.65 18.35
CA GLY C 459 7.93 -3.47 19.06
C GLY C 459 6.98 -3.15 20.19
N GLY C 460 7.34 -2.10 20.93
CA GLY C 460 6.70 -1.81 22.20
C GLY C 460 5.77 -0.61 22.19
N PHE C 461 4.75 -0.68 23.03
CA PHE C 461 4.00 0.47 23.51
C PHE C 461 4.71 1.07 24.71
N LYS C 462 4.32 2.28 25.07
CA LYS C 462 4.75 2.96 26.31
C LYS C 462 6.28 2.93 26.36
N MET C 463 6.90 2.47 27.44
CA MET C 463 8.34 2.47 27.59
C MET C 463 8.98 1.16 27.16
N SER C 464 8.25 0.31 26.43
CA SER C 464 8.79 -0.92 25.87
C SER C 464 9.47 -0.71 24.52
N GLY C 465 9.49 0.50 24.00
CA GLY C 465 10.23 0.74 22.78
C GLY C 465 9.68 1.90 21.97
N ASN C 466 10.36 2.14 20.85
CA ASN C 466 10.05 3.22 19.91
C ASN C 466 10.16 2.65 18.50
N GLY C 467 9.06 2.63 17.77
CA GLY C 467 9.08 2.11 16.42
C GLY C 467 8.93 0.60 16.38
N ARG C 468 9.13 0.05 15.18
CA ARG C 468 8.85 -1.36 14.93
C ARG C 468 9.96 -2.01 14.12
N GLU C 469 10.19 -3.28 14.39
CA GLU C 469 11.07 -4.13 13.59
C GLU C 469 10.25 -5.21 12.89
N MET C 470 10.81 -5.70 11.78
CA MET C 470 10.27 -6.82 11.01
C MET C 470 9.04 -6.45 10.18
N GLY C 471 8.70 -7.32 9.23
CA GLY C 471 7.58 -7.08 8.34
C GLY C 471 7.84 -5.94 7.38
N GLU C 472 6.78 -5.60 6.64
CA GLU C 472 6.85 -4.46 5.73
C GLU C 472 6.94 -3.15 6.49
N PHE C 473 6.40 -3.09 7.71
CA PHE C 473 6.50 -1.88 8.50
C PHE C 473 7.95 -1.63 8.93
N GLY C 474 8.65 -2.69 9.35
CA GLY C 474 10.03 -2.54 9.82
C GLY C 474 10.97 -1.96 8.79
N LEU C 475 10.63 -2.06 7.50
CA LEU C 475 11.48 -1.47 6.47
C LEU C 475 11.42 0.05 6.49
N ARG C 476 10.34 0.63 7.01
CA ARG C 476 10.20 2.07 7.01
C ARG C 476 11.29 2.75 7.83
N GLU C 477 11.76 2.09 8.89
CA GLU C 477 12.77 2.71 9.75
C GLU C 477 14.15 2.68 9.12
N TYR C 478 14.33 2.03 7.97
CA TYR C 478 15.64 1.91 7.35
C TYR C 478 15.74 2.64 6.02
N SER C 479 14.77 3.50 5.71
CA SER C 479 14.84 4.34 4.52
C SER C 479 14.42 5.76 4.88
N GLU C 480 14.83 6.69 4.02
CA GLU C 480 14.38 8.08 4.08
C GLU C 480 13.44 8.35 2.91
N VAL C 481 12.42 9.14 3.15
CA VAL C 481 11.47 9.51 2.10
C VAL C 481 11.93 10.82 1.49
N LYS C 482 12.02 10.85 0.16
CA LYS C 482 12.34 12.09 -0.56
C LYS C 482 11.22 12.38 -1.54
N THR C 483 10.56 13.52 -1.39
CA THR C 483 9.53 13.96 -2.32
C THR C 483 10.18 14.79 -3.41
N VAL C 484 10.04 14.34 -4.65
CA VAL C 484 10.47 15.10 -5.82
C VAL C 484 9.23 15.63 -6.51
N THR C 485 9.14 16.96 -6.64
CA THR C 485 8.02 17.62 -7.27
C THR C 485 8.51 18.39 -8.48
N VAL C 486 7.89 18.16 -9.63
CA VAL C 486 8.35 18.63 -10.93
C VAL C 486 7.27 19.50 -11.54
N LYS C 487 7.64 20.73 -11.91
CA LYS C 487 6.70 21.60 -12.61
C LYS C 487 6.44 21.05 -14.02
N ILE C 488 5.18 20.98 -14.39
CA ILE C 488 4.78 20.42 -15.69
C ILE C 488 3.89 21.43 -16.38
N PRO C 489 3.81 21.36 -17.72
CA PRO C 489 3.07 22.40 -18.45
C PRO C 489 1.58 22.49 -18.13
N GLN C 490 0.86 21.37 -18.06
CA GLN C 490 -0.60 21.51 -17.97
C GLN C 490 -1.29 20.56 -17.00
N LYS C 491 -0.86 19.30 -16.93
CA LYS C 491 -1.45 18.26 -16.09
C LYS C 491 -2.88 17.90 -16.47
N ASN C 492 -3.10 16.61 -16.73
CA ASN C 492 -4.46 16.11 -16.94
C ASN C 492 -4.71 14.91 -16.02
N SER C 493 -5.34 13.86 -16.55
CA SER C 493 -5.93 12.78 -15.74
C SER C 493 -6.98 13.36 -14.79
N PRO D 2 -39.18 12.01 11.12
CA PRO D 2 -39.29 12.29 9.69
C PRO D 2 -40.58 11.75 9.09
N SER D 3 -41.14 12.43 8.10
CA SER D 3 -42.39 12.00 7.49
C SER D 3 -42.29 12.15 5.98
N PRO D 4 -43.03 11.35 5.22
CA PRO D 4 -42.96 11.43 3.75
C PRO D 4 -43.33 12.81 3.25
N THR D 5 -42.75 13.17 2.11
CA THR D 5 -43.06 14.42 1.42
C THR D 5 -44.45 14.28 0.81
N PRO D 6 -45.48 14.89 1.45
CA PRO D 6 -46.88 14.47 1.23
C PRO D 6 -47.31 14.25 -0.21
N ASN D 7 -47.34 15.31 -1.03
CA ASN D 7 -47.77 15.13 -2.41
C ASN D 7 -46.67 14.49 -3.25
N LEU D 8 -45.47 15.05 -3.18
CA LEU D 8 -44.36 14.77 -4.08
C LEU D 8 -44.79 14.75 -5.55
N GLU D 9 -44.67 15.90 -6.21
CA GLU D 9 -44.63 15.92 -7.66
C GLU D 9 -43.32 15.30 -8.12
N ILE D 10 -43.38 14.55 -9.22
CA ILE D 10 -42.17 14.08 -9.88
C ILE D 10 -41.75 15.18 -10.84
N LYS D 11 -40.73 15.96 -10.44
CA LYS D 11 -40.29 17.09 -11.25
C LYS D 11 -39.47 16.63 -12.44
N TYR D 12 -38.60 15.64 -12.24
CA TYR D 12 -37.56 15.31 -13.20
C TYR D 12 -37.89 13.99 -13.88
N THR D 13 -38.28 14.09 -15.15
CA THR D 13 -38.76 12.95 -15.93
C THR D 13 -38.06 12.85 -17.29
N LYS D 14 -37.02 13.66 -17.53
CA LYS D 14 -36.39 13.75 -18.84
C LYS D 14 -35.02 13.08 -18.83
N ILE D 15 -34.49 12.87 -20.03
CA ILE D 15 -33.14 12.33 -20.21
C ILE D 15 -32.12 13.42 -19.91
N PHE D 16 -31.10 13.08 -19.14
CA PHE D 16 -30.12 14.03 -18.60
C PHE D 16 -28.79 13.82 -19.32
N ILE D 17 -28.53 14.66 -20.32
CA ILE D 17 -27.25 14.64 -21.05
C ILE D 17 -26.66 16.03 -21.01
N ASN D 18 -25.34 16.11 -20.83
CA ASN D 18 -24.60 17.38 -20.89
C ASN D 18 -25.21 18.44 -20.00
N ASN D 19 -25.72 18.01 -18.84
CA ASN D 19 -26.37 18.83 -17.83
C ASN D 19 -27.68 19.46 -18.30
N GLU D 20 -28.21 19.05 -19.45
CA GLU D 20 -29.49 19.54 -19.92
C GLU D 20 -30.49 18.40 -19.99
N TRP D 21 -31.75 18.71 -19.70
CA TRP D 21 -32.83 17.73 -19.73
C TRP D 21 -33.35 17.61 -21.16
N GLN D 22 -33.26 16.42 -21.73
CA GLN D 22 -33.63 16.19 -23.11
C GLN D 22 -34.88 15.31 -23.21
N ASN D 23 -35.58 15.47 -24.32
CA ASN D 23 -36.59 14.49 -24.70
C ASN D 23 -35.92 13.32 -25.40
N SER D 24 -36.60 12.18 -25.40
CA SER D 24 -36.13 11.04 -26.16
C SER D 24 -36.13 11.37 -27.65
N GLU D 25 -35.16 10.79 -28.37
CA GLU D 25 -35.05 11.04 -29.79
C GLU D 25 -36.28 10.56 -30.55
N SER D 26 -36.99 9.58 -30.00
CA SER D 26 -38.20 9.06 -30.62
C SER D 26 -39.46 9.74 -30.11
N GLY D 27 -39.37 10.48 -29.00
CA GLY D 27 -40.51 11.08 -28.36
C GLY D 27 -41.26 10.17 -27.43
N ARG D 28 -40.89 8.89 -27.35
CA ARG D 28 -41.60 7.93 -26.52
C ARG D 28 -41.29 8.16 -25.05
N VAL D 29 -42.27 7.83 -24.20
CA VAL D 29 -42.13 7.83 -22.76
C VAL D 29 -42.55 6.46 -22.26
N PHE D 30 -42.18 6.14 -21.03
CA PHE D 30 -42.64 4.90 -20.42
C PHE D 30 -43.18 5.16 -19.03
N PRO D 31 -44.12 4.35 -18.58
CA PRO D 31 -44.78 4.60 -17.29
C PRO D 31 -43.95 4.11 -16.11
N VAL D 32 -44.11 4.80 -14.98
CA VAL D 32 -43.49 4.42 -13.72
C VAL D 32 -44.62 4.20 -12.71
N TYR D 33 -44.59 3.05 -12.04
CA TYR D 33 -45.70 2.62 -11.20
C TYR D 33 -45.33 2.66 -9.73
N ASN D 34 -46.37 2.77 -8.89
CA ASN D 34 -46.25 2.60 -7.45
C ASN D 34 -46.50 1.13 -7.13
N PRO D 35 -45.51 0.39 -6.65
CA PRO D 35 -45.72 -1.05 -6.40
C PRO D 35 -46.71 -1.36 -5.29
N ALA D 36 -47.07 -0.39 -4.45
CA ALA D 36 -48.02 -0.64 -3.38
C ALA D 36 -49.46 -0.54 -3.86
N THR D 37 -49.70 0.10 -5.00
CA THR D 37 -51.05 0.31 -5.50
C THR D 37 -51.23 -0.03 -6.97
N GLY D 38 -50.16 -0.34 -7.69
CA GLY D 38 -50.23 -0.52 -9.12
C GLY D 38 -50.44 0.75 -9.92
N GLU D 39 -50.90 1.83 -9.28
CA GLU D 39 -51.19 3.07 -9.99
C GLU D 39 -49.94 3.60 -10.68
N GLN D 40 -50.13 4.17 -11.86
CA GLN D 40 -49.04 4.83 -12.56
C GLN D 40 -48.67 6.12 -11.82
N VAL D 41 -47.37 6.33 -11.63
CA VAL D 41 -46.90 7.50 -10.91
C VAL D 41 -46.58 8.65 -11.85
N CYS D 42 -45.91 8.37 -12.97
CA CYS D 42 -45.56 9.41 -13.93
C CYS D 42 -45.04 8.74 -15.19
N GLU D 43 -44.77 9.58 -16.19
CA GLU D 43 -44.14 9.15 -17.43
C GLU D 43 -42.72 9.72 -17.50
N VAL D 44 -41.84 8.97 -18.16
CA VAL D 44 -40.41 9.28 -18.20
C VAL D 44 -39.91 9.07 -19.61
N GLN D 45 -39.10 10.02 -20.10
CA GLN D 45 -38.50 9.88 -21.42
C GLN D 45 -37.76 8.54 -21.52
N GLU D 46 -37.95 7.85 -22.64
CA GLU D 46 -37.37 6.52 -22.84
C GLU D 46 -36.13 6.64 -23.72
N ALA D 47 -34.96 6.45 -23.12
CA ALA D 47 -33.71 6.48 -23.89
C ALA D 47 -33.57 5.21 -24.71
N ASP D 48 -32.95 5.36 -25.87
CA ASP D 48 -32.67 4.22 -26.76
C ASP D 48 -31.27 4.42 -27.33
N LYS D 49 -30.96 3.66 -28.38
CA LYS D 49 -29.62 3.71 -28.97
C LYS D 49 -29.24 5.12 -29.39
N ALA D 50 -30.16 5.84 -30.05
CA ALA D 50 -29.88 7.21 -30.47
C ALA D 50 -29.52 8.07 -29.27
N ASP D 51 -30.18 7.86 -28.13
CA ASP D 51 -29.91 8.67 -26.95
C ASP D 51 -28.58 8.28 -26.31
N ILE D 52 -28.25 7.00 -26.30
CA ILE D 52 -26.96 6.58 -25.76
C ILE D 52 -25.83 7.17 -26.59
N ASP D 53 -25.99 7.17 -27.92
CA ASP D 53 -24.97 7.72 -28.80
C ASP D 53 -24.67 9.17 -28.45
N LYS D 54 -25.72 9.98 -28.28
CA LYS D 54 -25.52 11.37 -27.88
C LYS D 54 -24.88 11.47 -26.50
N ALA D 55 -25.21 10.54 -25.60
CA ALA D 55 -24.66 10.58 -24.26
C ALA D 55 -23.20 10.18 -24.25
N VAL D 56 -22.79 9.30 -25.16
CA VAL D 56 -21.39 8.89 -25.20
C VAL D 56 -20.51 10.03 -25.71
N GLN D 57 -20.99 10.79 -26.71
CA GLN D 57 -20.16 11.87 -27.22
C GLN D 57 -20.13 13.08 -26.30
N ALA D 58 -21.16 13.28 -25.48
CA ALA D 58 -21.05 14.27 -24.41
C ALA D 58 -20.01 13.83 -23.38
N ALA D 59 -20.10 12.58 -22.93
CA ALA D 59 -19.12 12.05 -21.98
C ALA D 59 -17.71 12.01 -22.58
N ARG D 60 -17.61 11.76 -23.89
CA ARG D 60 -16.29 11.70 -24.51
C ARG D 60 -15.67 13.09 -24.64
N LEU D 61 -16.47 14.10 -24.98
CA LEU D 61 -15.95 15.46 -25.06
C LEU D 61 -15.58 15.98 -23.67
N ALA D 62 -16.34 15.59 -22.65
CA ALA D 62 -16.00 15.98 -21.29
C ALA D 62 -14.73 15.30 -20.79
N PHE D 63 -14.32 14.21 -21.43
CA PHE D 63 -13.11 13.49 -21.05
C PHE D 63 -11.89 13.88 -21.88
N SER D 64 -12.06 14.79 -22.84
CA SER D 64 -10.96 15.14 -23.72
C SER D 64 -9.84 15.83 -22.94
N LEU D 65 -8.60 15.54 -23.34
CA LEU D 65 -7.44 16.20 -22.75
C LEU D 65 -7.59 17.70 -22.84
N GLY D 66 -7.35 18.37 -21.71
CA GLY D 66 -7.49 19.82 -21.62
C GLY D 66 -8.85 20.30 -21.19
N SER D 67 -9.83 19.42 -21.04
CA SER D 67 -11.17 19.84 -20.63
C SER D 67 -11.17 20.21 -19.14
N VAL D 68 -12.25 20.86 -18.72
CA VAL D 68 -12.39 21.28 -17.33
C VAL D 68 -12.29 20.08 -16.39
N TRP D 69 -12.89 18.94 -16.78
CA TRP D 69 -12.92 17.78 -15.90
C TRP D 69 -11.56 17.08 -15.84
N ARG D 70 -10.75 17.17 -16.91
CA ARG D 70 -9.43 16.54 -16.88
C ARG D 70 -8.39 17.40 -16.17
N ARG D 71 -8.55 18.73 -16.25
CA ARG D 71 -7.56 19.64 -15.69
C ARG D 71 -7.79 19.95 -14.23
N MET D 72 -8.99 19.71 -13.73
CA MET D 72 -9.35 20.04 -12.36
C MET D 72 -8.52 19.22 -11.37
N ASP D 73 -8.07 19.88 -10.30
CA ASP D 73 -7.35 19.20 -9.22
C ASP D 73 -8.13 17.99 -8.75
N ALA D 74 -7.42 16.86 -8.59
CA ALA D 74 -8.03 15.67 -8.00
C ALA D 74 -8.84 16.01 -6.77
N SER D 75 -8.28 16.83 -5.88
CA SER D 75 -8.99 17.23 -4.67
C SER D 75 -10.30 17.94 -4.98
N GLU D 76 -10.36 18.68 -6.08
CA GLU D 76 -11.59 19.41 -6.42
C GLU D 76 -12.71 18.46 -6.84
N ARG D 77 -12.39 17.35 -7.50
CA ARG D 77 -13.37 16.30 -7.72
C ARG D 77 -13.92 15.78 -6.40
N GLY D 78 -13.06 15.66 -5.39
CA GLY D 78 -13.55 15.32 -4.05
C GLY D 78 -14.51 16.35 -3.52
N ARG D 79 -14.21 17.64 -3.72
CA ARG D 79 -15.10 18.69 -3.25
C ARG D 79 -16.49 18.56 -3.89
N LEU D 80 -16.52 18.30 -5.21
CA LEU D 80 -17.79 18.15 -5.90
C LEU D 80 -18.58 16.95 -5.38
N LEU D 81 -17.90 15.83 -5.15
CA LEU D 81 -18.55 14.69 -4.53
C LEU D 81 -19.06 15.04 -3.14
N ASP D 82 -18.29 15.80 -2.38
CA ASP D 82 -18.73 16.28 -1.07
C ASP D 82 -19.93 17.20 -1.20
N LYS D 83 -19.98 18.03 -2.24
CA LYS D 83 -21.13 18.90 -2.44
C LYS D 83 -22.39 18.09 -2.76
N LEU D 84 -22.25 17.06 -3.61
CA LEU D 84 -23.38 16.21 -3.94
C LEU D 84 -23.95 15.53 -2.69
N ALA D 85 -23.09 15.17 -1.73
CA ALA D 85 -23.56 14.59 -0.48
C ALA D 85 -24.31 15.62 0.36
N ASP D 86 -23.79 16.85 0.43
CA ASP D 86 -24.52 17.92 1.11
C ASP D 86 -25.91 18.09 0.53
N LEU D 87 -26.03 18.02 -0.80
CA LEU D 87 -27.32 18.26 -1.45
C LEU D 87 -28.26 17.08 -1.24
N VAL D 88 -27.75 15.85 -1.34
CA VAL D 88 -28.57 14.69 -1.02
C VAL D 88 -29.03 14.74 0.43
N GLU D 89 -28.13 15.12 1.34
CA GLU D 89 -28.51 15.31 2.73
C GLU D 89 -29.63 16.32 2.87
N ARG D 90 -29.52 17.44 2.15
CA ARG D 90 -30.55 18.48 2.25
C ARG D 90 -31.91 17.94 1.80
N ASP D 91 -31.95 17.24 0.67
CA ASP D 91 -33.19 16.70 0.12
C ASP D 91 -33.40 15.24 0.49
N ARG D 92 -32.95 14.85 1.69
CA ARG D 92 -33.05 13.46 2.13
C ARG D 92 -34.51 13.00 2.21
N ALA D 93 -35.38 13.85 2.74
CA ALA D 93 -36.79 13.46 2.89
C ALA D 93 -37.45 13.22 1.54
N VAL D 94 -37.19 14.09 0.57
CA VAL D 94 -37.79 13.95 -0.75
C VAL D 94 -37.30 12.67 -1.42
N LEU D 95 -36.00 12.40 -1.34
CA LEU D 95 -35.44 11.24 -2.02
C LEU D 95 -35.91 9.94 -1.37
N ALA D 96 -36.07 9.92 -0.04
CA ALA D 96 -36.57 8.74 0.64
C ALA D 96 -38.04 8.49 0.31
N THR D 97 -38.83 9.56 0.23
CA THR D 97 -40.21 9.43 -0.24
C THR D 97 -40.26 8.89 -1.66
N MET D 98 -39.39 9.40 -2.53
CA MET D 98 -39.32 8.91 -3.91
C MET D 98 -38.96 7.42 -3.93
N GLU D 99 -37.90 7.05 -3.22
CA GLU D 99 -37.50 5.64 -3.15
C GLU D 99 -38.63 4.77 -2.63
N SER D 100 -39.37 5.27 -1.63
CA SER D 100 -40.49 4.52 -1.07
C SER D 100 -41.64 4.44 -2.05
N LEU D 101 -42.01 5.57 -2.63
CA LEU D 101 -43.11 5.61 -3.59
C LEU D 101 -42.82 4.74 -4.80
N ASN D 102 -41.61 4.83 -5.34
CA ASN D 102 -41.22 4.14 -6.56
C ASN D 102 -40.74 2.71 -6.31
N GLY D 103 -40.03 2.47 -5.22
CA GLY D 103 -39.43 1.17 -5.00
C GLY D 103 -40.17 0.32 -3.99
N GLY D 104 -41.16 0.88 -3.30
CA GLY D 104 -41.93 0.14 -2.33
C GLY D 104 -41.27 -0.04 -0.98
N LYS D 105 -40.08 0.53 -0.78
CA LYS D 105 -39.41 0.41 0.50
C LYS D 105 -40.19 1.18 1.58
N PRO D 106 -40.31 0.63 2.79
CA PRO D 106 -40.81 1.42 3.90
C PRO D 106 -40.05 2.73 4.02
N PHE D 107 -40.80 3.83 4.16
CA PHE D 107 -40.18 5.16 4.09
C PHE D 107 -39.08 5.31 5.13
N LEU D 108 -39.35 4.88 6.37
CA LEU D 108 -38.34 4.97 7.42
C LEU D 108 -37.09 4.18 7.04
N GLN D 109 -37.28 3.02 6.41
CA GLN D 109 -36.15 2.22 5.94
C GLN D 109 -35.34 2.99 4.89
N ALA D 110 -36.04 3.62 3.94
CA ALA D 110 -35.34 4.39 2.91
C ALA D 110 -34.65 5.63 3.50
N PHE D 111 -35.25 6.24 4.52
CA PHE D 111 -34.66 7.45 5.09
C PHE D 111 -33.43 7.13 5.92
N TYR D 112 -33.53 6.15 6.82
CA TYR D 112 -32.48 5.89 7.80
C TYR D 112 -31.44 4.89 7.34
N VAL D 113 -31.76 4.04 6.37
CA VAL D 113 -30.82 3.03 5.86
C VAL D 113 -30.31 3.41 4.47
N ASP D 114 -31.20 3.43 3.47
CA ASP D 114 -30.78 3.69 2.10
C ASP D 114 -30.12 5.04 1.95
N LEU D 115 -30.78 6.11 2.42
CA LEU D 115 -30.29 7.46 2.19
C LEU D 115 -29.02 7.74 2.99
N GLN D 116 -28.91 7.20 4.21
CA GLN D 116 -27.66 7.31 4.94
C GLN D 116 -26.51 6.65 4.18
N GLY D 117 -26.81 5.53 3.51
CA GLY D 117 -25.79 4.86 2.71
C GLY D 117 -25.39 5.64 1.48
N VAL D 118 -26.36 6.35 0.87
CA VAL D 118 -26.04 7.21 -0.27
C VAL D 118 -25.10 8.33 0.17
N ILE D 119 -25.48 9.05 1.23
CA ILE D 119 -24.69 10.18 1.71
C ILE D 119 -23.28 9.72 2.08
N LYS D 120 -23.19 8.64 2.84
CA LYS D 120 -21.88 8.17 3.30
C LYS D 120 -21.03 7.65 2.15
N THR D 121 -21.66 7.09 1.10
CA THR D 121 -20.91 6.64 -0.07
C THR D 121 -20.18 7.80 -0.72
N PHE D 122 -20.90 8.90 -0.97
CA PHE D 122 -20.30 10.04 -1.64
C PHE D 122 -19.21 10.68 -0.79
N ARG D 123 -19.43 10.78 0.52
CA ARG D 123 -18.43 11.38 1.40
C ARG D 123 -17.20 10.50 1.54
N TYR D 124 -17.36 9.18 1.42
CA TYR D 124 -16.23 8.28 1.50
C TYR D 124 -15.33 8.46 0.28
N TYR D 125 -15.92 8.54 -0.92
CA TYR D 125 -15.13 8.61 -2.14
C TYR D 125 -14.70 10.03 -2.45
N ALA D 126 -15.47 11.03 -2.03
CA ALA D 126 -14.94 12.39 -1.98
C ALA D 126 -13.56 12.42 -1.36
N GLY D 127 -13.33 11.62 -0.31
CA GLY D 127 -12.03 11.57 0.32
C GLY D 127 -10.94 10.90 -0.49
N TRP D 128 -11.30 9.97 -1.38
CA TRP D 128 -10.29 9.18 -2.08
C TRP D 128 -9.68 9.90 -3.28
N ALA D 129 -10.31 10.96 -3.78
CA ALA D 129 -9.97 11.47 -5.11
C ALA D 129 -8.50 11.87 -5.22
N ASP D 130 -7.96 12.55 -4.19
CA ASP D 130 -6.56 12.98 -4.22
C ASP D 130 -5.65 12.04 -3.44
N LYS D 131 -6.09 10.81 -3.18
CA LYS D 131 -5.26 9.82 -2.50
C LYS D 131 -5.04 8.56 -3.33
N ILE D 132 -5.32 8.60 -4.63
CA ILE D 132 -5.03 7.50 -5.54
C ILE D 132 -3.59 7.62 -6.00
N HIS D 133 -2.73 6.71 -5.53
CA HIS D 133 -1.29 6.75 -5.78
C HIS D 133 -0.86 5.66 -6.74
N GLY D 134 0.11 5.98 -7.60
CA GLY D 134 0.94 4.99 -8.26
C GLY D 134 2.17 4.70 -7.43
N MET D 135 3.12 4.02 -8.04
CA MET D 135 4.35 3.69 -7.33
C MET D 135 5.58 4.07 -8.15
N THR D 136 6.72 4.06 -7.45
CA THR D 136 8.04 4.11 -8.06
C THR D 136 8.73 2.80 -7.74
N ILE D 137 9.33 2.18 -8.76
CA ILE D 137 9.75 0.78 -8.71
C ILE D 137 11.26 0.74 -8.86
N PRO D 138 11.98 0.00 -8.00
CA PRO D 138 13.45 -0.13 -8.09
C PRO D 138 13.89 -1.26 -9.02
N VAL D 139 13.89 -0.97 -10.31
CA VAL D 139 14.11 -1.98 -11.33
C VAL D 139 15.60 -2.14 -11.58
N ASP D 140 15.97 -3.27 -12.19
CA ASP D 140 17.34 -3.49 -12.61
C ASP D 140 17.75 -2.46 -13.66
N GLY D 141 19.06 -2.29 -13.80
CA GLY D 141 19.60 -1.41 -14.82
C GLY D 141 19.47 0.06 -14.45
N ASP D 142 19.80 0.91 -15.42
CA ASP D 142 19.87 2.36 -15.21
C ASP D 142 18.54 2.98 -15.61
N TYR D 143 17.53 2.76 -14.79
CA TYR D 143 16.18 3.20 -15.14
C TYR D 143 15.50 3.84 -13.94
N PHE D 144 14.60 4.78 -14.24
CA PHE D 144 13.65 5.32 -13.29
C PHE D 144 12.27 4.90 -13.77
N THR D 145 11.66 3.96 -13.07
CA THR D 145 10.35 3.42 -13.44
C THR D 145 9.31 3.87 -12.43
N PHE D 146 8.21 4.43 -12.93
CA PHE D 146 7.07 4.75 -12.07
C PHE D 146 5.79 4.43 -12.83
N THR D 147 4.68 4.47 -12.09
CA THR D 147 3.36 4.24 -12.67
C THR D 147 2.46 5.43 -12.36
N ARG D 148 1.56 5.73 -13.29
CA ARG D 148 0.48 6.69 -13.07
C ARG D 148 -0.86 5.98 -13.18
N HIS D 149 -1.81 6.36 -12.32
CA HIS D 149 -3.14 5.76 -12.32
C HIS D 149 -4.11 6.75 -12.95
N GLU D 150 -4.23 6.69 -14.27
CA GLU D 150 -5.14 7.56 -15.00
C GLU D 150 -6.57 7.04 -14.93
N PRO D 151 -7.55 7.91 -15.15
CA PRO D 151 -8.91 7.42 -15.42
C PRO D 151 -8.92 6.59 -16.70
N ILE D 152 -9.86 5.66 -16.79
CA ILE D 152 -9.99 4.85 -18.00
C ILE D 152 -10.56 5.68 -19.13
N GLY D 153 -11.72 6.31 -18.89
CA GLY D 153 -12.41 7.08 -19.90
C GLY D 153 -13.90 7.13 -19.71
N VAL D 154 -14.67 6.79 -20.75
CA VAL D 154 -16.12 6.79 -20.68
C VAL D 154 -16.57 5.46 -20.10
N CYS D 155 -17.28 5.52 -18.98
CA CYS D 155 -17.73 4.32 -18.28
C CYS D 155 -19.24 4.23 -18.42
N GLY D 156 -19.72 3.18 -19.08
CA GLY D 156 -21.14 2.88 -19.08
C GLY D 156 -21.50 2.03 -17.87
N GLN D 157 -22.68 2.28 -17.31
CA GLN D 157 -23.08 1.70 -16.03
C GLN D 157 -24.55 1.34 -16.04
N ILE D 158 -24.87 0.12 -15.61
CA ILE D 158 -26.22 -0.45 -15.65
C ILE D 158 -26.53 -1.05 -14.29
N ILE D 159 -27.67 -0.69 -13.71
CA ILE D 159 -27.98 -1.07 -12.33
C ILE D 159 -29.41 -1.61 -12.25
N PRO D 160 -29.71 -2.40 -11.20
CA PRO D 160 -31.07 -2.90 -11.01
C PRO D 160 -31.94 -1.96 -10.18
N TRP D 161 -33.09 -2.49 -9.75
CA TRP D 161 -34.18 -1.70 -9.19
C TRP D 161 -34.35 -1.85 -7.69
N ASN D 162 -33.54 -2.69 -7.03
CA ASN D 162 -33.83 -3.08 -5.65
C ASN D 162 -33.26 -2.10 -4.64
N PHE D 163 -32.19 -1.39 -5.00
CA PHE D 163 -31.66 -0.27 -4.22
C PHE D 163 -31.32 0.84 -5.20
N PRO D 164 -32.34 1.49 -5.75
CA PRO D 164 -32.11 2.40 -6.89
C PRO D 164 -31.14 3.53 -6.60
N LEU D 165 -31.41 4.32 -5.54
CA LEU D 165 -30.54 5.46 -5.23
C LEU D 165 -29.17 4.99 -4.76
N LEU D 166 -29.13 3.97 -3.90
CA LEU D 166 -27.87 3.53 -3.33
C LEU D 166 -26.94 2.98 -4.42
N MET D 167 -27.47 2.14 -5.29
CA MET D 167 -26.61 1.57 -6.33
C MET D 167 -26.21 2.60 -7.36
N PHE D 168 -27.03 3.63 -7.56
CA PHE D 168 -26.58 4.82 -8.31
C PHE D 168 -25.36 5.42 -7.65
N ALA D 169 -25.35 5.54 -6.32
CA ALA D 169 -24.23 6.14 -5.61
C ALA D 169 -23.01 5.23 -5.66
N TRP D 170 -23.22 3.93 -5.52
CA TRP D 170 -22.11 2.95 -5.58
C TRP D 170 -21.44 2.97 -6.93
N LYS D 171 -22.16 3.38 -7.97
CA LYS D 171 -21.60 3.34 -9.31
C LYS D 171 -20.83 4.61 -9.66
N ILE D 172 -21.42 5.77 -9.38
CA ILE D 172 -20.82 7.01 -9.90
C ILE D 172 -19.71 7.51 -8.99
N ALA D 173 -19.88 7.38 -7.66
CA ALA D 173 -18.85 7.86 -6.73
C ALA D 173 -17.45 7.37 -7.05
N PRO D 174 -17.19 6.06 -7.19
CA PRO D 174 -15.81 5.64 -7.52
C PRO D 174 -15.38 6.05 -8.91
N ALA D 175 -16.30 6.02 -9.89
CA ALA D 175 -15.98 6.38 -11.27
C ALA D 175 -15.54 7.84 -11.36
N LEU D 176 -16.29 8.75 -10.74
CA LEU D 176 -15.93 10.17 -10.75
C LEU D 176 -14.71 10.43 -9.87
N CYS D 177 -14.61 9.74 -8.74
CA CYS D 177 -13.45 9.91 -7.85
C CYS D 177 -12.15 9.68 -8.60
N CYS D 178 -12.15 8.74 -9.54
CA CYS D 178 -10.97 8.47 -10.36
C CYS D 178 -10.86 9.38 -11.58
N GLY D 179 -11.88 10.19 -11.87
CA GLY D 179 -11.80 11.14 -12.96
C GLY D 179 -12.36 10.69 -14.28
N ASN D 180 -13.19 9.65 -14.32
CA ASN D 180 -13.86 9.23 -15.54
C ASN D 180 -15.12 10.07 -15.76
N THR D 181 -15.77 9.83 -16.89
CA THR D 181 -17.10 10.35 -17.19
C THR D 181 -18.05 9.16 -17.32
N VAL D 182 -19.35 9.42 -17.14
CA VAL D 182 -20.29 8.36 -16.80
C VAL D 182 -21.55 8.45 -17.68
N VAL D 183 -21.94 7.31 -18.24
CA VAL D 183 -23.23 7.12 -18.91
C VAL D 183 -23.91 5.98 -18.16
N ILE D 184 -24.93 6.31 -17.38
CA ILE D 184 -25.54 5.35 -16.45
C ILE D 184 -27.01 5.17 -16.79
N LYS D 185 -27.45 3.93 -16.89
CA LYS D 185 -28.84 3.60 -17.14
C LYS D 185 -29.43 2.94 -15.90
N PRO D 186 -30.36 3.59 -15.19
CA PRO D 186 -31.05 2.92 -14.09
C PRO D 186 -32.08 1.93 -14.61
N ALA D 187 -32.58 1.10 -13.70
CA ALA D 187 -33.56 0.09 -14.07
C ALA D 187 -34.87 0.73 -14.50
N GLU D 188 -35.55 0.09 -15.46
CA GLU D 188 -36.79 0.63 -16.00
C GLU D 188 -37.87 0.80 -14.94
N GLN D 189 -37.80 0.03 -13.86
CA GLN D 189 -38.83 0.12 -12.82
C GLN D 189 -38.66 1.36 -11.95
N THR D 190 -37.43 1.83 -11.75
CA THR D 190 -37.11 2.82 -10.72
C THR D 190 -36.10 3.83 -11.23
N PRO D 191 -36.49 4.67 -12.20
CA PRO D 191 -35.57 5.70 -12.69
C PRO D 191 -35.63 7.04 -11.96
N LEU D 192 -36.57 7.21 -11.03
CA LEU D 192 -36.94 8.55 -10.58
C LEU D 192 -35.88 9.19 -9.70
N SER D 193 -35.41 8.47 -8.67
CA SER D 193 -34.41 9.06 -7.78
C SER D 193 -33.07 9.25 -8.49
N ALA D 194 -32.80 8.43 -9.51
CA ALA D 194 -31.63 8.67 -10.34
C ALA D 194 -31.76 9.99 -11.09
N LEU D 195 -32.94 10.26 -11.65
CA LEU D 195 -33.14 11.49 -12.41
C LEU D 195 -33.09 12.71 -11.50
N TYR D 196 -33.67 12.60 -10.30
CA TYR D 196 -33.55 13.71 -9.34
C TYR D 196 -32.10 14.00 -9.01
N MET D 197 -31.25 12.98 -9.01
CA MET D 197 -29.81 13.21 -8.76
C MET D 197 -29.18 14.01 -9.88
N GLY D 198 -29.69 13.87 -11.11
CA GLY D 198 -29.22 14.72 -12.19
C GLY D 198 -29.39 16.20 -11.85
N ALA D 199 -30.52 16.56 -11.26
CA ALA D 199 -30.74 17.93 -10.83
C ALA D 199 -29.69 18.36 -9.81
N LEU D 200 -29.37 17.47 -8.87
CA LEU D 200 -28.38 17.79 -7.85
C LEU D 200 -26.96 17.81 -8.43
N ILE D 201 -26.68 16.93 -9.39
CA ILE D 201 -25.39 16.95 -10.07
C ILE D 201 -25.17 18.29 -10.77
N LYS D 202 -26.19 18.75 -11.48
CA LYS D 202 -26.12 20.06 -12.12
C LYS D 202 -25.94 21.17 -11.09
N GLU D 203 -26.72 21.12 -10.00
CA GLU D 203 -26.63 22.14 -8.98
C GLU D 203 -25.29 22.11 -8.25
N ALA D 204 -24.70 20.93 -8.09
CA ALA D 204 -23.43 20.80 -7.38
C ALA D 204 -22.25 21.32 -8.20
N GLY D 205 -22.41 21.54 -9.49
CA GLY D 205 -21.38 22.16 -10.30
C GLY D 205 -20.53 21.23 -11.12
N PHE D 206 -20.99 20.01 -11.39
CA PHE D 206 -20.21 19.12 -12.23
C PHE D 206 -20.17 19.65 -13.66
N PRO D 207 -19.03 19.54 -14.34
CA PRO D 207 -18.96 19.98 -15.74
C PRO D 207 -20.01 19.26 -16.56
N PRO D 208 -20.50 19.89 -17.63
CA PRO D 208 -21.49 19.21 -18.48
C PRO D 208 -20.91 17.98 -19.13
N GLY D 209 -21.69 16.90 -19.11
CA GLY D 209 -21.30 15.67 -19.75
C GLY D 209 -20.51 14.71 -18.87
N VAL D 210 -20.14 15.12 -17.66
CA VAL D 210 -19.40 14.22 -16.77
C VAL D 210 -20.29 13.07 -16.33
N ILE D 211 -21.57 13.36 -16.07
CA ILE D 211 -22.55 12.35 -15.67
C ILE D 211 -23.77 12.50 -16.56
N ASN D 212 -24.12 11.43 -17.26
CA ASN D 212 -25.30 11.39 -18.11
C ASN D 212 -26.18 10.23 -17.67
N ILE D 213 -27.46 10.51 -17.46
CA ILE D 213 -28.40 9.54 -16.92
C ILE D 213 -29.44 9.29 -17.99
N LEU D 214 -29.54 8.03 -18.43
CA LEU D 214 -30.45 7.65 -19.51
C LEU D 214 -31.42 6.58 -19.02
N PRO D 215 -32.62 6.96 -18.58
CA PRO D 215 -33.63 5.96 -18.23
C PRO D 215 -34.13 5.24 -19.46
N GLY D 216 -34.44 3.96 -19.30
CA GLY D 216 -34.85 3.14 -20.42
C GLY D 216 -34.83 1.67 -20.06
N TYR D 217 -34.90 0.84 -21.09
CA TYR D 217 -35.09 -0.61 -20.93
C TYR D 217 -33.81 -1.37 -21.26
N GLY D 218 -33.82 -2.64 -20.88
CA GLY D 218 -32.69 -3.52 -21.02
C GLY D 218 -32.17 -3.66 -22.45
N PRO D 219 -32.90 -4.40 -23.28
CA PRO D 219 -32.39 -4.69 -24.64
C PRO D 219 -32.19 -3.45 -25.50
N THR D 220 -32.77 -2.32 -25.12
CA THR D 220 -32.71 -1.12 -25.96
C THR D 220 -31.57 -0.20 -25.51
N ALA D 221 -31.73 0.43 -24.35
CA ALA D 221 -30.70 1.33 -23.86
C ALA D 221 -29.57 0.58 -23.19
N GLY D 222 -29.89 -0.51 -22.50
CA GLY D 222 -28.85 -1.26 -21.81
C GLY D 222 -27.89 -1.94 -22.78
N ALA D 223 -28.43 -2.58 -23.83
CA ALA D 223 -27.58 -3.29 -24.77
C ALA D 223 -26.78 -2.35 -25.64
N ALA D 224 -27.33 -1.17 -25.95
CA ALA D 224 -26.57 -0.18 -26.69
C ALA D 224 -25.37 0.31 -25.90
N ILE D 225 -25.50 0.38 -24.58
CA ILE D 225 -24.36 0.72 -23.74
C ILE D 225 -23.31 -0.36 -23.82
N ALA D 226 -23.72 -1.63 -23.74
CA ALA D 226 -22.78 -2.73 -23.57
C ALA D 226 -21.98 -3.01 -24.83
N SER D 227 -22.53 -2.71 -26.01
CA SER D 227 -21.88 -3.00 -27.28
C SER D 227 -21.37 -1.75 -27.98
N HIS D 228 -21.31 -0.62 -27.28
CA HIS D 228 -20.85 0.63 -27.87
C HIS D 228 -19.33 0.63 -28.01
N ILE D 229 -18.85 1.03 -29.19
CA ILE D 229 -17.40 1.05 -29.44
C ILE D 229 -16.73 2.29 -28.89
N GLY D 230 -17.51 3.26 -28.41
CA GLY D 230 -16.98 4.45 -27.77
C GLY D 230 -17.02 4.44 -26.27
N ILE D 231 -17.34 3.30 -25.65
CA ILE D 231 -17.33 3.15 -24.20
C ILE D 231 -16.16 2.26 -23.81
N ASP D 232 -15.35 2.72 -22.86
CA ASP D 232 -14.13 2.00 -22.51
C ASP D 232 -14.32 0.99 -21.38
N LYS D 233 -15.36 1.14 -20.56
CA LYS D 233 -15.58 0.26 -19.42
C LYS D 233 -17.08 0.17 -19.13
N ILE D 234 -17.52 -1.04 -18.75
CA ILE D 234 -18.90 -1.29 -18.39
C ILE D 234 -18.95 -1.86 -16.97
N ALA D 235 -19.78 -1.25 -16.13
CA ALA D 235 -20.04 -1.71 -14.78
C ALA D 235 -21.49 -2.14 -14.74
N PHE D 236 -21.72 -3.44 -14.56
CA PHE D 236 -23.05 -4.01 -14.61
C PHE D 236 -23.38 -4.67 -13.28
N THR D 237 -24.54 -4.32 -12.73
CA THR D 237 -25.13 -5.02 -11.61
C THR D 237 -26.49 -5.57 -12.03
N GLY D 238 -26.71 -6.86 -11.79
CA GLY D 238 -27.93 -7.49 -12.28
C GLY D 238 -27.79 -9.00 -12.31
N SER D 239 -28.73 -9.65 -13.00
CA SER D 239 -28.80 -11.10 -13.00
C SER D 239 -27.57 -11.72 -13.67
N THR D 240 -27.28 -12.96 -13.28
CA THR D 240 -26.19 -13.70 -13.90
C THR D 240 -26.46 -13.92 -15.39
N GLU D 241 -27.73 -14.12 -15.76
CA GLU D 241 -28.07 -14.36 -17.16
C GLU D 241 -27.70 -13.18 -18.04
N VAL D 242 -28.10 -11.97 -17.64
CA VAL D 242 -27.73 -10.78 -18.39
C VAL D 242 -26.25 -10.50 -18.24
N GLY D 243 -25.67 -10.82 -17.08
CA GLY D 243 -24.24 -10.68 -16.90
C GLY D 243 -23.45 -11.44 -17.95
N LYS D 244 -23.91 -12.64 -18.33
CA LYS D 244 -23.28 -13.38 -19.40
C LYS D 244 -23.32 -12.59 -20.71
N LEU D 245 -24.47 -11.98 -21.01
CA LEU D 245 -24.58 -11.20 -22.24
C LEU D 245 -23.67 -9.99 -22.22
N ILE D 246 -23.52 -9.34 -21.05
CA ILE D 246 -22.68 -8.16 -20.96
C ILE D 246 -21.23 -8.52 -21.27
N GLN D 247 -20.70 -9.54 -20.59
CA GLN D 247 -19.33 -9.96 -20.84
C GLN D 247 -19.14 -10.42 -22.28
N GLU D 248 -20.14 -11.11 -22.83
CA GLU D 248 -20.10 -11.52 -24.23
C GLU D 248 -20.13 -10.31 -25.16
N ALA D 249 -21.01 -9.34 -24.88
CA ALA D 249 -21.09 -8.14 -25.70
C ALA D 249 -19.79 -7.36 -25.68
N ALA D 250 -19.12 -7.31 -24.52
CA ALA D 250 -17.88 -6.55 -24.43
C ALA D 250 -16.74 -7.22 -25.18
N GLY D 251 -16.77 -8.55 -25.30
CA GLY D 251 -15.77 -9.24 -26.09
C GLY D 251 -15.99 -9.05 -27.56
N ARG D 252 -17.25 -9.07 -27.99
CA ARG D 252 -17.58 -8.98 -29.41
C ARG D 252 -17.42 -7.55 -29.93
N SER D 253 -17.60 -6.53 -29.08
CA SER D 253 -17.49 -5.16 -29.53
C SER D 253 -16.05 -4.67 -29.50
N ASN D 254 -15.71 -3.82 -28.53
CA ASN D 254 -14.43 -3.12 -28.51
C ASN D 254 -13.52 -3.57 -27.37
N LEU D 255 -13.81 -4.72 -26.76
CA LEU D 255 -13.01 -5.25 -25.64
C LEU D 255 -12.97 -4.30 -24.46
N LYS D 256 -14.10 -3.64 -24.18
CA LYS D 256 -14.20 -2.77 -23.03
C LYS D 256 -14.02 -3.56 -21.74
N ARG D 257 -13.54 -2.90 -20.70
CA ARG D 257 -13.33 -3.55 -19.42
C ARG D 257 -14.68 -3.78 -18.72
N VAL D 258 -14.82 -4.94 -18.09
CA VAL D 258 -16.08 -5.36 -17.52
C VAL D 258 -15.91 -5.63 -16.04
N THR D 259 -16.83 -5.10 -15.24
CA THR D 259 -17.04 -5.55 -13.87
C THR D 259 -18.49 -5.97 -13.73
N LEU D 260 -18.73 -7.03 -12.97
CA LEU D 260 -20.05 -7.65 -12.89
C LEU D 260 -20.38 -7.91 -11.43
N GLU D 261 -21.58 -7.50 -11.02
CA GLU D 261 -22.13 -7.82 -9.70
C GLU D 261 -23.45 -8.57 -9.94
N LEU D 262 -23.46 -9.88 -9.65
CA LEU D 262 -24.46 -10.77 -10.23
C LEU D 262 -25.25 -11.58 -9.21
N GLY D 263 -25.27 -11.16 -7.94
CA GLY D 263 -26.16 -11.76 -6.96
C GLY D 263 -25.92 -13.21 -6.64
N GLY D 264 -26.68 -13.78 -5.71
CA GLY D 264 -26.34 -15.11 -5.24
C GLY D 264 -27.47 -15.88 -4.59
N LYS D 265 -27.06 -16.82 -3.74
CA LYS D 265 -27.85 -17.84 -3.06
C LYS D 265 -27.05 -18.16 -1.79
N SER D 266 -27.02 -17.21 -0.90
CA SER D 266 -25.91 -17.11 0.05
C SER D 266 -26.20 -17.90 1.31
N PRO D 267 -25.24 -18.65 1.83
CA PRO D 267 -25.48 -19.48 3.02
C PRO D 267 -25.33 -18.68 4.31
N ASN D 268 -26.18 -19.02 5.27
CA ASN D 268 -26.14 -18.46 6.62
C ASN D 268 -26.08 -19.62 7.60
N ILE D 269 -24.96 -19.79 8.28
CA ILE D 269 -24.69 -20.98 9.09
C ILE D 269 -24.86 -20.62 10.55
N ILE D 270 -25.79 -21.30 11.22
CA ILE D 270 -26.07 -21.09 12.64
C ILE D 270 -25.58 -22.31 13.40
N PHE D 271 -24.51 -22.14 14.18
CA PHE D 271 -24.07 -23.18 15.09
C PHE D 271 -24.87 -23.12 16.39
N ALA D 272 -24.88 -24.24 17.10
CA ALA D 272 -25.66 -24.33 18.33
C ALA D 272 -25.12 -23.40 19.41
N ASP D 273 -23.84 -23.06 19.38
CA ASP D 273 -23.23 -22.19 20.37
C ASP D 273 -23.40 -20.71 20.06
N ALA D 274 -24.37 -20.37 19.22
CA ALA D 274 -24.62 -18.97 18.88
C ALA D 274 -25.62 -18.36 19.86
N ASP D 275 -25.52 -17.04 20.03
CA ASP D 275 -26.59 -16.29 20.68
C ASP D 275 -27.88 -16.54 19.92
N LEU D 276 -28.78 -17.33 20.50
CA LEU D 276 -29.87 -17.93 19.71
C LEU D 276 -30.87 -16.87 19.26
N ASP D 277 -31.35 -16.05 20.20
CA ASP D 277 -32.37 -15.06 19.84
C ASP D 277 -31.80 -14.02 18.88
N TYR D 278 -30.55 -13.62 19.10
CA TYR D 278 -29.88 -12.72 18.17
C TYR D 278 -29.77 -13.34 16.79
N ALA D 279 -29.41 -14.63 16.73
CA ALA D 279 -29.26 -15.30 15.44
C ALA D 279 -30.60 -15.42 14.71
N VAL D 280 -31.67 -15.76 15.44
CA VAL D 280 -33.00 -15.87 14.82
C VAL D 280 -33.40 -14.53 14.21
N GLU D 281 -33.15 -13.44 14.92
CA GLU D 281 -33.53 -12.13 14.40
C GLU D 281 -32.65 -11.72 13.22
N GLN D 282 -31.36 -12.03 13.28
CA GLN D 282 -30.45 -11.63 12.21
C GLN D 282 -30.63 -12.48 10.96
N ALA D 283 -30.88 -13.78 11.12
CA ALA D 283 -31.23 -14.61 9.97
C ALA D 283 -32.56 -14.20 9.38
N HIS D 284 -33.48 -13.70 10.22
CA HIS D 284 -34.74 -13.17 9.72
C HIS D 284 -34.51 -11.93 8.86
N GLN D 285 -33.78 -10.95 9.39
CA GLN D 285 -33.43 -9.77 8.62
C GLN D 285 -32.66 -10.13 7.37
N GLY D 286 -31.72 -11.07 7.48
CA GLY D 286 -30.94 -11.51 6.34
C GLY D 286 -31.77 -12.03 5.18
N VAL D 287 -33.01 -12.44 5.43
CA VAL D 287 -33.91 -12.92 4.39
C VAL D 287 -34.91 -11.85 3.97
N PHE D 288 -35.56 -11.21 4.93
CA PHE D 288 -36.72 -10.37 4.68
C PHE D 288 -36.39 -8.89 4.53
N PHE D 289 -35.14 -8.48 4.70
CA PHE D 289 -34.77 -7.10 4.45
C PHE D 289 -35.09 -6.72 3.01
N ASN D 290 -35.64 -5.52 2.83
CA ASN D 290 -35.95 -4.99 1.50
C ASN D 290 -36.86 -5.94 0.73
N GLN D 291 -37.89 -6.44 1.41
CA GLN D 291 -38.90 -7.32 0.80
C GLN D 291 -38.28 -8.60 0.25
N GLY D 292 -37.12 -8.98 0.79
CA GLY D 292 -36.39 -10.11 0.27
C GLY D 292 -35.75 -9.88 -1.08
N GLN D 293 -35.78 -8.65 -1.60
CA GLN D 293 -35.20 -8.34 -2.90
C GLN D 293 -33.77 -7.83 -2.72
N CYS D 294 -32.94 -8.75 -2.26
CA CYS D 294 -31.57 -8.48 -1.86
C CYS D 294 -30.64 -9.52 -2.46
N CYS D 295 -29.61 -9.07 -3.18
CA CYS D 295 -28.60 -9.99 -3.68
C CYS D 295 -27.79 -10.63 -2.56
N THR D 296 -27.83 -10.06 -1.35
CA THR D 296 -27.12 -10.59 -0.20
C THR D 296 -27.99 -11.53 0.64
N ALA D 297 -29.23 -11.80 0.20
CA ALA D 297 -30.19 -12.50 1.03
C ALA D 297 -29.65 -13.85 1.50
N GLY D 298 -29.71 -14.08 2.80
CA GLY D 298 -29.33 -15.35 3.38
C GLY D 298 -30.38 -16.40 3.12
N SER D 299 -30.43 -16.88 1.87
CA SER D 299 -31.53 -17.72 1.41
C SER D 299 -31.33 -19.20 1.73
N ARG D 300 -30.17 -19.60 2.22
CA ARG D 300 -29.92 -20.96 2.70
C ARG D 300 -29.40 -20.84 4.13
N ILE D 301 -30.31 -20.84 5.09
CA ILE D 301 -29.94 -20.82 6.49
C ILE D 301 -29.72 -22.26 6.95
N PHE D 302 -28.48 -22.59 7.27
CA PHE D 302 -28.13 -23.90 7.82
C PHE D 302 -28.10 -23.78 9.34
N VAL D 303 -28.80 -24.68 10.02
CA VAL D 303 -28.94 -24.66 11.47
C VAL D 303 -28.51 -26.01 12.02
N GLU D 304 -27.66 -25.99 13.05
CA GLU D 304 -27.20 -27.24 13.64
C GLU D 304 -28.39 -28.00 14.24
N GLU D 305 -28.42 -29.31 13.98
CA GLU D 305 -29.59 -30.13 14.29
C GLU D 305 -30.03 -29.96 15.74
N SER D 306 -29.09 -29.78 16.66
CA SER D 306 -29.42 -29.65 18.08
C SER D 306 -30.40 -28.52 18.33
N ILE D 307 -30.29 -27.43 17.60
CA ILE D 307 -31.14 -26.25 17.81
C ILE D 307 -32.12 -26.05 16.67
N TYR D 308 -32.10 -26.92 15.66
CA TYR D 308 -32.93 -26.73 14.48
C TYR D 308 -34.39 -26.50 14.84
N GLU D 309 -34.96 -27.38 15.66
CA GLU D 309 -36.38 -27.31 15.96
C GLU D 309 -36.76 -26.00 16.64
N GLU D 310 -35.95 -25.55 17.59
CA GLU D 310 -36.24 -24.28 18.25
C GLU D 310 -36.06 -23.10 17.30
N PHE D 311 -35.03 -23.16 16.46
CA PHE D 311 -34.80 -22.09 15.49
C PHE D 311 -35.98 -21.95 14.53
N VAL D 312 -36.47 -23.08 14.02
CA VAL D 312 -37.61 -23.05 13.10
C VAL D 312 -38.82 -22.44 13.77
N ARG D 313 -39.08 -22.82 15.02
CA ARG D 313 -40.27 -22.33 15.71
C ARG D 313 -40.20 -20.82 15.92
N ARG D 314 -39.05 -20.33 16.37
CA ARG D 314 -38.89 -18.89 16.58
C ARG D 314 -38.94 -18.12 15.27
N SER D 315 -38.40 -18.70 14.19
CA SER D 315 -38.47 -18.05 12.89
C SER D 315 -39.92 -17.93 12.41
N VAL D 316 -40.71 -19.00 12.60
CA VAL D 316 -42.12 -18.97 12.20
C VAL D 316 -42.86 -17.89 12.98
N GLU D 317 -42.60 -17.78 14.28
CA GLU D 317 -43.24 -16.75 15.09
C GLU D 317 -42.88 -15.35 14.61
N ARG D 318 -41.59 -15.09 14.41
CA ARG D 318 -41.16 -13.77 13.98
C ARG D 318 -41.72 -13.43 12.60
N ALA D 319 -41.78 -14.43 11.71
CA ALA D 319 -42.28 -14.17 10.37
C ALA D 319 -43.78 -13.93 10.36
N LYS D 320 -44.52 -14.63 11.21
CA LYS D 320 -45.97 -14.45 11.26
C LYS D 320 -46.37 -13.10 11.87
N ARG D 321 -45.48 -12.45 12.61
CA ARG D 321 -45.76 -11.16 13.22
C ARG D 321 -45.11 -10.00 12.46
N ARG D 322 -44.47 -10.27 11.34
CA ARG D 322 -43.83 -9.24 10.54
C ARG D 322 -44.89 -8.41 9.81
N VAL D 323 -44.95 -7.12 10.11
CA VAL D 323 -46.02 -6.26 9.62
C VAL D 323 -45.78 -5.95 8.14
N VAL D 324 -46.77 -6.29 7.32
CA VAL D 324 -46.76 -6.00 5.88
C VAL D 324 -47.81 -4.92 5.63
N GLY D 325 -47.43 -3.88 4.90
CA GLY D 325 -48.39 -2.82 4.62
C GLY D 325 -47.79 -1.67 3.86
N SER D 326 -48.48 -0.53 3.95
CA SER D 326 -48.13 0.64 3.16
C SER D 326 -46.70 1.10 3.47
N PRO D 327 -45.91 1.44 2.45
CA PRO D 327 -44.58 2.00 2.71
C PRO D 327 -44.60 3.23 3.60
N PHE D 328 -45.65 4.06 3.52
CA PHE D 328 -45.69 5.32 4.24
C PHE D 328 -46.07 5.16 5.72
N ASP D 329 -46.63 4.03 6.11
CA ASP D 329 -47.00 3.80 7.50
C ASP D 329 -45.75 3.48 8.31
N PRO D 330 -45.44 4.23 9.36
CA PRO D 330 -44.24 3.92 10.16
C PRO D 330 -44.25 2.54 10.78
N THR D 331 -45.41 1.88 10.86
CA THR D 331 -45.46 0.54 11.43
C THR D 331 -44.92 -0.51 10.48
N THR D 332 -44.95 -0.24 9.17
CA THR D 332 -44.66 -1.26 8.19
C THR D 332 -43.18 -1.65 8.21
N GLU D 333 -42.93 -2.95 8.38
CA GLU D 333 -41.60 -3.50 8.13
C GLU D 333 -41.42 -3.98 6.70
N GLN D 334 -42.49 -4.41 6.02
CA GLN D 334 -42.37 -5.01 4.71
C GLN D 334 -43.35 -4.36 3.75
N GLY D 335 -42.82 -3.82 2.65
CA GLY D 335 -43.64 -3.32 1.58
C GLY D 335 -43.88 -4.37 0.52
N PRO D 336 -44.27 -3.93 -0.67
CA PRO D 336 -44.58 -4.87 -1.75
C PRO D 336 -43.35 -5.26 -2.55
N GLN D 337 -43.51 -6.31 -3.36
CA GLN D 337 -42.51 -6.61 -4.37
C GLN D 337 -42.57 -5.56 -5.48
N ILE D 338 -41.58 -5.58 -6.37
CA ILE D 338 -41.40 -4.46 -7.28
C ILE D 338 -42.48 -4.46 -8.36
N ASP D 339 -42.85 -5.63 -8.88
CA ASP D 339 -43.80 -5.65 -9.98
C ASP D 339 -44.41 -7.04 -10.15
N LYS D 340 -45.31 -7.14 -11.13
CA LYS D 340 -46.05 -8.37 -11.39
C LYS D 340 -45.13 -9.51 -11.81
N LYS D 341 -44.06 -9.22 -12.56
CA LYS D 341 -43.13 -10.26 -12.97
C LYS D 341 -42.48 -10.92 -11.75
N GLN D 342 -41.97 -10.11 -10.82
CA GLN D 342 -41.30 -10.65 -9.64
C GLN D 342 -42.28 -11.41 -8.75
N TYR D 343 -43.43 -10.79 -8.48
CA TYR D 343 -44.52 -11.42 -7.73
C TYR D 343 -44.79 -12.83 -8.25
N ASN D 344 -45.03 -12.96 -9.56
CA ASN D 344 -45.34 -14.26 -10.15
C ASN D 344 -44.17 -15.24 -9.99
N LYS D 345 -42.93 -14.75 -10.16
CA LYS D 345 -41.77 -15.64 -10.05
C LYS D 345 -41.59 -16.15 -8.63
N ILE D 346 -41.94 -15.32 -7.64
CA ILE D 346 -41.88 -15.77 -6.26
C ILE D 346 -42.96 -16.81 -6.01
N LEU D 347 -44.20 -16.50 -6.40
CA LEU D 347 -45.31 -17.43 -6.14
C LEU D 347 -45.06 -18.79 -6.77
N GLU D 348 -44.48 -18.82 -7.96
CA GLU D 348 -44.16 -20.11 -8.59
C GLU D 348 -43.13 -20.88 -7.76
N LEU D 349 -42.09 -20.18 -7.30
CA LEU D 349 -41.02 -20.86 -6.58
C LEU D 349 -41.54 -21.43 -5.26
N ILE D 350 -42.43 -20.69 -4.58
CA ILE D 350 -43.08 -21.22 -3.38
C ILE D 350 -43.84 -22.49 -3.71
N GLN D 351 -44.55 -22.50 -4.84
CA GLN D 351 -45.25 -23.71 -5.28
C GLN D 351 -44.27 -24.85 -5.52
N SER D 352 -43.11 -24.54 -6.10
CA SER D 352 -42.10 -25.57 -6.34
C SER D 352 -41.59 -26.15 -5.03
N GLY D 353 -41.42 -25.31 -4.00
CA GLY D 353 -40.98 -25.83 -2.70
C GLY D 353 -41.99 -26.78 -2.08
N VAL D 354 -43.28 -26.45 -2.20
CA VAL D 354 -44.33 -27.31 -1.66
C VAL D 354 -44.39 -28.62 -2.42
N ALA D 355 -44.39 -28.54 -3.76
CA ALA D 355 -44.45 -29.74 -4.58
C ALA D 355 -43.30 -30.68 -4.29
N GLU D 356 -42.15 -30.15 -3.89
CA GLU D 356 -40.95 -30.96 -3.70
C GLU D 356 -40.74 -31.38 -2.24
N GLY D 357 -41.69 -31.11 -1.36
CA GLY D 357 -41.70 -31.71 -0.05
C GLY D 357 -41.15 -30.86 1.08
N ALA D 358 -40.68 -29.65 0.80
CA ALA D 358 -40.29 -28.75 1.88
C ALA D 358 -41.52 -28.30 2.65
N LYS D 359 -41.40 -28.23 3.97
CA LYS D 359 -42.57 -27.96 4.81
C LYS D 359 -42.82 -26.45 4.89
N LEU D 360 -44.00 -26.04 4.42
CA LEU D 360 -44.43 -24.65 4.44
C LEU D 360 -45.03 -24.34 5.82
N GLU D 361 -44.34 -23.51 6.60
CA GLU D 361 -44.71 -23.28 7.99
C GLU D 361 -45.59 -22.05 8.18
N CYS D 362 -45.62 -21.13 7.21
CA CYS D 362 -46.45 -19.93 7.27
C CYS D 362 -46.28 -19.20 5.94
N GLY D 363 -47.29 -18.38 5.61
CA GLY D 363 -47.22 -17.63 4.37
C GLY D 363 -47.50 -18.51 3.15
N GLY D 364 -46.92 -18.10 2.03
CA GLY D 364 -47.04 -18.84 0.79
C GLY D 364 -48.00 -18.25 -0.23
N LYS D 365 -48.67 -17.15 0.08
CA LYS D 365 -49.64 -16.56 -0.82
C LYS D 365 -49.46 -15.05 -0.87
N GLY D 366 -49.91 -14.47 -1.98
CA GLY D 366 -50.04 -13.03 -2.03
C GLY D 366 -50.97 -12.50 -0.97
N LEU D 367 -50.89 -11.19 -0.74
CA LEU D 367 -51.61 -10.52 0.33
C LEU D 367 -52.42 -9.37 -0.28
N GLY D 368 -53.75 -9.51 -0.26
CA GLY D 368 -54.60 -8.45 -0.78
C GLY D 368 -54.87 -8.58 -2.26
N ARG D 369 -55.33 -7.46 -2.84
CA ARG D 369 -55.73 -7.40 -4.23
C ARG D 369 -55.03 -6.32 -5.04
N LYS D 370 -54.50 -5.27 -4.42
CA LYS D 370 -53.75 -4.24 -5.11
C LYS D 370 -52.31 -4.23 -4.62
N GLY D 371 -51.41 -3.78 -5.47
CA GLY D 371 -50.00 -3.88 -5.19
C GLY D 371 -49.51 -5.32 -5.35
N PHE D 372 -48.28 -5.54 -4.89
CA PHE D 372 -47.62 -6.84 -5.05
C PHE D 372 -47.06 -7.31 -3.72
N PHE D 373 -47.92 -7.36 -2.71
CA PHE D 373 -47.54 -7.83 -1.38
C PHE D 373 -47.63 -9.35 -1.32
N ILE D 374 -46.65 -9.97 -0.67
CA ILE D 374 -46.60 -11.41 -0.47
C ILE D 374 -46.45 -11.68 1.02
N GLU D 375 -47.26 -12.61 1.53
CA GLU D 375 -47.15 -13.02 2.92
C GLU D 375 -45.72 -13.48 3.22
N PRO D 376 -45.13 -13.05 4.34
CA PRO D 376 -43.84 -13.61 4.74
C PRO D 376 -43.92 -15.13 4.85
N THR D 377 -42.92 -15.81 4.30
CA THR D 377 -43.01 -17.25 4.03
C THR D 377 -41.77 -17.95 4.57
N VAL D 378 -42.00 -19.06 5.28
CA VAL D 378 -40.91 -19.85 5.88
C VAL D 378 -41.06 -21.30 5.44
N PHE D 379 -39.97 -21.90 4.97
CA PHE D 379 -39.94 -23.30 4.57
C PHE D 379 -39.07 -24.09 5.54
N SER D 380 -39.61 -25.20 6.06
CA SER D 380 -39.02 -25.87 7.23
C SER D 380 -37.85 -26.78 6.88
N ASN D 381 -38.11 -27.91 6.21
CA ASN D 381 -37.10 -28.94 5.98
C ASN D 381 -36.63 -28.89 4.52
N VAL D 382 -35.75 -27.95 4.23
CA VAL D 382 -35.22 -27.74 2.89
C VAL D 382 -33.98 -28.60 2.69
N THR D 383 -33.86 -29.20 1.51
CA THR D 383 -32.69 -29.98 1.14
C THR D 383 -32.04 -29.38 -0.11
N ASP D 384 -30.73 -29.62 -0.24
CA ASP D 384 -29.90 -28.89 -1.21
C ASP D 384 -30.32 -29.10 -2.65
N ASP D 385 -31.08 -30.15 -2.94
CA ASP D 385 -31.43 -30.49 -4.31
C ASP D 385 -32.76 -29.87 -4.76
N MET D 386 -33.50 -29.26 -3.85
CA MET D 386 -34.74 -28.61 -4.23
C MET D 386 -34.45 -27.35 -5.05
N ARG D 387 -35.39 -27.01 -5.93
CA ARG D 387 -35.24 -25.81 -6.75
C ARG D 387 -35.13 -24.56 -5.88
N ILE D 388 -35.90 -24.49 -4.78
CA ILE D 388 -35.87 -23.29 -3.95
C ILE D 388 -34.52 -23.15 -3.26
N ALA D 389 -33.82 -24.26 -3.01
CA ALA D 389 -32.50 -24.20 -2.39
C ALA D 389 -31.42 -23.82 -3.40
N LYS D 390 -31.69 -23.90 -4.70
CA LYS D 390 -30.70 -23.62 -5.73
C LYS D 390 -30.91 -22.31 -6.46
N GLU D 391 -32.15 -21.89 -6.67
CA GLU D 391 -32.47 -20.70 -7.45
C GLU D 391 -32.70 -19.49 -6.55
N GLU D 392 -32.26 -18.34 -7.03
CA GLU D 392 -32.49 -17.08 -6.34
C GLU D 392 -33.98 -16.72 -6.39
N ILE D 393 -34.58 -16.54 -5.22
CA ILE D 393 -36.02 -16.26 -5.15
C ILE D 393 -36.31 -14.77 -5.23
N PHE D 394 -35.46 -13.93 -4.60
CA PHE D 394 -35.69 -12.49 -4.54
C PHE D 394 -37.07 -12.16 -3.97
N GLY D 395 -37.45 -12.87 -2.91
CA GLY D 395 -38.73 -12.68 -2.30
C GLY D 395 -38.72 -13.01 -0.82
N PRO D 396 -39.78 -12.60 -0.12
CA PRO D 396 -39.83 -12.84 1.33
C PRO D 396 -40.05 -14.31 1.67
N VAL D 397 -39.07 -15.16 1.34
CA VAL D 397 -39.17 -16.60 1.50
C VAL D 397 -37.94 -17.08 2.23
N GLN D 398 -38.13 -17.61 3.44
CA GLN D 398 -37.03 -18.09 4.26
C GLN D 398 -36.92 -19.61 4.13
N GLU D 399 -35.69 -20.10 3.97
CA GLU D 399 -35.44 -21.52 3.78
C GLU D 399 -34.44 -21.98 4.82
N ILE D 400 -34.87 -22.90 5.67
CA ILE D 400 -34.09 -23.39 6.80
C ILE D 400 -33.70 -24.83 6.53
N LEU D 401 -32.39 -25.09 6.54
CA LEU D 401 -31.86 -26.43 6.35
C LEU D 401 -31.21 -26.88 7.65
N ARG D 402 -31.04 -28.18 7.80
CA ARG D 402 -30.39 -28.73 8.98
C ARG D 402 -29.04 -29.31 8.61
N PHE D 403 -28.14 -29.33 9.58
CA PHE D 403 -26.82 -29.92 9.37
C PHE D 403 -26.29 -30.46 10.69
N LYS D 404 -25.28 -31.33 10.58
CA LYS D 404 -24.69 -32.02 11.73
C LYS D 404 -23.25 -31.61 12.01
N THR D 405 -22.48 -31.30 10.98
CA THR D 405 -21.03 -31.25 11.07
C THR D 405 -20.49 -30.02 10.36
N MET D 406 -19.50 -29.38 10.96
CA MET D 406 -18.89 -28.20 10.34
C MET D 406 -18.36 -28.52 8.95
N ASP D 407 -17.63 -29.64 8.81
CA ASP D 407 -17.11 -30.02 7.51
C ASP D 407 -18.23 -30.35 6.52
N GLU D 408 -19.33 -30.92 7.00
CA GLU D 408 -20.50 -31.12 6.14
C GLU D 408 -21.03 -29.78 5.65
N VAL D 409 -21.26 -28.84 6.58
CA VAL D 409 -21.88 -27.58 6.21
C VAL D 409 -20.93 -26.71 5.39
N ILE D 410 -19.62 -26.87 5.53
CA ILE D 410 -18.70 -26.16 4.66
C ILE D 410 -18.89 -26.61 3.21
N GLU D 411 -18.93 -27.93 3.00
CA GLU D 411 -19.13 -28.46 1.66
C GLU D 411 -20.47 -28.00 1.08
N ARG D 412 -21.53 -28.12 1.87
CA ARG D 412 -22.85 -27.78 1.36
C ARG D 412 -22.99 -26.29 1.10
N ALA D 413 -22.44 -25.45 1.99
CA ALA D 413 -22.46 -24.01 1.75
C ALA D 413 -21.76 -23.67 0.44
N ASN D 414 -20.61 -24.30 0.18
CA ASN D 414 -19.79 -23.95 -0.98
C ASN D 414 -20.27 -24.63 -2.26
N ASN D 415 -21.10 -25.67 -2.17
CA ASN D 415 -21.56 -26.39 -3.36
C ASN D 415 -22.66 -25.57 -4.04
N SER D 416 -22.22 -24.65 -4.89
CA SER D 416 -23.09 -23.70 -5.56
C SER D 416 -22.28 -22.91 -6.58
N ASP D 417 -22.94 -22.47 -7.64
CA ASP D 417 -22.28 -21.66 -8.65
C ASP D 417 -22.18 -20.20 -8.22
N PHE D 418 -22.94 -19.80 -7.20
CA PHE D 418 -22.87 -18.46 -6.66
C PHE D 418 -21.90 -18.42 -5.48
N GLY D 419 -21.47 -17.21 -5.15
CA GLY D 419 -20.54 -16.99 -4.06
C GLY D 419 -20.43 -15.52 -3.73
N LEU D 420 -21.57 -14.85 -3.61
CA LEU D 420 -21.53 -13.43 -3.31
C LEU D 420 -21.20 -13.16 -1.85
N VAL D 421 -21.82 -13.91 -0.95
CA VAL D 421 -21.87 -13.52 0.46
C VAL D 421 -22.11 -14.78 1.29
N ALA D 422 -21.69 -14.73 2.55
CA ALA D 422 -21.95 -15.81 3.47
C ALA D 422 -21.94 -15.24 4.89
N ALA D 423 -22.47 -16.01 5.83
CA ALA D 423 -22.41 -15.62 7.22
C ALA D 423 -22.32 -16.88 8.08
N VAL D 424 -21.71 -16.70 9.25
CA VAL D 424 -21.65 -17.75 10.27
C VAL D 424 -21.97 -17.10 11.61
N PHE D 425 -22.71 -17.81 12.45
CA PHE D 425 -23.07 -17.33 13.78
C PHE D 425 -22.54 -18.36 14.77
N THR D 426 -21.65 -17.92 15.66
CA THR D 426 -21.01 -18.80 16.62
C THR D 426 -20.25 -17.92 17.60
N ASN D 427 -20.08 -18.43 18.82
CA ASN D 427 -19.23 -17.78 19.80
C ASN D 427 -17.85 -18.41 19.89
N ASP D 428 -17.66 -19.57 19.28
CA ASP D 428 -16.35 -20.22 19.24
C ASP D 428 -15.48 -19.57 18.18
N ILE D 429 -14.25 -19.20 18.57
CA ILE D 429 -13.37 -18.47 17.68
C ILE D 429 -12.83 -19.39 16.58
N ASN D 430 -12.58 -20.66 16.92
CA ASN D 430 -12.04 -21.58 15.91
C ASN D 430 -13.08 -21.92 14.86
N LYS D 431 -14.35 -22.03 15.26
CA LYS D 431 -15.41 -22.27 14.29
C LYS D 431 -15.58 -21.07 13.36
N ALA D 432 -15.55 -19.86 13.92
CA ALA D 432 -15.75 -18.66 13.11
C ALA D 432 -14.62 -18.47 12.10
N LEU D 433 -13.38 -18.69 12.52
CA LEU D 433 -12.23 -18.53 11.63
C LEU D 433 -12.25 -19.59 10.53
N THR D 434 -12.36 -20.86 10.92
CA THR D 434 -12.33 -21.97 9.98
C THR D 434 -13.41 -21.81 8.92
N VAL D 435 -14.64 -21.50 9.34
CA VAL D 435 -15.75 -21.39 8.41
C VAL D 435 -15.59 -20.17 7.51
N SER D 436 -15.23 -19.03 8.10
CA SER D 436 -15.05 -17.83 7.29
C SER D 436 -13.93 -17.99 6.27
N SER D 437 -12.91 -18.81 6.58
CA SER D 437 -11.79 -18.98 5.66
C SER D 437 -12.09 -19.98 4.56
N ALA D 438 -12.98 -20.95 4.81
CA ALA D 438 -13.33 -21.93 3.80
C ALA D 438 -14.46 -21.48 2.89
N MET D 439 -15.18 -20.42 3.26
CA MET D 439 -16.28 -19.94 2.43
C MET D 439 -15.75 -19.42 1.11
N GLN D 440 -16.44 -19.79 0.03
CA GLN D 440 -16.16 -19.24 -1.30
C GLN D 440 -17.14 -18.09 -1.56
N ALA D 441 -16.84 -16.97 -0.90
CA ALA D 441 -17.71 -15.81 -0.92
C ALA D 441 -16.87 -14.56 -0.75
N GLY D 442 -17.24 -13.49 -1.46
CA GLY D 442 -16.54 -12.23 -1.39
C GLY D 442 -16.72 -11.49 -0.08
N THR D 443 -17.80 -11.79 0.65
CA THR D 443 -18.03 -11.21 1.97
C THR D 443 -18.54 -12.28 2.91
N VAL D 444 -17.88 -12.41 4.06
CA VAL D 444 -18.30 -13.30 5.13
C VAL D 444 -18.53 -12.45 6.37
N TRP D 445 -19.72 -12.56 6.94
CA TRP D 445 -20.04 -11.93 8.21
C TRP D 445 -19.97 -12.96 9.33
N ILE D 446 -19.40 -12.54 10.45
CA ILE D 446 -19.37 -13.34 11.67
C ILE D 446 -20.25 -12.65 12.69
N ASN D 447 -21.34 -13.32 13.06
CA ASN D 447 -22.27 -12.84 14.09
C ASN D 447 -22.97 -11.54 13.67
N CYS D 448 -23.17 -11.36 12.37
CA CYS D 448 -23.94 -10.22 11.89
C CYS D 448 -24.43 -10.52 10.49
N TYR D 449 -25.12 -9.52 9.91
CA TYR D 449 -25.88 -9.60 8.66
C TYR D 449 -26.79 -8.38 8.61
N ASN D 450 -26.63 -7.50 7.62
CA ASN D 450 -25.56 -7.56 6.65
C ASN D 450 -24.85 -6.21 6.61
N ALA D 451 -23.66 -6.14 7.20
CA ALA D 451 -22.92 -4.88 7.32
C ALA D 451 -22.20 -4.61 6.01
N LEU D 452 -22.76 -3.69 5.21
CA LEU D 452 -22.16 -3.26 3.95
C LEU D 452 -21.82 -1.78 4.09
N ASN D 453 -20.55 -1.49 4.30
CA ASN D 453 -20.08 -0.12 4.44
C ASN D 453 -19.46 0.35 3.14
N ALA D 454 -19.21 1.66 3.07
CA ALA D 454 -18.45 2.20 1.95
C ALA D 454 -16.98 1.79 2.02
N GLN D 455 -16.50 1.45 3.22
CA GLN D 455 -15.09 1.14 3.42
C GLN D 455 -14.74 -0.29 3.02
N SER D 456 -15.73 -1.20 2.91
CA SER D 456 -15.41 -2.61 2.71
C SER D 456 -15.64 -3.04 1.27
N PRO D 457 -14.66 -3.67 0.63
CA PRO D 457 -14.88 -4.20 -0.71
C PRO D 457 -16.00 -5.22 -0.72
N PHE D 458 -16.69 -5.30 -1.85
CA PHE D 458 -17.88 -6.15 -1.96
C PHE D 458 -18.00 -6.67 -3.38
N GLY D 459 -18.09 -7.99 -3.51
CA GLY D 459 -18.24 -8.62 -4.81
C GLY D 459 -18.32 -10.11 -4.65
N GLY D 460 -18.49 -10.79 -5.79
CA GLY D 460 -18.78 -12.21 -5.80
C GLY D 460 -17.60 -13.09 -6.14
N PHE D 461 -17.63 -14.33 -5.65
CA PHE D 461 -16.87 -15.44 -6.19
C PHE D 461 -17.65 -16.08 -7.33
N LYS D 462 -16.95 -16.88 -8.13
CA LYS D 462 -17.56 -17.80 -9.10
C LYS D 462 -18.48 -16.99 -10.03
N MET D 463 -19.73 -17.39 -10.22
CA MET D 463 -20.65 -16.72 -11.13
C MET D 463 -21.46 -15.63 -10.46
N SER D 464 -21.06 -15.19 -9.27
CA SER D 464 -21.67 -14.04 -8.63
C SER D 464 -21.02 -12.72 -9.05
N GLY D 465 -19.94 -12.77 -9.80
CA GLY D 465 -19.40 -11.55 -10.40
C GLY D 465 -17.91 -11.63 -10.64
N ASN D 466 -17.41 -10.54 -11.22
CA ASN D 466 -15.99 -10.30 -11.45
C ASN D 466 -15.64 -8.94 -10.88
N GLY D 467 -14.53 -8.85 -10.15
CA GLY D 467 -14.11 -7.58 -9.58
C GLY D 467 -14.89 -7.23 -8.32
N ARG D 468 -14.57 -6.03 -7.79
CA ARG D 468 -15.10 -5.58 -6.52
C ARG D 468 -15.62 -4.15 -6.62
N GLU D 469 -16.61 -3.85 -5.79
CA GLU D 469 -17.09 -2.50 -5.57
C GLU D 469 -16.78 -2.07 -4.14
N MET D 470 -16.84 -0.75 -3.91
CA MET D 470 -16.66 -0.14 -2.60
C MET D 470 -15.23 -0.27 -2.09
N GLY D 471 -14.95 0.37 -0.96
CA GLY D 471 -13.63 0.38 -0.37
C GLY D 471 -12.58 0.93 -1.33
N GLU D 472 -11.32 0.68 -0.96
CA GLU D 472 -10.23 1.10 -1.82
C GLU D 472 -10.13 0.23 -3.07
N PHE D 473 -10.46 -1.06 -2.94
CA PHE D 473 -10.36 -1.95 -4.09
C PHE D 473 -11.42 -1.64 -5.15
N GLY D 474 -12.49 -0.95 -4.77
CA GLY D 474 -13.47 -0.54 -5.76
C GLY D 474 -12.92 0.45 -6.76
N LEU D 475 -11.91 1.22 -6.37
CA LEU D 475 -11.29 2.19 -7.26
C LEU D 475 -10.38 1.56 -8.30
N ARG D 476 -9.96 0.31 -8.09
CA ARG D 476 -9.02 -0.31 -9.01
C ARG D 476 -9.63 -0.55 -10.38
N GLU D 477 -10.95 -0.77 -10.43
CA GLU D 477 -11.62 -1.02 -11.70
C GLU D 477 -11.81 0.22 -12.54
N TYR D 478 -11.59 1.41 -11.98
CA TYR D 478 -11.88 2.66 -12.67
C TYR D 478 -10.61 3.42 -13.04
N SER D 479 -9.45 2.75 -13.00
CA SER D 479 -8.18 3.34 -13.38
C SER D 479 -7.44 2.42 -14.33
N GLU D 480 -6.84 3.01 -15.37
CA GLU D 480 -5.81 2.35 -16.13
C GLU D 480 -4.46 2.63 -15.49
N VAL D 481 -3.55 1.66 -15.58
CA VAL D 481 -2.20 1.80 -15.07
C VAL D 481 -1.26 1.99 -16.25
N LYS D 482 -0.48 3.06 -16.23
CA LYS D 482 0.57 3.30 -17.20
C LYS D 482 1.92 3.25 -16.51
N THR D 483 2.81 2.42 -17.03
CA THR D 483 4.18 2.38 -16.54
C THR D 483 5.05 3.27 -17.42
N VAL D 484 5.76 4.21 -16.79
CA VAL D 484 6.72 5.07 -17.47
C VAL D 484 8.10 4.64 -17.02
N THR D 485 9.01 4.45 -17.98
CA THR D 485 10.38 4.02 -17.69
C THR D 485 11.34 4.98 -18.36
N VAL D 486 12.13 5.69 -17.55
CA VAL D 486 13.08 6.69 -18.03
C VAL D 486 14.48 6.10 -17.95
N LYS D 487 15.24 6.23 -19.02
CA LYS D 487 16.66 5.90 -18.98
C LYS D 487 17.40 7.00 -18.24
N ILE D 488 18.26 6.60 -17.31
CA ILE D 488 19.01 7.57 -16.51
C ILE D 488 20.48 7.21 -16.60
N PRO D 489 21.37 8.19 -16.40
CA PRO D 489 22.81 7.94 -16.64
C PRO D 489 23.43 6.90 -15.73
N GLN D 490 23.10 6.89 -14.43
CA GLN D 490 23.93 6.08 -13.53
C GLN D 490 23.14 5.20 -12.57
N LYS D 491 22.12 5.75 -11.91
CA LYS D 491 21.37 5.09 -10.84
C LYS D 491 22.22 4.74 -9.62
N ASN D 492 21.83 5.28 -8.47
CA ASN D 492 22.36 4.85 -7.18
C ASN D 492 21.19 4.37 -6.34
N SER D 493 21.32 3.16 -5.80
CA SER D 493 20.30 2.64 -4.90
C SER D 493 20.56 3.13 -3.49
#